data_1S04
#
_entry.id   1S04
#
_cell.length_a   1.000
_cell.length_b   1.000
_cell.length_c   1.000
_cell.angle_alpha   90.00
_cell.angle_beta   90.00
_cell.angle_gamma   90.00
#
_symmetry.space_group_name_H-M   'P 1'
#
_entity_poly.entity_id   1
_entity_poly.type   'polypeptide(L)'
_entity_poly.pdbx_seq_one_letter_code
;MEWEMGLQEEFLELIKLRKKKIEGRLYDEKRRQIKPGDVISFEGGKLKVRVKAIRVYNSFREMLEKEGLENVLPGVKSIE
EGIQVYRRFYDEEKEKKYGVVAIEIEPLEY
;
_entity_poly.pdbx_strand_id   A
#
# COMPACT_ATOMS: atom_id res chain seq x y z
N MET A 1 4.66 19.38 -6.04
CA MET A 1 4.44 17.95 -6.12
C MET A 1 4.23 17.34 -4.72
N GLU A 2 2.99 17.34 -4.29
CA GLU A 2 2.64 16.80 -2.98
C GLU A 2 1.34 16.01 -3.06
N TRP A 3 1.31 14.91 -2.33
CA TRP A 3 0.13 14.06 -2.30
C TRP A 3 -0.51 14.17 -0.91
N GLU A 4 -1.83 14.18 -0.90
CA GLU A 4 -2.56 14.27 0.35
C GLU A 4 -3.66 13.20 0.41
N MET A 5 -3.79 12.61 1.59
CA MET A 5 -4.79 11.57 1.79
C MET A 5 -5.25 11.54 3.25
N GLY A 6 -6.09 10.55 3.54
CA GLY A 6 -6.62 10.40 4.89
C GLY A 6 -7.00 8.94 5.17
N LEU A 7 -6.83 8.54 6.42
CA LEU A 7 -7.16 7.18 6.83
C LEU A 7 -7.18 7.11 8.35
N GLN A 8 -7.87 6.09 8.85
CA GLN A 8 -7.97 5.89 10.28
C GLN A 8 -6.58 5.92 10.93
N GLU A 9 -6.54 6.48 12.14
CA GLU A 9 -5.30 6.58 12.87
C GLU A 9 -4.62 5.21 12.97
N GLU A 10 -5.44 4.20 13.24
CA GLU A 10 -4.95 2.84 13.36
C GLU A 10 -4.25 2.42 12.08
N PHE A 11 -4.80 2.88 10.96
CA PHE A 11 -4.24 2.55 9.66
C PHE A 11 -2.94 3.33 9.40
N LEU A 12 -2.85 4.49 10.04
CA LEU A 12 -1.69 5.33 9.90
C LEU A 12 -0.47 4.63 10.51
N GLU A 13 -0.65 4.15 11.73
CA GLU A 13 0.42 3.45 12.43
C GLU A 13 0.94 2.29 11.57
N LEU A 14 0.03 1.68 10.84
CA LEU A 14 0.38 0.56 9.98
C LEU A 14 1.49 1.00 9.01
N ILE A 15 1.30 2.17 8.44
CA ILE A 15 2.27 2.71 7.50
C ILE A 15 3.64 2.80 8.19
N LYS A 16 3.61 3.15 9.46
CA LYS A 16 4.83 3.29 10.24
C LYS A 16 5.49 1.91 10.38
N LEU A 17 4.63 0.89 10.36
CA LEU A 17 5.12 -0.48 10.48
C LEU A 17 5.55 -0.99 9.11
N ARG A 18 5.07 -0.31 8.09
CA ARG A 18 5.38 -0.69 6.72
C ARG A 18 6.73 -0.08 6.31
N LYS A 19 7.33 0.63 7.24
CA LYS A 19 8.61 1.28 6.99
C LYS A 19 9.71 0.21 6.94
N LYS A 20 9.34 -0.99 7.34
CA LYS A 20 10.28 -2.10 7.35
C LYS A 20 9.65 -3.31 6.65
N LYS A 21 8.48 -3.07 6.07
CA LYS A 21 7.76 -4.11 5.37
C LYS A 21 7.45 -3.65 3.94
N ILE A 22 6.16 -3.49 3.67
CA ILE A 22 5.72 -3.04 2.36
C ILE A 22 4.24 -2.64 2.44
N GLU A 23 3.75 -2.08 1.35
CA GLU A 23 2.37 -1.65 1.28
C GLU A 23 1.81 -1.89 -0.13
N GLY A 24 0.83 -2.79 -0.19
CA GLY A 24 0.20 -3.13 -1.45
C GLY A 24 -0.92 -2.14 -1.78
N ARG A 25 -1.45 -2.29 -2.99
CA ARG A 25 -2.53 -1.42 -3.44
C ARG A 25 -2.60 -1.42 -4.97
N LEU A 26 -3.60 -2.12 -5.49
CA LEU A 26 -3.79 -2.20 -6.93
C LEU A 26 -3.50 -0.84 -7.55
N TYR A 27 -2.73 -0.87 -8.63
CA TYR A 27 -2.37 0.36 -9.33
C TYR A 27 -3.62 1.09 -9.82
N ASP A 28 -3.68 2.37 -9.49
CA ASP A 28 -4.81 3.20 -9.88
C ASP A 28 -4.30 4.43 -10.63
N GLU A 29 -5.23 5.31 -10.96
CA GLU A 29 -4.90 6.53 -11.68
C GLU A 29 -4.02 7.43 -10.80
N LYS A 30 -4.50 7.67 -9.59
CA LYS A 30 -3.77 8.51 -8.66
C LYS A 30 -2.40 7.89 -8.38
N ARG A 31 -2.38 6.58 -8.28
CA ARG A 31 -1.15 5.85 -8.02
C ARG A 31 -0.18 6.04 -9.19
N ARG A 32 -0.72 5.90 -10.39
CA ARG A 32 0.08 6.05 -11.59
C ARG A 32 0.89 7.34 -11.54
N GLN A 33 0.25 8.38 -11.01
CA GLN A 33 0.89 9.68 -10.90
C GLN A 33 1.92 9.66 -9.76
N ILE A 34 1.65 8.83 -8.77
CA ILE A 34 2.53 8.70 -7.63
C ILE A 34 3.85 8.03 -8.07
N LYS A 35 4.93 8.74 -7.85
CA LYS A 35 6.24 8.23 -8.22
C LYS A 35 7.18 8.32 -7.01
N PRO A 36 8.29 7.55 -7.08
CA PRO A 36 9.27 7.54 -6.00
C PRO A 36 10.13 8.80 -6.02
N GLY A 37 9.60 9.85 -5.41
CA GLY A 37 10.29 11.12 -5.35
C GLY A 37 9.36 12.24 -4.92
N ASP A 38 8.63 11.99 -3.83
CA ASP A 38 7.69 12.97 -3.31
C ASP A 38 7.30 12.58 -1.89
N VAL A 39 6.24 13.22 -1.41
CA VAL A 39 5.76 12.96 -0.07
C VAL A 39 4.23 12.93 -0.08
N ILE A 40 3.67 12.10 0.79
CA ILE A 40 2.22 11.97 0.88
C ILE A 40 1.78 12.30 2.31
N SER A 41 1.04 13.40 2.43
CA SER A 41 0.55 13.84 3.72
C SER A 41 -0.82 13.21 4.00
N PHE A 42 -0.91 12.58 5.16
CA PHE A 42 -2.15 11.93 5.56
C PHE A 42 -2.87 12.75 6.64
N GLU A 43 -4.19 12.78 6.54
CA GLU A 43 -5.01 13.52 7.49
C GLU A 43 -4.40 14.90 7.74
N GLY A 44 -3.94 15.51 6.66
CA GLY A 44 -3.35 16.83 6.75
C GLY A 44 -1.83 16.75 6.92
N GLY A 45 -1.43 16.15 8.03
CA GLY A 45 -0.01 15.99 8.31
C GLY A 45 0.20 15.09 9.53
N LYS A 46 -0.73 14.17 9.71
CA LYS A 46 -0.65 13.24 10.83
C LYS A 46 0.40 12.16 10.52
N LEU A 47 0.39 11.73 9.27
CA LEU A 47 1.34 10.70 8.85
C LEU A 47 1.92 11.09 7.48
N LYS A 48 3.21 11.39 7.51
CA LYS A 48 3.90 11.78 6.28
C LYS A 48 4.73 10.61 5.78
N VAL A 49 4.61 10.36 4.47
CA VAL A 49 5.34 9.28 3.85
C VAL A 49 5.92 9.75 2.52
N ARG A 50 7.01 9.10 2.11
CA ARG A 50 7.67 9.45 0.87
C ARG A 50 7.93 8.20 0.04
N VAL A 51 7.35 8.18 -1.15
CA VAL A 51 7.51 7.05 -2.05
C VAL A 51 9.01 6.73 -2.19
N LYS A 52 9.31 5.43 -2.16
CA LYS A 52 10.68 4.98 -2.29
C LYS A 52 10.88 4.32 -3.65
N ALA A 53 9.90 3.51 -4.03
CA ALA A 53 9.95 2.82 -5.30
C ALA A 53 8.60 2.14 -5.57
N ILE A 54 8.34 1.88 -6.85
CA ILE A 54 7.10 1.26 -7.25
C ILE A 54 7.40 -0.13 -7.83
N ARG A 55 6.50 -1.07 -7.57
CA ARG A 55 6.65 -2.42 -8.06
C ARG A 55 5.32 -2.96 -8.59
N VAL A 56 5.41 -3.99 -9.41
CA VAL A 56 4.23 -4.60 -9.98
C VAL A 56 4.35 -6.12 -9.89
N TYR A 57 3.22 -6.76 -9.58
CA TYR A 57 3.19 -8.21 -9.45
C TYR A 57 1.99 -8.79 -10.21
N ASN A 58 1.85 -10.10 -10.09
CA ASN A 58 0.75 -10.79 -10.75
C ASN A 58 -0.54 -10.54 -9.98
N SER A 59 -0.45 -10.69 -8.67
CA SER A 59 -1.60 -10.49 -7.81
C SER A 59 -1.15 -10.37 -6.35
N PHE A 60 -2.14 -10.22 -5.47
CA PHE A 60 -1.86 -10.09 -4.06
C PHE A 60 -1.15 -11.33 -3.52
N ARG A 61 -1.60 -12.48 -4.02
CA ARG A 61 -1.02 -13.75 -3.61
C ARG A 61 0.49 -13.75 -3.83
N GLU A 62 0.88 -13.41 -5.05
CA GLU A 62 2.29 -13.36 -5.39
C GLU A 62 3.00 -12.26 -4.62
N MET A 63 2.23 -11.22 -4.29
CA MET A 63 2.76 -10.09 -3.54
C MET A 63 3.01 -10.47 -2.09
N LEU A 64 1.99 -11.07 -1.48
CA LEU A 64 2.09 -11.48 -0.09
C LEU A 64 3.01 -12.69 0.02
N GLU A 65 3.00 -13.50 -1.03
CA GLU A 65 3.83 -14.69 -1.07
C GLU A 65 5.29 -14.31 -1.34
N LYS A 66 5.47 -13.41 -2.28
CA LYS A 66 6.80 -12.94 -2.64
C LYS A 66 7.24 -11.85 -1.67
N GLU A 67 6.52 -10.74 -1.71
CA GLU A 67 6.82 -9.62 -0.83
C GLU A 67 6.68 -10.03 0.63
N GLY A 68 5.53 -10.60 0.94
CA GLY A 68 5.26 -11.04 2.30
C GLY A 68 3.89 -10.54 2.78
N LEU A 69 3.10 -11.47 3.30
CA LEU A 69 1.77 -11.13 3.80
C LEU A 69 1.90 -10.11 4.94
N GLU A 70 2.61 -10.53 5.97
CA GLU A 70 2.81 -9.67 7.13
C GLU A 70 3.69 -8.48 6.76
N ASN A 71 4.30 -8.58 5.59
CA ASN A 71 5.17 -7.52 5.10
C ASN A 71 4.36 -6.56 4.23
N VAL A 72 3.06 -6.79 4.20
CA VAL A 72 2.17 -5.95 3.41
C VAL A 72 0.94 -5.58 4.27
N LEU A 73 0.32 -6.61 4.81
CA LEU A 73 -0.86 -6.41 5.64
C LEU A 73 -0.56 -6.91 7.07
N PRO A 74 -0.16 -5.94 7.93
CA PRO A 74 0.15 -6.26 9.32
C PRO A 74 -1.12 -6.50 10.13
N GLY A 75 -1.27 -7.73 10.58
CA GLY A 75 -2.43 -8.11 11.36
C GLY A 75 -3.24 -9.20 10.66
N VAL A 76 -3.11 -9.23 9.34
CA VAL A 76 -3.83 -10.21 8.54
C VAL A 76 -3.82 -11.56 9.27
N LYS A 77 -4.88 -12.31 9.05
CA LYS A 77 -5.01 -13.62 9.67
C LYS A 77 -4.29 -14.66 8.82
N SER A 78 -4.35 -14.46 7.51
CA SER A 78 -3.71 -15.37 6.57
C SER A 78 -3.67 -14.74 5.18
N ILE A 79 -2.89 -15.36 4.31
CA ILE A 79 -2.76 -14.88 2.95
C ILE A 79 -4.14 -14.78 2.30
N GLU A 80 -4.94 -15.80 2.53
CA GLU A 80 -6.29 -15.84 1.98
C GLU A 80 -7.11 -14.68 2.55
N GLU A 81 -6.97 -14.46 3.84
CA GLU A 81 -7.69 -13.39 4.51
C GLU A 81 -7.26 -12.03 3.96
N GLY A 82 -5.97 -11.93 3.68
CA GLY A 82 -5.43 -10.69 3.15
C GLY A 82 -6.08 -10.32 1.82
N ILE A 83 -6.11 -11.31 0.93
CA ILE A 83 -6.69 -11.12 -0.38
C ILE A 83 -8.13 -10.62 -0.22
N GLN A 84 -8.84 -11.22 0.73
CA GLN A 84 -10.21 -10.84 0.99
C GLN A 84 -10.30 -9.35 1.32
N VAL A 85 -9.31 -8.87 2.05
CA VAL A 85 -9.26 -7.47 2.45
C VAL A 85 -9.12 -6.61 1.19
N TYR A 86 -8.28 -7.07 0.27
CA TYR A 86 -8.05 -6.36 -0.96
C TYR A 86 -9.23 -6.51 -1.92
N ARG A 87 -9.95 -7.61 -1.74
CA ARG A 87 -11.12 -7.88 -2.58
C ARG A 87 -12.29 -6.99 -2.18
N ARG A 88 -12.49 -6.87 -0.88
CA ARG A 88 -13.56 -6.04 -0.36
C ARG A 88 -13.31 -4.57 -0.67
N PHE A 89 -12.04 -4.19 -0.59
CA PHE A 89 -11.65 -2.82 -0.86
C PHE A 89 -11.47 -2.59 -2.37
N TYR A 90 -10.62 -3.42 -2.96
CA TYR A 90 -10.34 -3.32 -4.39
C TYR A 90 -11.17 -4.34 -5.17
N ASP A 91 -11.73 -3.87 -6.28
CA ASP A 91 -12.55 -4.72 -7.13
C ASP A 91 -11.66 -5.77 -7.79
N GLU A 92 -12.28 -6.90 -8.12
CA GLU A 92 -11.56 -8.00 -8.75
C GLU A 92 -11.28 -7.66 -10.21
N GLU A 93 -12.24 -6.98 -10.83
CA GLU A 93 -12.11 -6.61 -12.23
C GLU A 93 -10.91 -5.66 -12.41
N LYS A 94 -10.93 -4.58 -11.65
CA LYS A 94 -9.87 -3.59 -11.72
C LYS A 94 -8.53 -4.28 -11.47
N GLU A 95 -8.52 -5.12 -10.44
CA GLU A 95 -7.31 -5.85 -10.09
C GLU A 95 -6.83 -6.71 -11.27
N LYS A 96 -7.76 -7.49 -11.80
CA LYS A 96 -7.45 -8.35 -12.92
C LYS A 96 -7.11 -7.49 -14.14
N LYS A 97 -7.56 -6.25 -14.09
CA LYS A 97 -7.32 -5.32 -15.18
C LYS A 97 -5.82 -5.02 -15.27
N TYR A 98 -5.29 -4.47 -14.17
CA TYR A 98 -3.89 -4.13 -14.10
C TYR A 98 -3.11 -5.18 -13.31
N GLY A 99 -3.57 -5.40 -12.09
CA GLY A 99 -2.91 -6.37 -11.22
C GLY A 99 -2.69 -5.80 -9.82
N VAL A 100 -1.44 -5.87 -9.38
CA VAL A 100 -1.08 -5.36 -8.06
C VAL A 100 0.29 -4.69 -8.15
N VAL A 101 0.44 -3.64 -7.36
CA VAL A 101 1.69 -2.90 -7.34
C VAL A 101 2.05 -2.55 -5.88
N ALA A 102 3.07 -3.23 -5.39
CA ALA A 102 3.53 -3.01 -4.02
C ALA A 102 4.27 -1.69 -3.94
N ILE A 103 3.56 -0.66 -3.50
CA ILE A 103 4.14 0.67 -3.37
C ILE A 103 4.86 0.78 -2.02
N GLU A 104 6.18 0.79 -2.08
CA GLU A 104 6.98 0.89 -0.87
C GLU A 104 6.92 2.31 -0.31
N ILE A 105 6.33 2.42 0.86
CA ILE A 105 6.20 3.72 1.52
C ILE A 105 7.07 3.73 2.78
N GLU A 106 7.57 4.92 3.10
CA GLU A 106 8.41 5.08 4.27
C GLU A 106 8.14 6.45 4.92
N PRO A 107 7.47 6.39 6.10
CA PRO A 107 7.15 7.60 6.83
C PRO A 107 8.39 8.17 7.53
N LEU A 108 8.75 9.38 7.14
CA LEU A 108 9.91 10.04 7.72
C LEU A 108 9.44 11.06 8.76
N GLU A 109 8.60 10.58 9.66
CA GLU A 109 8.08 11.44 10.72
C GLU A 109 8.65 11.01 12.08
N TYR A 110 9.00 9.74 12.16
CA TYR A 110 9.55 9.20 13.39
C TYR A 110 9.93 7.72 13.22
N MET A 1 4.97 19.35 -5.49
CA MET A 1 4.08 18.22 -5.71
C MET A 1 4.01 17.32 -4.48
N GLU A 2 2.86 17.36 -3.82
CA GLU A 2 2.65 16.56 -2.62
C GLU A 2 1.26 15.95 -2.63
N TRP A 3 1.18 14.72 -2.15
CA TRP A 3 -0.10 14.02 -2.10
C TRP A 3 -0.65 14.15 -0.68
N GLU A 4 -1.97 14.25 -0.61
CA GLU A 4 -2.63 14.39 0.68
C GLU A 4 -3.83 13.44 0.76
N MET A 5 -3.73 12.49 1.69
CA MET A 5 -4.79 11.52 1.89
C MET A 5 -5.33 11.57 3.32
N GLY A 6 -6.22 10.63 3.61
CA GLY A 6 -6.82 10.56 4.93
C GLY A 6 -7.24 9.13 5.27
N LEU A 7 -7.22 8.82 6.55
CA LEU A 7 -7.59 7.50 7.02
C LEU A 7 -7.59 7.48 8.54
N GLN A 8 -7.95 6.32 9.09
CA GLN A 8 -8.00 6.16 10.54
C GLN A 8 -6.58 6.23 11.12
N GLU A 9 -6.53 6.60 12.39
CA GLU A 9 -5.26 6.71 13.08
C GLU A 9 -4.59 5.34 13.20
N GLU A 10 -5.37 4.37 13.66
CA GLU A 10 -4.87 3.02 13.81
C GLU A 10 -4.29 2.50 12.50
N PHE A 11 -4.91 2.94 11.41
CA PHE A 11 -4.48 2.53 10.09
C PHE A 11 -3.18 3.25 9.70
N LEU A 12 -3.03 4.45 10.22
CA LEU A 12 -1.84 5.25 9.93
C LEU A 12 -0.62 4.56 10.53
N GLU A 13 -0.78 4.08 11.76
CA GLU A 13 0.30 3.40 12.44
C GLU A 13 0.82 2.24 11.59
N LEU A 14 -0.10 1.60 10.89
CA LEU A 14 0.25 0.47 10.05
C LEU A 14 1.37 0.89 9.09
N ILE A 15 1.22 2.09 8.54
CA ILE A 15 2.20 2.62 7.61
C ILE A 15 3.56 2.70 8.31
N LYS A 16 3.52 3.16 9.55
CA LYS A 16 4.74 3.30 10.34
C LYS A 16 5.42 1.92 10.45
N LEU A 17 4.59 0.88 10.42
CA LEU A 17 5.11 -0.47 10.51
C LEU A 17 5.57 -0.94 9.14
N ARG A 18 4.98 -0.33 8.11
CA ARG A 18 5.32 -0.67 6.75
C ARG A 18 6.67 -0.05 6.36
N LYS A 19 7.26 0.65 7.32
CA LYS A 19 8.54 1.30 7.08
C LYS A 19 9.64 0.24 7.03
N LYS A 20 9.28 -0.97 7.46
CA LYS A 20 10.23 -2.07 7.46
C LYS A 20 9.61 -3.26 6.70
N LYS A 21 8.42 -3.03 6.17
CA LYS A 21 7.72 -4.06 5.43
C LYS A 21 7.41 -3.55 4.02
N ILE A 22 6.12 -3.39 3.76
CA ILE A 22 5.68 -2.91 2.47
C ILE A 22 4.20 -2.50 2.55
N GLU A 23 3.73 -1.87 1.49
CA GLU A 23 2.35 -1.43 1.44
C GLU A 23 1.80 -1.60 0.02
N GLY A 24 1.17 -2.75 -0.20
CA GLY A 24 0.59 -3.04 -1.50
C GLY A 24 -0.59 -2.11 -1.80
N ARG A 25 -1.05 -2.17 -3.05
CA ARG A 25 -2.16 -1.33 -3.47
C ARG A 25 -2.36 -1.46 -4.99
N LEU A 26 -3.50 -2.02 -5.36
CA LEU A 26 -3.82 -2.20 -6.76
C LEU A 26 -3.36 -0.96 -7.54
N TYR A 27 -2.73 -1.22 -8.68
CA TYR A 27 -2.24 -0.15 -9.53
C TYR A 27 -3.40 0.62 -10.17
N ASP A 28 -3.84 1.65 -9.47
CA ASP A 28 -4.94 2.46 -9.96
C ASP A 28 -4.38 3.61 -10.81
N GLU A 29 -5.25 4.57 -11.09
CA GLU A 29 -4.85 5.72 -11.89
C GLU A 29 -3.95 6.66 -11.08
N LYS A 30 -4.40 6.94 -9.87
CA LYS A 30 -3.65 7.82 -8.98
C LYS A 30 -2.27 7.22 -8.73
N ARG A 31 -2.24 5.90 -8.56
CA ARG A 31 -1.00 5.20 -8.32
C ARG A 31 0.00 5.48 -9.45
N ARG A 32 -0.53 5.56 -10.66
CA ARG A 32 0.30 5.82 -11.82
C ARG A 32 0.99 7.18 -11.69
N GLN A 33 0.23 8.14 -11.19
CA GLN A 33 0.75 9.49 -11.01
C GLN A 33 1.80 9.51 -9.90
N ILE A 34 1.64 8.59 -8.96
CA ILE A 34 2.57 8.49 -7.84
C ILE A 34 3.92 8.01 -8.36
N LYS A 35 4.97 8.56 -7.76
CA LYS A 35 6.32 8.20 -8.15
C LYS A 35 7.23 8.27 -6.92
N PRO A 36 8.43 7.63 -7.06
CA PRO A 36 9.40 7.62 -5.97
C PRO A 36 10.09 8.98 -5.83
N GLY A 37 9.70 9.69 -4.78
CA GLY A 37 10.27 11.00 -4.52
C GLY A 37 9.24 11.92 -3.88
N ASP A 38 7.97 11.69 -4.22
CA ASP A 38 6.89 12.50 -3.69
C ASP A 38 6.63 12.09 -2.23
N VAL A 39 5.77 12.86 -1.58
CA VAL A 39 5.43 12.59 -0.20
C VAL A 39 3.91 12.70 -0.02
N ILE A 40 3.35 11.68 0.61
CA ILE A 40 1.91 11.65 0.85
C ILE A 40 1.63 12.07 2.30
N SER A 41 0.73 13.03 2.43
CA SER A 41 0.36 13.53 3.75
C SER A 41 -1.01 12.97 4.15
N PHE A 42 -1.01 12.22 5.24
CA PHE A 42 -2.24 11.63 5.73
C PHE A 42 -2.85 12.47 6.85
N GLU A 43 -4.16 12.63 6.79
CA GLU A 43 -4.87 13.42 7.78
C GLU A 43 -4.25 14.81 7.89
N GLY A 44 -3.82 15.34 6.74
CA GLY A 44 -3.21 16.65 6.70
C GLY A 44 -1.70 16.57 6.90
N GLY A 45 -1.31 16.05 8.06
CA GLY A 45 0.10 15.91 8.37
C GLY A 45 0.30 15.00 9.58
N LYS A 46 -0.65 14.09 9.77
CA LYS A 46 -0.58 13.16 10.88
C LYS A 46 0.46 12.08 10.58
N LEU A 47 0.48 11.66 9.32
CA LEU A 47 1.42 10.63 8.90
C LEU A 47 1.94 10.97 7.50
N LYS A 48 3.24 11.23 7.44
CA LYS A 48 3.88 11.57 6.18
C LYS A 48 4.72 10.38 5.70
N VAL A 49 4.62 10.10 4.41
CA VAL A 49 5.37 9.01 3.82
C VAL A 49 5.96 9.46 2.48
N ARG A 50 7.06 8.83 2.11
CA ARG A 50 7.74 9.16 0.87
C ARG A 50 8.01 7.88 0.07
N VAL A 51 7.39 7.82 -1.10
CA VAL A 51 7.55 6.67 -1.98
C VAL A 51 9.05 6.40 -2.17
N LYS A 52 9.37 5.12 -2.30
CA LYS A 52 10.75 4.71 -2.50
C LYS A 52 10.93 4.20 -3.92
N ALA A 53 9.94 3.46 -4.38
CA ALA A 53 9.97 2.90 -5.73
C ALA A 53 8.63 2.22 -6.02
N ILE A 54 8.43 1.92 -7.30
CA ILE A 54 7.21 1.27 -7.73
C ILE A 54 7.54 -0.13 -8.26
N ARG A 55 6.57 -1.03 -8.10
CA ARG A 55 6.75 -2.40 -8.56
C ARG A 55 5.39 -3.06 -8.76
N VAL A 56 5.16 -3.53 -9.98
CA VAL A 56 3.91 -4.19 -10.32
C VAL A 56 4.11 -5.70 -10.29
N TYR A 57 3.03 -6.40 -10.00
CA TYR A 57 3.07 -7.85 -9.93
C TYR A 57 1.90 -8.47 -10.70
N ASN A 58 1.85 -9.80 -10.68
CA ASN A 58 0.80 -10.52 -11.36
C ASN A 58 -0.49 -10.42 -10.55
N SER A 59 -0.35 -10.66 -9.24
CA SER A 59 -1.50 -10.60 -8.35
C SER A 59 -1.03 -10.36 -6.92
N PHE A 60 -1.97 -9.96 -6.08
CA PHE A 60 -1.66 -9.70 -4.68
C PHE A 60 -1.04 -10.93 -4.01
N ARG A 61 -1.56 -12.09 -4.39
CA ARG A 61 -1.06 -13.33 -3.84
C ARG A 61 0.44 -13.46 -4.06
N GLU A 62 0.88 -13.00 -5.22
CA GLU A 62 2.29 -13.06 -5.57
C GLU A 62 3.07 -12.01 -4.78
N MET A 63 2.37 -10.93 -4.44
CA MET A 63 2.98 -9.86 -3.68
C MET A 63 3.15 -10.24 -2.21
N LEU A 64 2.06 -10.73 -1.63
CA LEU A 64 2.08 -11.13 -0.23
C LEU A 64 3.04 -12.30 -0.06
N GLU A 65 3.14 -13.10 -1.11
CA GLU A 65 4.03 -14.26 -1.08
C GLU A 65 5.48 -13.82 -1.25
N LYS A 66 5.69 -12.93 -2.21
CA LYS A 66 7.02 -12.43 -2.48
C LYS A 66 7.40 -11.39 -1.41
N GLU A 67 6.68 -10.28 -1.43
CA GLU A 67 6.92 -9.22 -0.49
C GLU A 67 6.73 -9.73 0.95
N GLY A 68 5.60 -10.39 1.15
CA GLY A 68 5.28 -10.93 2.47
C GLY A 68 3.91 -10.44 2.94
N LEU A 69 3.07 -11.40 3.31
CA LEU A 69 1.73 -11.09 3.79
C LEU A 69 1.83 -10.11 4.95
N GLU A 70 2.53 -10.54 5.99
CA GLU A 70 2.70 -9.72 7.17
C GLU A 70 3.56 -8.49 6.85
N ASN A 71 4.36 -8.65 5.80
CA ASN A 71 5.24 -7.57 5.38
C ASN A 71 4.50 -6.69 4.36
N VAL A 72 3.19 -6.84 4.34
CA VAL A 72 2.37 -6.07 3.44
C VAL A 72 1.09 -5.61 4.16
N LEU A 73 0.47 -6.56 4.83
CA LEU A 73 -0.76 -6.28 5.56
C LEU A 73 -0.62 -6.82 6.98
N PRO A 74 -0.25 -5.89 7.91
CA PRO A 74 -0.08 -6.26 9.31
C PRO A 74 -1.43 -6.44 10.00
N GLY A 75 -1.69 -7.68 10.41
CA GLY A 75 -2.94 -7.99 11.08
C GLY A 75 -3.70 -9.09 10.34
N VAL A 76 -3.47 -9.13 9.03
CA VAL A 76 -4.13 -10.13 8.19
C VAL A 76 -4.15 -11.47 8.92
N LYS A 77 -5.20 -12.23 8.64
CA LYS A 77 -5.37 -13.53 9.27
C LYS A 77 -4.59 -14.58 8.47
N SER A 78 -4.60 -14.40 7.15
CA SER A 78 -3.91 -15.32 6.26
C SER A 78 -3.83 -14.72 4.85
N ILE A 79 -2.97 -15.31 4.05
CA ILE A 79 -2.78 -14.86 2.68
C ILE A 79 -4.14 -14.79 1.98
N GLU A 80 -4.96 -15.80 2.26
CA GLU A 80 -6.28 -15.87 1.66
C GLU A 80 -7.15 -14.72 2.16
N GLU A 81 -7.09 -14.50 3.47
CA GLU A 81 -7.86 -13.44 4.08
C GLU A 81 -7.42 -12.07 3.54
N GLY A 82 -6.10 -11.95 3.38
CA GLY A 82 -5.53 -10.70 2.88
C GLY A 82 -6.20 -10.28 1.57
N ILE A 83 -6.34 -11.25 0.67
CA ILE A 83 -6.96 -10.99 -0.62
C ILE A 83 -8.38 -10.46 -0.40
N GLN A 84 -9.06 -11.07 0.55
CA GLN A 84 -10.43 -10.67 0.87
C GLN A 84 -10.48 -9.19 1.21
N VAL A 85 -9.44 -8.73 1.89
CA VAL A 85 -9.35 -7.33 2.28
C VAL A 85 -9.26 -6.46 1.02
N TYR A 86 -8.35 -6.85 0.14
CA TYR A 86 -8.15 -6.12 -1.10
C TYR A 86 -9.39 -6.19 -1.98
N ARG A 87 -10.20 -7.21 -1.74
CA ARG A 87 -11.42 -7.39 -2.51
C ARG A 87 -12.49 -6.40 -2.06
N ARG A 88 -12.63 -6.26 -0.75
CA ARG A 88 -13.60 -5.34 -0.19
C ARG A 88 -13.15 -3.89 -0.39
N PHE A 89 -11.84 -3.71 -0.39
CA PHE A 89 -11.26 -2.39 -0.57
C PHE A 89 -11.17 -2.03 -2.05
N TYR A 90 -10.54 -2.92 -2.80
CA TYR A 90 -10.38 -2.71 -4.23
C TYR A 90 -11.20 -3.73 -5.03
N ASP A 91 -11.70 -3.27 -6.17
CA ASP A 91 -12.51 -4.11 -7.04
C ASP A 91 -11.64 -5.25 -7.58
N GLU A 92 -12.28 -6.41 -7.74
CA GLU A 92 -11.58 -7.58 -8.25
C GLU A 92 -11.30 -7.42 -9.74
N GLU A 93 -12.27 -6.84 -10.44
CA GLU A 93 -12.14 -6.63 -11.87
C GLU A 93 -10.94 -5.71 -12.16
N LYS A 94 -10.94 -4.56 -11.51
CA LYS A 94 -9.86 -3.60 -11.69
C LYS A 94 -8.53 -4.26 -11.36
N GLU A 95 -8.53 -5.03 -10.29
CA GLU A 95 -7.34 -5.73 -9.86
C GLU A 95 -6.91 -6.76 -10.91
N LYS A 96 -7.85 -7.61 -11.28
CA LYS A 96 -7.59 -8.63 -12.27
C LYS A 96 -7.30 -7.97 -13.62
N LYS A 97 -7.67 -6.71 -13.71
CA LYS A 97 -7.46 -5.95 -14.93
C LYS A 97 -5.97 -5.59 -15.05
N TYR A 98 -5.48 -4.86 -14.06
CA TYR A 98 -4.09 -4.45 -14.04
C TYR A 98 -3.25 -5.40 -13.16
N GLY A 99 -3.69 -5.52 -11.92
CA GLY A 99 -2.99 -6.38 -10.96
C GLY A 99 -2.71 -5.63 -9.66
N VAL A 100 -1.57 -5.97 -9.06
CA VAL A 100 -1.17 -5.33 -7.82
C VAL A 100 0.23 -4.74 -7.97
N VAL A 101 0.47 -3.67 -7.24
CA VAL A 101 1.76 -3.00 -7.28
C VAL A 101 2.20 -2.66 -5.86
N ALA A 102 3.30 -3.27 -5.45
CA ALA A 102 3.84 -3.04 -4.12
C ALA A 102 4.70 -1.77 -4.14
N ILE A 103 4.09 -0.68 -3.68
CA ILE A 103 4.79 0.59 -3.65
C ILE A 103 5.50 0.73 -2.30
N GLU A 104 6.82 0.79 -2.38
CA GLU A 104 7.65 0.91 -1.19
C GLU A 104 7.58 2.34 -0.65
N ILE A 105 6.93 2.49 0.49
CA ILE A 105 6.79 3.79 1.12
C ILE A 105 7.73 3.88 2.32
N GLU A 106 7.92 5.10 2.78
CA GLU A 106 8.80 5.33 3.93
C GLU A 106 8.27 6.50 4.77
N PRO A 107 7.52 6.13 5.85
CA PRO A 107 6.95 7.13 6.74
C PRO A 107 8.03 7.74 7.64
N LEU A 108 8.44 8.95 7.29
CA LEU A 108 9.46 9.65 8.05
C LEU A 108 8.78 10.64 9.01
N GLU A 109 8.38 10.11 10.16
CA GLU A 109 7.72 10.94 11.17
C GLU A 109 8.43 10.79 12.51
N TYR A 110 7.88 9.95 13.35
CA TYR A 110 8.45 9.72 14.66
C TYR A 110 8.67 8.22 14.92
N MET A 1 3.17 19.45 -6.03
CA MET A 1 3.64 18.09 -6.24
C MET A 1 3.48 17.26 -4.96
N GLU A 2 2.51 17.66 -4.15
CA GLU A 2 2.24 16.95 -2.92
C GLU A 2 0.95 16.12 -3.03
N TRP A 3 0.96 14.98 -2.37
CA TRP A 3 -0.19 14.10 -2.38
C TRP A 3 -0.72 13.97 -0.95
N GLU A 4 -2.03 13.81 -0.85
CA GLU A 4 -2.67 13.68 0.44
C GLU A 4 -3.78 12.63 0.38
N MET A 5 -3.93 11.91 1.48
CA MET A 5 -4.95 10.88 1.57
C MET A 5 -5.47 10.74 3.00
N GLY A 6 -6.79 10.62 3.11
CA GLY A 6 -7.43 10.47 4.40
C GLY A 6 -7.61 9.00 4.77
N LEU A 7 -7.39 8.70 6.03
CA LEU A 7 -7.53 7.34 6.53
C LEU A 7 -7.58 7.35 8.05
N GLN A 8 -7.85 6.18 8.61
CA GLN A 8 -7.92 6.05 10.05
C GLN A 8 -6.52 6.07 10.67
N GLU A 9 -6.49 6.31 11.97
CA GLU A 9 -5.22 6.37 12.69
C GLU A 9 -4.57 4.99 12.72
N GLU A 10 -5.38 3.99 13.02
CA GLU A 10 -4.90 2.62 13.09
C GLU A 10 -4.16 2.25 11.79
N PHE A 11 -4.66 2.80 10.69
CA PHE A 11 -4.06 2.55 9.40
C PHE A 11 -2.75 3.31 9.24
N LEU A 12 -2.67 4.45 9.92
CA LEU A 12 -1.48 5.28 9.86
C LEU A 12 -0.32 4.54 10.51
N GLU A 13 -0.57 4.02 11.70
CA GLU A 13 0.44 3.29 12.44
C GLU A 13 1.01 2.16 11.58
N LEU A 14 0.16 1.62 10.72
CA LEU A 14 0.55 0.53 9.85
C LEU A 14 1.69 1.01 8.94
N ILE A 15 1.51 2.21 8.39
CA ILE A 15 2.51 2.78 7.52
C ILE A 15 3.84 2.87 8.26
N LYS A 16 3.75 3.20 9.54
CA LYS A 16 4.94 3.33 10.37
C LYS A 16 5.62 1.97 10.48
N LEU A 17 4.81 0.92 10.41
CA LEU A 17 5.32 -0.43 10.52
C LEU A 17 5.79 -0.90 9.13
N ARG A 18 5.23 -0.25 8.12
CA ARG A 18 5.58 -0.60 6.74
C ARG A 18 6.94 0.01 6.38
N LYS A 19 7.53 0.69 7.34
CA LYS A 19 8.83 1.31 7.13
C LYS A 19 9.91 0.24 7.09
N LYS A 20 9.51 -0.98 7.44
CA LYS A 20 10.43 -2.10 7.45
C LYS A 20 9.79 -3.28 6.71
N LYS A 21 8.65 -3.01 6.11
CA LYS A 21 7.93 -4.04 5.37
C LYS A 21 7.68 -3.56 3.94
N ILE A 22 6.42 -3.31 3.65
CA ILE A 22 6.04 -2.84 2.32
C ILE A 22 4.59 -2.33 2.36
N GLU A 23 4.20 -1.70 1.27
CA GLU A 23 2.86 -1.16 1.16
C GLU A 23 2.35 -1.26 -0.28
N GLY A 24 1.55 -2.29 -0.52
CA GLY A 24 1.00 -2.52 -1.84
C GLY A 24 -0.42 -1.96 -1.95
N ARG A 25 -1.01 -2.14 -3.12
CA ARG A 25 -2.36 -1.66 -3.36
C ARG A 25 -2.63 -1.56 -4.86
N LEU A 26 -3.75 -2.16 -5.27
CA LEU A 26 -4.13 -2.15 -6.67
C LEU A 26 -3.77 -0.79 -7.28
N TYR A 27 -2.99 -0.86 -8.37
CA TYR A 27 -2.56 0.35 -9.05
C TYR A 27 -3.76 1.12 -9.60
N ASP A 28 -3.47 2.31 -10.11
CA ASP A 28 -4.51 3.15 -10.68
C ASP A 28 -3.89 4.43 -11.22
N GLU A 29 -4.75 5.32 -11.69
CA GLU A 29 -4.30 6.59 -12.24
C GLU A 29 -3.67 7.45 -11.14
N LYS A 30 -4.40 7.58 -10.04
CA LYS A 30 -3.92 8.37 -8.92
C LYS A 30 -2.71 7.68 -8.29
N ARG A 31 -2.78 6.36 -8.24
CA ARG A 31 -1.70 5.57 -7.67
C ARG A 31 -0.44 5.71 -8.52
N ARG A 32 -0.60 5.45 -9.81
CA ARG A 32 0.52 5.55 -10.74
C ARG A 32 1.01 7.00 -10.82
N GLN A 33 0.18 7.91 -10.32
CA GLN A 33 0.53 9.32 -10.34
C GLN A 33 1.72 9.59 -9.41
N ILE A 34 1.66 8.95 -8.24
CA ILE A 34 2.72 9.11 -7.26
C ILE A 34 3.95 8.31 -7.71
N LYS A 35 5.07 9.01 -7.81
CA LYS A 35 6.31 8.38 -8.22
C LYS A 35 7.32 8.43 -7.07
N PRO A 36 8.47 7.75 -7.28
CA PRO A 36 9.52 7.72 -6.26
C PRO A 36 10.27 9.05 -6.21
N GLY A 37 9.64 10.03 -5.57
CA GLY A 37 10.24 11.34 -5.44
C GLY A 37 9.20 12.38 -5.01
N ASP A 38 8.47 12.03 -3.95
CA ASP A 38 7.45 12.92 -3.43
C ASP A 38 7.05 12.48 -2.02
N VAL A 39 5.98 13.07 -1.52
CA VAL A 39 5.50 12.74 -0.19
C VAL A 39 3.97 12.67 -0.21
N ILE A 40 3.44 11.82 0.66
CA ILE A 40 2.00 11.65 0.76
C ILE A 40 1.55 11.88 2.20
N SER A 41 1.10 13.09 2.47
CA SER A 41 0.65 13.45 3.80
C SER A 41 -0.74 12.86 4.05
N PHE A 42 -0.85 12.10 5.13
CA PHE A 42 -2.10 11.47 5.50
C PHE A 42 -2.80 12.25 6.62
N GLU A 43 -4.12 12.17 6.60
CA GLU A 43 -4.92 12.86 7.61
C GLU A 43 -4.41 14.29 7.79
N GLY A 44 -4.21 14.96 6.68
CA GLY A 44 -3.73 16.33 6.70
C GLY A 44 -2.20 16.38 6.87
N GLY A 45 -1.75 15.84 8.00
CA GLY A 45 -0.32 15.82 8.28
C GLY A 45 -0.03 14.96 9.52
N LYS A 46 -0.91 14.00 9.76
CA LYS A 46 -0.76 13.11 10.89
C LYS A 46 0.32 12.08 10.60
N LEU A 47 0.31 11.60 9.36
CA LEU A 47 1.29 10.61 8.93
C LEU A 47 1.82 10.99 7.55
N LYS A 48 3.13 11.23 7.50
CA LYS A 48 3.78 11.60 6.26
C LYS A 48 4.59 10.41 5.74
N VAL A 49 4.57 10.25 4.42
CA VAL A 49 5.30 9.16 3.79
C VAL A 49 5.89 9.66 2.47
N ARG A 50 6.96 8.99 2.05
CA ARG A 50 7.63 9.35 0.81
C ARG A 50 7.91 8.10 -0.02
N VAL A 51 7.37 8.09 -1.23
CA VAL A 51 7.55 6.97 -2.13
C VAL A 51 9.04 6.71 -2.31
N LYS A 52 9.38 5.42 -2.37
CA LYS A 52 10.77 5.03 -2.54
C LYS A 52 10.96 4.41 -3.93
N ALA A 53 9.98 3.61 -4.32
CA ALA A 53 10.02 2.96 -5.62
C ALA A 53 8.66 2.33 -5.93
N ILE A 54 8.42 2.10 -7.21
CA ILE A 54 7.16 1.50 -7.64
C ILE A 54 7.43 0.12 -8.23
N ARG A 55 6.46 -0.76 -8.05
CA ARG A 55 6.57 -2.12 -8.55
C ARG A 55 5.19 -2.68 -8.89
N VAL A 56 5.18 -3.60 -9.84
CA VAL A 56 3.93 -4.21 -10.27
C VAL A 56 4.10 -5.74 -10.26
N TYR A 57 3.04 -6.41 -9.83
CA TYR A 57 3.06 -7.87 -9.77
C TYR A 57 1.85 -8.45 -10.52
N ASN A 58 1.78 -9.78 -10.49
CA ASN A 58 0.69 -10.48 -11.16
C ASN A 58 -0.59 -10.34 -10.32
N SER A 59 -0.43 -10.56 -9.03
CA SER A 59 -1.55 -10.46 -8.12
C SER A 59 -1.06 -10.22 -6.69
N PHE A 60 -1.98 -9.83 -5.82
CA PHE A 60 -1.65 -9.57 -4.44
C PHE A 60 -1.01 -10.79 -3.78
N ARG A 61 -1.50 -11.95 -4.17
CA ARG A 61 -0.98 -13.20 -3.64
C ARG A 61 0.52 -13.30 -3.87
N GLU A 62 0.92 -12.97 -5.09
CA GLU A 62 2.33 -13.02 -5.45
C GLU A 62 3.13 -12.02 -4.62
N MET A 63 2.47 -10.91 -4.30
CA MET A 63 3.11 -9.86 -3.51
C MET A 63 3.20 -10.26 -2.04
N LEU A 64 2.09 -10.73 -1.51
CA LEU A 64 2.04 -11.16 -0.12
C LEU A 64 2.89 -12.42 0.05
N GLU A 65 2.98 -13.19 -1.02
CA GLU A 65 3.75 -14.42 -1.00
C GLU A 65 5.25 -14.10 -1.06
N LYS A 66 5.61 -13.26 -2.02
CA LYS A 66 7.00 -12.87 -2.19
C LYS A 66 7.33 -11.74 -1.22
N GLU A 67 6.67 -10.60 -1.45
CA GLU A 67 6.89 -9.44 -0.60
C GLU A 67 6.65 -9.79 0.87
N GLY A 68 5.49 -10.37 1.13
CA GLY A 68 5.12 -10.77 2.47
C GLY A 68 3.73 -10.25 2.84
N LEU A 69 2.92 -11.15 3.35
CA LEU A 69 1.56 -10.81 3.75
C LEU A 69 1.61 -9.79 4.90
N GLU A 70 2.25 -10.20 5.98
CA GLU A 70 2.38 -9.35 7.15
C GLU A 70 3.29 -8.16 6.84
N ASN A 71 3.91 -8.22 5.67
CA ASN A 71 4.79 -7.16 5.23
C ASN A 71 4.00 -6.11 4.44
N VAL A 72 2.77 -6.49 4.10
CA VAL A 72 1.90 -5.61 3.35
C VAL A 72 0.63 -5.36 4.14
N LEU A 73 0.13 -6.41 4.77
CA LEU A 73 -1.09 -6.31 5.57
C LEU A 73 -0.80 -6.84 6.98
N PRO A 74 -0.35 -5.91 7.86
CA PRO A 74 -0.05 -6.28 9.24
C PRO A 74 -1.33 -6.48 10.05
N GLY A 75 -1.53 -7.72 10.47
CA GLY A 75 -2.71 -8.06 11.26
C GLY A 75 -3.58 -9.08 10.53
N VAL A 76 -3.45 -9.08 9.21
CA VAL A 76 -4.22 -10.00 8.39
C VAL A 76 -4.27 -11.37 9.08
N LYS A 77 -5.34 -12.09 8.79
CA LYS A 77 -5.52 -13.41 9.37
C LYS A 77 -4.75 -14.44 8.54
N SER A 78 -4.73 -14.21 7.24
CA SER A 78 -4.03 -15.10 6.33
C SER A 78 -4.00 -14.50 4.92
N ILE A 79 -3.15 -15.08 4.09
CA ILE A 79 -3.01 -14.60 2.72
C ILE A 79 -4.39 -14.59 2.06
N GLU A 80 -5.16 -15.63 2.32
CA GLU A 80 -6.49 -15.74 1.76
C GLU A 80 -7.36 -14.57 2.21
N GLU A 81 -7.30 -14.30 3.50
CA GLU A 81 -8.07 -13.20 4.07
C GLU A 81 -7.61 -11.86 3.48
N GLY A 82 -6.31 -11.75 3.30
CA GLY A 82 -5.73 -10.53 2.75
C GLY A 82 -6.41 -10.16 1.43
N ILE A 83 -6.58 -11.17 0.58
CA ILE A 83 -7.20 -10.97 -0.71
C ILE A 83 -8.64 -10.48 -0.51
N GLN A 84 -9.32 -11.15 0.41
CA GLN A 84 -10.70 -10.81 0.70
C GLN A 84 -10.82 -9.33 1.07
N VAL A 85 -9.80 -8.85 1.80
CA VAL A 85 -9.77 -7.47 2.22
C VAL A 85 -9.66 -6.57 1.00
N TYR A 86 -8.72 -6.90 0.14
CA TYR A 86 -8.50 -6.13 -1.07
C TYR A 86 -9.68 -6.25 -2.03
N ARG A 87 -10.38 -7.37 -1.90
CA ARG A 87 -11.55 -7.63 -2.74
C ARG A 87 -12.74 -6.79 -2.27
N ARG A 88 -12.74 -6.50 -0.97
CA ARG A 88 -13.82 -5.72 -0.39
C ARG A 88 -13.68 -4.25 -0.79
N PHE A 89 -12.43 -3.79 -0.81
CA PHE A 89 -12.15 -2.41 -1.17
C PHE A 89 -11.86 -2.29 -2.67
N TYR A 90 -10.93 -3.12 -3.13
CA TYR A 90 -10.55 -3.11 -4.53
C TYR A 90 -11.29 -4.20 -5.31
N ASP A 91 -12.01 -3.77 -6.34
CA ASP A 91 -12.76 -4.70 -7.16
C ASP A 91 -11.83 -5.78 -7.70
N GLU A 92 -12.38 -6.97 -7.86
CA GLU A 92 -11.61 -8.09 -8.36
C GLU A 92 -11.32 -7.91 -9.85
N GLU A 93 -12.24 -7.24 -10.52
CA GLU A 93 -12.09 -7.00 -11.94
C GLU A 93 -10.98 -5.97 -12.20
N LYS A 94 -11.08 -4.86 -11.51
CA LYS A 94 -10.09 -3.80 -11.65
C LYS A 94 -8.72 -4.33 -11.26
N GLU A 95 -8.70 -5.13 -10.20
CA GLU A 95 -7.47 -5.72 -9.72
C GLU A 95 -6.90 -6.69 -10.76
N LYS A 96 -7.74 -7.62 -11.17
CA LYS A 96 -7.34 -8.61 -12.15
C LYS A 96 -7.07 -7.91 -13.49
N LYS A 97 -7.60 -6.71 -13.60
CA LYS A 97 -7.42 -5.93 -14.82
C LYS A 97 -5.94 -5.52 -14.95
N TYR A 98 -5.48 -4.80 -13.95
CA TYR A 98 -4.10 -4.35 -13.94
C TYR A 98 -3.24 -5.24 -13.03
N GLY A 99 -3.67 -5.36 -11.79
CA GLY A 99 -2.94 -6.18 -10.82
C GLY A 99 -2.59 -5.37 -9.58
N VAL A 100 -1.61 -5.87 -8.85
CA VAL A 100 -1.16 -5.20 -7.63
C VAL A 100 0.19 -4.55 -7.88
N VAL A 101 0.50 -3.56 -7.05
CA VAL A 101 1.76 -2.84 -7.18
C VAL A 101 2.34 -2.61 -5.78
N ALA A 102 3.40 -3.35 -5.49
CA ALA A 102 4.06 -3.24 -4.20
C ALA A 102 4.94 -2.00 -4.19
N ILE A 103 4.41 -0.93 -3.62
CA ILE A 103 5.14 0.32 -3.54
C ILE A 103 5.75 0.47 -2.15
N GLU A 104 7.07 0.62 -2.13
CA GLU A 104 7.79 0.77 -0.87
C GLU A 104 7.60 2.18 -0.32
N ILE A 105 6.93 2.25 0.83
CA ILE A 105 6.67 3.52 1.46
C ILE A 105 7.53 3.63 2.73
N GLU A 106 7.97 4.85 3.01
CA GLU A 106 8.79 5.10 4.18
C GLU A 106 8.38 6.42 4.85
N PRO A 107 7.69 6.27 6.02
CA PRO A 107 7.23 7.43 6.76
C PRO A 107 8.39 8.11 7.50
N LEU A 108 8.67 9.34 7.09
CA LEU A 108 9.75 10.09 7.70
C LEU A 108 9.32 10.55 9.09
N GLU A 109 8.99 9.57 9.92
CA GLU A 109 8.55 9.86 11.28
C GLU A 109 9.52 9.23 12.29
N TYR A 110 10.42 8.41 11.77
CA TYR A 110 11.40 7.75 12.61
C TYR A 110 10.72 6.88 13.67
N MET A 1 5.27 19.85 -5.21
CA MET A 1 4.12 18.96 -5.37
C MET A 1 4.05 17.96 -4.22
N GLU A 2 2.88 17.90 -3.61
CA GLU A 2 2.65 16.99 -2.50
C GLU A 2 1.36 16.20 -2.71
N TRP A 3 1.29 15.05 -2.06
CA TRP A 3 0.12 14.20 -2.16
C TRP A 3 -0.53 14.11 -0.78
N GLU A 4 -1.85 14.07 -0.79
CA GLU A 4 -2.61 13.99 0.46
C GLU A 4 -3.56 12.79 0.43
N MET A 5 -3.79 12.23 1.61
CA MET A 5 -4.68 11.08 1.73
C MET A 5 -5.34 11.05 3.11
N GLY A 6 -6.03 9.95 3.36
CA GLY A 6 -6.72 9.78 4.64
C GLY A 6 -7.02 8.30 4.91
N LEU A 7 -6.99 7.95 6.18
CA LEU A 7 -7.25 6.58 6.58
C LEU A 7 -7.41 6.53 8.11
N GLN A 8 -8.00 5.42 8.56
CA GLN A 8 -8.22 5.24 9.99
C GLN A 8 -6.92 5.44 10.77
N GLU A 9 -7.06 5.93 11.99
CA GLU A 9 -5.91 6.18 12.84
C GLU A 9 -5.07 4.90 12.98
N GLU A 10 -5.77 3.78 13.08
CA GLU A 10 -5.11 2.50 13.22
C GLU A 10 -4.32 2.17 11.96
N PHE A 11 -4.87 2.59 10.83
CA PHE A 11 -4.22 2.35 9.55
C PHE A 11 -3.02 3.29 9.35
N LEU A 12 -3.11 4.44 9.99
CA LEU A 12 -2.05 5.43 9.89
C LEU A 12 -0.77 4.87 10.55
N GLU A 13 -0.99 4.09 11.59
CA GLU A 13 0.13 3.49 12.31
C GLU A 13 0.72 2.34 11.50
N LEU A 14 -0.14 1.68 10.74
CA LEU A 14 0.28 0.55 9.92
C LEU A 14 1.46 0.99 9.04
N ILE A 15 1.29 2.16 8.43
CA ILE A 15 2.32 2.70 7.57
C ILE A 15 3.62 2.88 8.37
N LYS A 16 3.48 3.41 9.56
CA LYS A 16 4.62 3.63 10.44
C LYS A 16 5.38 2.31 10.60
N LEU A 17 4.63 1.23 10.59
CA LEU A 17 5.23 -0.09 10.74
C LEU A 17 5.70 -0.59 9.37
N ARG A 18 5.11 -0.02 8.33
CA ARG A 18 5.46 -0.39 6.97
C ARG A 18 6.86 0.13 6.61
N LYS A 19 7.47 0.79 7.59
CA LYS A 19 8.80 1.34 7.38
C LYS A 19 9.82 0.21 7.37
N LYS A 20 9.36 -0.96 7.79
CA LYS A 20 10.21 -2.13 7.83
C LYS A 20 9.54 -3.28 7.07
N LYS A 21 8.39 -2.97 6.49
CA LYS A 21 7.65 -3.96 5.72
C LYS A 21 7.51 -3.48 4.28
N ILE A 22 6.26 -3.23 3.90
CA ILE A 22 5.98 -2.77 2.55
C ILE A 22 4.54 -2.27 2.48
N GLU A 23 4.20 -1.68 1.34
CA GLU A 23 2.85 -1.17 1.14
C GLU A 23 2.47 -1.26 -0.34
N GLY A 24 1.65 -2.25 -0.64
CA GLY A 24 1.20 -2.47 -2.00
C GLY A 24 -0.33 -2.45 -2.09
N ARG A 25 -0.82 -2.02 -3.24
CA ARG A 25 -2.26 -1.96 -3.46
C ARG A 25 -2.56 -1.91 -4.96
N LEU A 26 -3.81 -2.21 -5.30
CA LEU A 26 -4.24 -2.20 -6.67
C LEU A 26 -3.96 -0.83 -7.29
N TYR A 27 -2.98 -0.81 -8.18
CA TYR A 27 -2.59 0.43 -8.85
C TYR A 27 -3.83 1.20 -9.32
N ASP A 28 -3.59 2.41 -9.82
CA ASP A 28 -4.66 3.24 -10.31
C ASP A 28 -4.07 4.44 -11.05
N GLU A 29 -4.95 5.22 -11.66
CA GLU A 29 -4.53 6.40 -12.40
C GLU A 29 -3.84 7.39 -11.47
N LYS A 30 -4.49 7.67 -10.36
CA LYS A 30 -3.96 8.60 -9.38
C LYS A 30 -2.61 8.08 -8.88
N ARG A 31 -2.55 6.77 -8.63
CA ARG A 31 -1.34 6.15 -8.15
C ARG A 31 -0.27 6.17 -9.25
N ARG A 32 -0.71 5.86 -10.46
CA ARG A 32 0.20 5.83 -11.59
C ARG A 32 1.00 7.15 -11.67
N GLN A 33 0.30 8.24 -11.43
CA GLN A 33 0.93 9.54 -11.47
C GLN A 33 1.98 9.66 -10.35
N ILE A 34 1.76 8.90 -9.29
CA ILE A 34 2.66 8.91 -8.16
C ILE A 34 3.95 8.16 -8.54
N LYS A 35 5.06 8.80 -8.28
CA LYS A 35 6.36 8.21 -8.58
C LYS A 35 7.26 8.29 -7.35
N PRO A 36 8.38 7.52 -7.40
CA PRO A 36 9.32 7.49 -6.29
C PRO A 36 10.16 8.77 -6.25
N GLY A 37 9.62 9.77 -5.57
CA GLY A 37 10.31 11.04 -5.45
C GLY A 37 9.35 12.15 -5.00
N ASP A 38 8.64 11.86 -3.91
CA ASP A 38 7.69 12.81 -3.37
C ASP A 38 7.32 12.40 -1.94
N VAL A 39 6.31 13.07 -1.41
CA VAL A 39 5.84 12.78 -0.07
C VAL A 39 4.31 12.76 -0.06
N ILE A 40 3.77 11.95 0.86
CA ILE A 40 2.33 11.84 0.98
C ILE A 40 1.92 12.11 2.43
N SER A 41 0.80 12.81 2.58
CA SER A 41 0.30 13.16 3.90
C SER A 41 -1.04 12.47 4.14
N PHE A 42 -1.19 11.91 5.34
CA PHE A 42 -2.41 11.22 5.70
C PHE A 42 -3.15 11.97 6.79
N GLU A 43 -4.45 12.16 6.57
CA GLU A 43 -5.28 12.85 7.54
C GLU A 43 -4.78 14.29 7.73
N GLY A 44 -4.41 14.90 6.62
CA GLY A 44 -3.91 16.27 6.65
C GLY A 44 -2.39 16.29 6.70
N GLY A 45 -1.85 15.73 7.78
CA GLY A 45 -0.41 15.68 7.96
C GLY A 45 -0.05 14.94 9.25
N LYS A 46 -0.85 13.95 9.56
CA LYS A 46 -0.62 13.15 10.76
C LYS A 46 0.54 12.19 10.52
N LEU A 47 0.56 11.64 9.32
CA LEU A 47 1.62 10.70 8.96
C LEU A 47 2.14 11.06 7.56
N LYS A 48 3.44 11.28 7.49
CA LYS A 48 4.07 11.62 6.24
C LYS A 48 4.89 10.43 5.74
N VAL A 49 4.80 10.18 4.44
CA VAL A 49 5.52 9.09 3.82
C VAL A 49 6.13 9.55 2.51
N ARG A 50 7.16 8.82 2.07
CA ARG A 50 7.84 9.15 0.83
C ARG A 50 8.03 7.89 -0.01
N VAL A 51 7.64 8.00 -1.27
CA VAL A 51 7.75 6.89 -2.20
C VAL A 51 9.23 6.56 -2.40
N LYS A 52 9.52 5.27 -2.51
CA LYS A 52 10.89 4.82 -2.71
C LYS A 52 11.01 4.21 -4.12
N ALA A 53 10.00 3.45 -4.49
CA ALA A 53 9.99 2.81 -5.79
C ALA A 53 8.61 2.21 -6.05
N ILE A 54 8.36 1.90 -7.32
CA ILE A 54 7.09 1.33 -7.71
C ILE A 54 7.32 -0.03 -8.35
N ARG A 55 6.35 -0.91 -8.18
CA ARG A 55 6.44 -2.25 -8.75
C ARG A 55 5.04 -2.81 -9.03
N VAL A 56 4.99 -3.73 -9.98
CA VAL A 56 3.73 -4.34 -10.36
C VAL A 56 3.86 -5.86 -10.28
N TYR A 57 2.76 -6.50 -9.87
CA TYR A 57 2.75 -7.94 -9.73
C TYR A 57 1.53 -8.54 -10.45
N ASN A 58 1.48 -9.87 -10.46
CA ASN A 58 0.38 -10.57 -11.10
C ASN A 58 -0.86 -10.47 -10.21
N SER A 59 -0.64 -10.68 -8.92
CA SER A 59 -1.73 -10.63 -7.97
C SER A 59 -1.18 -10.35 -6.56
N PHE A 60 -2.09 -10.00 -5.66
CA PHE A 60 -1.71 -9.72 -4.29
C PHE A 60 -0.96 -10.89 -3.66
N ARG A 61 -1.39 -12.09 -4.03
CA ARG A 61 -0.77 -13.29 -3.51
C ARG A 61 0.73 -13.29 -3.82
N GLU A 62 1.04 -13.00 -5.08
CA GLU A 62 2.42 -12.97 -5.52
C GLU A 62 3.20 -11.88 -4.77
N MET A 63 2.47 -10.84 -4.39
CA MET A 63 3.06 -9.73 -3.66
C MET A 63 3.31 -10.11 -2.20
N LEU A 64 2.28 -10.66 -1.57
CA LEU A 64 2.38 -11.07 -0.18
C LEU A 64 3.24 -12.34 -0.09
N GLU A 65 3.23 -13.10 -1.17
CA GLU A 65 3.98 -14.34 -1.22
C GLU A 65 5.48 -14.03 -1.34
N LYS A 66 5.79 -13.08 -2.21
CA LYS A 66 7.17 -12.69 -2.42
C LYS A 66 7.57 -11.65 -1.38
N GLU A 67 6.90 -10.51 -1.44
CA GLU A 67 7.17 -9.43 -0.50
C GLU A 67 6.92 -9.89 0.93
N GLY A 68 5.71 -10.39 1.16
CA GLY A 68 5.33 -10.87 2.48
C GLY A 68 3.96 -10.31 2.89
N LEU A 69 3.10 -11.23 3.30
CA LEU A 69 1.76 -10.85 3.72
C LEU A 69 1.86 -9.87 4.89
N GLU A 70 2.49 -10.34 5.96
CA GLU A 70 2.66 -9.52 7.16
C GLU A 70 3.58 -8.34 6.85
N ASN A 71 4.18 -8.38 5.68
CA ASN A 71 5.09 -7.33 5.27
C ASN A 71 4.33 -6.30 4.43
N VAL A 72 3.02 -6.49 4.36
CA VAL A 72 2.17 -5.59 3.61
C VAL A 72 0.90 -5.31 4.40
N LEU A 73 0.23 -6.38 4.80
CA LEU A 73 -0.99 -6.25 5.57
C LEU A 73 -0.79 -6.86 6.95
N PRO A 74 -0.29 -6.01 7.88
CA PRO A 74 -0.04 -6.44 9.25
C PRO A 74 -1.35 -6.58 10.03
N GLY A 75 -1.65 -7.82 10.41
CA GLY A 75 -2.86 -8.10 11.15
C GLY A 75 -3.69 -9.18 10.47
N VAL A 76 -3.62 -9.18 9.15
CA VAL A 76 -4.36 -10.16 8.36
C VAL A 76 -4.32 -11.51 9.07
N LYS A 77 -5.31 -12.33 8.77
CA LYS A 77 -5.42 -13.65 9.38
C LYS A 77 -4.57 -14.64 8.57
N SER A 78 -4.54 -14.41 7.27
CA SER A 78 -3.78 -15.27 6.38
C SER A 78 -3.76 -14.69 4.96
N ILE A 79 -2.93 -15.28 4.11
CA ILE A 79 -2.81 -14.82 2.74
C ILE A 79 -4.19 -14.87 2.07
N GLU A 80 -4.96 -15.89 2.45
CA GLU A 80 -6.28 -16.06 1.90
C GLU A 80 -7.19 -14.90 2.32
N GLU A 81 -7.16 -14.60 3.61
CA GLU A 81 -7.97 -13.53 4.15
C GLU A 81 -7.56 -12.19 3.53
N GLY A 82 -6.25 -12.05 3.32
CA GLY A 82 -5.72 -10.83 2.74
C GLY A 82 -6.43 -10.49 1.44
N ILE A 83 -6.63 -11.51 0.62
CA ILE A 83 -7.30 -11.33 -0.66
C ILE A 83 -8.74 -10.87 -0.42
N GLN A 84 -9.34 -11.43 0.62
CA GLN A 84 -10.71 -11.10 0.97
C GLN A 84 -10.81 -9.61 1.33
N VAL A 85 -9.78 -9.12 1.99
CA VAL A 85 -9.74 -7.72 2.39
C VAL A 85 -9.68 -6.83 1.15
N TYR A 86 -8.77 -7.18 0.25
CA TYR A 86 -8.61 -6.44 -0.98
C TYR A 86 -9.89 -6.46 -1.82
N ARG A 87 -10.70 -7.48 -1.56
CA ARG A 87 -11.96 -7.63 -2.27
C ARG A 87 -12.96 -6.58 -1.82
N ARG A 88 -13.08 -6.44 -0.50
CA ARG A 88 -14.00 -5.48 0.07
C ARG A 88 -13.43 -4.07 -0.06
N PHE A 89 -12.13 -4.00 -0.24
CA PHE A 89 -11.46 -2.72 -0.39
C PHE A 89 -11.36 -2.31 -1.86
N TYR A 90 -10.78 -3.19 -2.65
CA TYR A 90 -10.62 -2.94 -4.07
C TYR A 90 -11.43 -3.94 -4.89
N ASP A 91 -11.90 -3.47 -6.04
CA ASP A 91 -12.69 -4.30 -6.93
C ASP A 91 -11.80 -5.41 -7.50
N GLU A 92 -12.41 -6.58 -7.68
CA GLU A 92 -11.69 -7.72 -8.20
C GLU A 92 -11.47 -7.56 -9.72
N GLU A 93 -12.43 -6.91 -10.35
CA GLU A 93 -12.36 -6.69 -11.79
C GLU A 93 -11.21 -5.72 -12.11
N LYS A 94 -11.22 -4.58 -11.41
CA LYS A 94 -10.20 -3.57 -11.62
C LYS A 94 -8.83 -4.16 -11.24
N GLU A 95 -8.84 -4.99 -10.21
CA GLU A 95 -7.62 -5.61 -9.74
C GLU A 95 -7.06 -6.55 -10.81
N LYS A 96 -7.92 -7.45 -11.28
CA LYS A 96 -7.52 -8.41 -12.29
C LYS A 96 -7.21 -7.67 -13.59
N LYS A 97 -7.71 -6.44 -13.67
CA LYS A 97 -7.49 -5.61 -14.84
C LYS A 97 -6.01 -5.24 -14.93
N TYR A 98 -5.55 -4.56 -13.89
CA TYR A 98 -4.16 -4.14 -13.83
C TYR A 98 -3.33 -5.08 -12.96
N GLY A 99 -3.79 -5.25 -11.73
CA GLY A 99 -3.11 -6.12 -10.78
C GLY A 99 -2.67 -5.34 -9.54
N VAL A 100 -1.78 -5.96 -8.78
CA VAL A 100 -1.27 -5.33 -7.56
C VAL A 100 0.10 -4.71 -7.85
N VAL A 101 0.43 -3.70 -7.05
CA VAL A 101 1.70 -3.01 -7.20
C VAL A 101 2.32 -2.77 -5.83
N ALA A 102 3.36 -3.52 -5.54
CA ALA A 102 4.05 -3.40 -4.26
C ALA A 102 5.01 -2.21 -4.32
N ILE A 103 4.55 -1.08 -3.79
CA ILE A 103 5.36 0.12 -3.77
C ILE A 103 6.05 0.25 -2.41
N GLU A 104 7.34 0.57 -2.47
CA GLU A 104 8.12 0.72 -1.26
C GLU A 104 8.07 2.17 -0.77
N ILE A 105 7.57 2.34 0.45
CA ILE A 105 7.46 3.67 1.03
C ILE A 105 8.18 3.69 2.38
N GLU A 106 8.44 4.88 2.86
CA GLU A 106 9.13 5.06 4.13
C GLU A 106 8.61 6.30 4.86
N PRO A 107 7.82 6.05 5.93
CA PRO A 107 7.24 7.13 6.71
C PRO A 107 8.32 7.79 7.60
N LEU A 108 8.71 8.98 7.20
CA LEU A 108 9.72 9.72 7.95
C LEU A 108 9.08 10.33 9.19
N GLU A 109 8.99 9.52 10.24
CA GLU A 109 8.40 9.97 11.48
C GLU A 109 9.42 9.86 12.62
N TYR A 110 10.56 9.25 12.30
CA TYR A 110 11.62 9.08 13.28
C TYR A 110 11.13 8.28 14.48
N MET A 1 4.34 16.62 -6.62
CA MET A 1 3.32 17.39 -5.92
C MET A 1 3.01 16.76 -4.56
N GLU A 2 2.69 17.62 -3.60
CA GLU A 2 2.36 17.16 -2.26
C GLU A 2 1.03 16.41 -2.27
N TRP A 3 1.13 15.10 -2.05
CA TRP A 3 -0.05 14.26 -2.02
C TRP A 3 -0.60 14.27 -0.60
N GLU A 4 -1.91 14.46 -0.51
CA GLU A 4 -2.57 14.49 0.78
C GLU A 4 -3.78 13.56 0.78
N MET A 5 -3.87 12.74 1.82
CA MET A 5 -4.97 11.80 1.95
C MET A 5 -5.70 11.99 3.27
N GLY A 6 -6.41 10.95 3.67
CA GLY A 6 -7.16 10.99 4.92
C GLY A 6 -7.55 9.57 5.36
N LEU A 7 -6.53 8.74 5.54
CA LEU A 7 -6.76 7.37 5.97
C LEU A 7 -7.09 7.35 7.46
N GLN A 8 -7.39 6.15 7.95
CA GLN A 8 -7.72 5.99 9.35
C GLN A 8 -6.46 6.07 10.21
N GLU A 9 -6.67 6.41 11.49
CA GLU A 9 -5.57 6.52 12.42
C GLU A 9 -4.84 5.18 12.56
N GLU A 10 -5.62 4.14 12.81
CA GLU A 10 -5.07 2.81 12.96
C GLU A 10 -4.23 2.44 11.73
N PHE A 11 -4.65 2.95 10.59
CA PHE A 11 -3.94 2.68 9.34
C PHE A 11 -2.65 3.50 9.26
N LEU A 12 -2.67 4.65 9.92
CA LEU A 12 -1.51 5.53 9.93
C LEU A 12 -0.35 4.82 10.63
N GLU A 13 -0.65 4.24 11.77
CA GLU A 13 0.36 3.53 12.54
C GLU A 13 0.93 2.37 11.73
N LEU A 14 0.08 1.81 10.88
CA LEU A 14 0.48 0.69 10.03
C LEU A 14 1.63 1.14 9.13
N ILE A 15 1.46 2.32 8.54
CA ILE A 15 2.48 2.87 7.65
C ILE A 15 3.80 2.99 8.40
N LYS A 16 3.69 3.31 9.69
CA LYS A 16 4.87 3.45 10.52
C LYS A 16 5.56 2.09 10.68
N LEU A 17 4.73 1.05 10.73
CA LEU A 17 5.24 -0.30 10.87
C LEU A 17 5.62 -0.84 9.50
N ARG A 18 5.04 -0.22 8.48
CA ARG A 18 5.30 -0.64 7.11
C ARG A 18 6.67 -0.15 6.65
N LYS A 19 7.34 0.56 7.55
CA LYS A 19 8.66 1.10 7.26
C LYS A 19 9.68 -0.03 7.28
N LYS A 20 9.23 -1.19 7.75
CA LYS A 20 10.09 -2.36 7.82
C LYS A 20 9.53 -3.47 6.93
N LYS A 21 8.33 -3.22 6.43
CA LYS A 21 7.67 -4.19 5.56
C LYS A 21 7.51 -3.59 4.17
N ILE A 22 6.25 -3.42 3.77
CA ILE A 22 5.95 -2.86 2.47
C ILE A 22 4.48 -2.46 2.41
N GLU A 23 4.12 -1.78 1.34
CA GLU A 23 2.75 -1.33 1.16
C GLU A 23 2.36 -1.36 -0.32
N GLY A 24 1.60 -2.39 -0.68
CA GLY A 24 1.17 -2.56 -2.06
C GLY A 24 -0.35 -2.42 -2.16
N ARG A 25 -0.83 -2.46 -3.39
CA ARG A 25 -2.26 -2.35 -3.65
C ARG A 25 -2.52 -2.33 -5.16
N LEU A 26 -3.80 -2.19 -5.50
CA LEU A 26 -4.20 -2.15 -6.90
C LEU A 26 -3.63 -0.89 -7.55
N TYR A 27 -3.01 -1.09 -8.70
CA TYR A 27 -2.41 0.02 -9.43
C TYR A 27 -3.49 0.91 -10.04
N ASP A 28 -4.11 1.71 -9.19
CA ASP A 28 -5.16 2.61 -9.63
C ASP A 28 -4.54 3.71 -10.50
N GLU A 29 -5.39 4.65 -10.92
CA GLU A 29 -4.96 5.74 -11.75
C GLU A 29 -4.04 6.68 -10.95
N LYS A 30 -4.49 7.01 -9.75
CA LYS A 30 -3.74 7.90 -8.88
C LYS A 30 -2.45 7.20 -8.45
N ARG A 31 -2.56 5.91 -8.21
CA ARG A 31 -1.42 5.13 -7.78
C ARG A 31 -0.31 5.20 -8.83
N ARG A 32 -0.70 4.96 -10.08
CA ARG A 32 0.25 5.01 -11.18
C ARG A 32 0.79 6.43 -11.37
N GLN A 33 0.02 7.38 -10.84
CA GLN A 33 0.40 8.78 -10.94
C GLN A 33 1.54 9.10 -9.98
N ILE A 34 1.53 8.39 -8.85
CA ILE A 34 2.55 8.59 -7.84
C ILE A 34 3.90 8.07 -8.36
N LYS A 35 4.95 8.78 -8.00
CA LYS A 35 6.29 8.41 -8.42
C LYS A 35 7.25 8.53 -7.24
N PRO A 36 8.41 7.82 -7.37
CA PRO A 36 9.42 7.84 -6.32
C PRO A 36 10.19 9.16 -6.33
N GLY A 37 9.72 10.09 -5.50
CA GLY A 37 10.35 11.39 -5.40
C GLY A 37 9.34 12.46 -4.94
N ASP A 38 8.61 12.11 -3.89
CA ASP A 38 7.62 13.02 -3.35
C ASP A 38 7.21 12.55 -1.95
N VAL A 39 6.18 13.19 -1.42
CA VAL A 39 5.69 12.85 -0.10
C VAL A 39 4.16 12.83 -0.12
N ILE A 40 3.60 11.93 0.67
CA ILE A 40 2.16 11.80 0.75
C ILE A 40 1.70 12.00 2.20
N SER A 41 1.20 13.20 2.46
CA SER A 41 0.74 13.53 3.80
C SER A 41 -0.63 12.89 4.06
N PHE A 42 -0.85 12.53 5.31
CA PHE A 42 -2.10 11.90 5.70
C PHE A 42 -2.80 12.71 6.79
N GLU A 43 -4.12 12.76 6.69
CA GLU A 43 -4.92 13.49 7.66
C GLU A 43 -4.34 14.88 7.88
N GLY A 44 -3.91 15.49 6.79
CA GLY A 44 -3.33 16.83 6.85
C GLY A 44 -1.81 16.75 6.99
N GLY A 45 -1.37 16.16 8.09
CA GLY A 45 0.05 16.02 8.35
C GLY A 45 0.30 15.16 9.58
N LYS A 46 -0.60 14.20 9.79
CA LYS A 46 -0.50 13.30 10.93
C LYS A 46 0.61 12.27 10.66
N LEU A 47 0.64 11.80 9.43
CA LEU A 47 1.64 10.83 9.02
C LEU A 47 2.20 11.21 7.65
N LYS A 48 3.49 11.52 7.64
CA LYS A 48 4.16 11.89 6.42
C LYS A 48 4.93 10.69 5.86
N VAL A 49 4.75 10.46 4.57
CA VAL A 49 5.41 9.35 3.91
C VAL A 49 6.03 9.83 2.59
N ARG A 50 7.06 9.12 2.16
CA ARG A 50 7.73 9.46 0.92
C ARG A 50 7.97 8.21 0.08
N VAL A 51 7.42 8.22 -1.12
CA VAL A 51 7.56 7.10 -2.03
C VAL A 51 9.05 6.79 -2.21
N LYS A 52 9.36 5.50 -2.27
CA LYS A 52 10.73 5.06 -2.44
C LYS A 52 10.90 4.47 -3.84
N ALA A 53 9.91 3.70 -4.25
CA ALA A 53 9.93 3.08 -5.56
C ALA A 53 8.57 2.46 -5.85
N ILE A 54 8.36 2.11 -7.12
CA ILE A 54 7.11 1.50 -7.54
C ILE A 54 7.40 0.12 -8.13
N ARG A 55 6.42 -0.77 -7.98
CA ARG A 55 6.56 -2.12 -8.49
C ARG A 55 5.18 -2.69 -8.85
N VAL A 56 5.18 -3.56 -9.84
CA VAL A 56 3.94 -4.18 -10.28
C VAL A 56 4.09 -5.70 -10.24
N TYR A 57 3.00 -6.37 -9.94
CA TYR A 57 2.99 -7.82 -9.85
C TYR A 57 1.79 -8.40 -10.60
N ASN A 58 1.72 -9.73 -10.60
CA ASN A 58 0.64 -10.42 -11.28
C ASN A 58 -0.64 -10.31 -10.44
N SER A 59 -0.47 -10.53 -9.14
CA SER A 59 -1.61 -10.46 -8.23
C SER A 59 -1.11 -10.15 -6.81
N PHE A 60 -2.06 -10.04 -5.90
CA PHE A 60 -1.74 -9.74 -4.52
C PHE A 60 -1.04 -10.94 -3.85
N ARG A 61 -1.57 -12.12 -4.12
CA ARG A 61 -1.02 -13.33 -3.57
C ARG A 61 0.47 -13.45 -3.91
N GLU A 62 0.80 -12.94 -5.09
CA GLU A 62 2.18 -12.97 -5.55
C GLU A 62 3.03 -11.97 -4.79
N MET A 63 2.38 -10.87 -4.40
CA MET A 63 3.06 -9.82 -3.66
C MET A 63 3.29 -10.24 -2.20
N LEU A 64 2.20 -10.68 -1.58
CA LEU A 64 2.27 -11.12 -0.19
C LEU A 64 3.16 -12.36 -0.08
N GLU A 65 3.21 -13.09 -1.18
CA GLU A 65 4.01 -14.31 -1.22
C GLU A 65 5.49 -13.97 -1.34
N LYS A 66 5.77 -12.95 -2.15
CA LYS A 66 7.14 -12.51 -2.36
C LYS A 66 7.54 -11.57 -1.23
N GLU A 67 6.86 -10.42 -1.19
CA GLU A 67 7.14 -9.42 -0.17
C GLU A 67 6.85 -10.00 1.22
N GLY A 68 5.64 -10.52 1.37
CA GLY A 68 5.23 -11.09 2.65
C GLY A 68 3.86 -10.55 3.08
N LEU A 69 2.93 -11.47 3.26
CA LEU A 69 1.58 -11.10 3.66
C LEU A 69 1.66 -10.14 4.86
N GLU A 70 2.29 -10.62 5.93
CA GLU A 70 2.44 -9.82 7.13
C GLU A 70 3.34 -8.62 6.86
N ASN A 71 4.05 -8.69 5.73
CA ASN A 71 4.96 -7.62 5.35
C ASN A 71 4.20 -6.61 4.48
N VAL A 72 2.89 -6.62 4.62
CA VAL A 72 2.04 -5.71 3.85
C VAL A 72 0.77 -5.42 4.64
N LEU A 73 0.06 -6.50 4.98
CA LEU A 73 -1.18 -6.37 5.73
C LEU A 73 -1.00 -6.99 7.11
N PRO A 74 -0.60 -6.13 8.09
CA PRO A 74 -0.40 -6.58 9.45
C PRO A 74 -1.73 -6.82 10.16
N GLY A 75 -1.96 -8.09 10.50
CA GLY A 75 -3.18 -8.48 11.18
C GLY A 75 -3.94 -9.53 10.36
N VAL A 76 -3.72 -9.50 9.06
CA VAL A 76 -4.38 -10.44 8.17
C VAL A 76 -4.43 -11.81 8.83
N LYS A 77 -5.47 -12.56 8.47
CA LYS A 77 -5.65 -13.90 9.02
C LYS A 77 -4.83 -14.89 8.20
N SER A 78 -4.78 -14.64 6.90
CA SER A 78 -4.04 -15.51 6.00
C SER A 78 -3.95 -14.87 4.61
N ILE A 79 -3.06 -15.42 3.81
CA ILE A 79 -2.85 -14.91 2.47
C ILE A 79 -4.20 -14.85 1.73
N GLU A 80 -5.03 -15.84 2.02
CA GLU A 80 -6.35 -15.92 1.41
C GLU A 80 -7.21 -14.75 1.86
N GLU A 81 -7.24 -14.55 3.16
CA GLU A 81 -8.03 -13.46 3.74
C GLU A 81 -7.53 -12.11 3.21
N GLY A 82 -6.22 -12.00 3.09
CA GLY A 82 -5.60 -10.77 2.61
C GLY A 82 -6.22 -10.36 1.26
N ILE A 83 -6.46 -11.36 0.43
CA ILE A 83 -7.04 -11.12 -0.88
C ILE A 83 -8.46 -10.61 -0.72
N GLN A 84 -9.13 -11.12 0.31
CA GLN A 84 -10.50 -10.72 0.59
C GLN A 84 -10.56 -9.25 0.99
N VAL A 85 -9.53 -8.82 1.73
CA VAL A 85 -9.45 -7.44 2.17
C VAL A 85 -9.29 -6.52 0.97
N TYR A 86 -8.46 -6.95 0.03
CA TYR A 86 -8.22 -6.18 -1.18
C TYR A 86 -9.46 -6.17 -2.07
N ARG A 87 -10.22 -7.24 -1.98
CA ARG A 87 -11.43 -7.37 -2.79
C ARG A 87 -12.52 -6.47 -2.24
N ARG A 88 -12.73 -6.55 -0.93
CA ARG A 88 -13.75 -5.75 -0.27
C ARG A 88 -13.55 -4.27 -0.61
N PHE A 89 -12.29 -3.85 -0.59
CA PHE A 89 -11.96 -2.47 -0.88
C PHE A 89 -11.80 -2.25 -2.39
N TYR A 90 -10.94 -3.06 -2.98
CA TYR A 90 -10.70 -2.96 -4.41
C TYR A 90 -11.50 -4.01 -5.18
N ASP A 91 -12.07 -3.58 -6.29
CA ASP A 91 -12.87 -4.47 -7.12
C ASP A 91 -11.97 -5.56 -7.70
N GLU A 92 -12.52 -6.77 -7.77
CA GLU A 92 -11.77 -7.89 -8.31
C GLU A 92 -11.52 -7.70 -9.80
N GLU A 93 -12.55 -7.22 -10.49
CA GLU A 93 -12.44 -6.99 -11.92
C GLU A 93 -11.31 -5.99 -12.21
N LYS A 94 -11.41 -4.83 -11.57
CA LYS A 94 -10.41 -3.80 -11.74
C LYS A 94 -9.04 -4.33 -11.32
N GLU A 95 -9.06 -5.12 -10.25
CA GLU A 95 -7.82 -5.70 -9.74
C GLU A 95 -7.22 -6.66 -10.78
N LYS A 96 -8.04 -7.59 -11.22
CA LYS A 96 -7.60 -8.56 -12.21
C LYS A 96 -7.27 -7.84 -13.52
N LYS A 97 -7.75 -6.61 -13.62
CA LYS A 97 -7.52 -5.81 -14.81
C LYS A 97 -6.04 -5.43 -14.89
N TYR A 98 -5.58 -4.75 -13.86
CA TYR A 98 -4.20 -4.32 -13.79
C TYR A 98 -3.37 -5.26 -12.91
N GLY A 99 -3.87 -5.49 -11.71
CA GLY A 99 -3.19 -6.37 -10.77
C GLY A 99 -2.88 -5.63 -9.46
N VAL A 100 -1.66 -5.84 -8.98
CA VAL A 100 -1.22 -5.20 -7.75
C VAL A 100 0.16 -4.58 -7.96
N VAL A 101 0.44 -3.56 -7.17
CA VAL A 101 1.72 -2.88 -7.25
C VAL A 101 2.24 -2.60 -5.83
N ALA A 102 3.30 -3.31 -5.47
CA ALA A 102 3.90 -3.15 -4.16
C ALA A 102 4.83 -1.94 -4.18
N ILE A 103 4.31 -0.82 -3.71
CA ILE A 103 5.08 0.41 -3.67
C ILE A 103 5.83 0.49 -2.33
N GLU A 104 7.09 0.87 -2.41
CA GLU A 104 7.92 0.99 -1.22
C GLU A 104 7.85 2.41 -0.67
N ILE A 105 7.27 2.54 0.51
CA ILE A 105 7.14 3.85 1.14
C ILE A 105 7.88 3.83 2.49
N GLU A 106 8.04 5.01 3.05
CA GLU A 106 8.72 5.15 4.32
C GLU A 106 8.36 6.47 4.99
N PRO A 107 7.63 6.36 6.13
CA PRO A 107 7.22 7.54 6.87
C PRO A 107 8.39 8.16 7.64
N LEU A 108 8.79 9.34 7.19
CA LEU A 108 9.89 10.05 7.81
C LEU A 108 9.35 11.00 8.88
N GLU A 109 9.08 10.44 10.05
CA GLU A 109 8.55 11.22 11.16
C GLU A 109 9.37 10.96 12.43
N TYR A 110 8.81 10.12 13.29
CA TYR A 110 9.46 9.78 14.54
C TYR A 110 9.49 8.27 14.76
N MET A 1 5.37 16.08 -6.26
CA MET A 1 4.30 16.88 -5.71
C MET A 1 3.78 16.29 -4.39
N GLU A 2 3.62 17.17 -3.41
CA GLU A 2 3.14 16.74 -2.10
C GLU A 2 1.72 16.21 -2.20
N TRP A 3 1.58 14.94 -1.88
CA TRP A 3 0.27 14.30 -1.94
C TRP A 3 -0.35 14.36 -0.54
N GLU A 4 -1.67 14.32 -0.51
CA GLU A 4 -2.39 14.38 0.75
C GLU A 4 -3.57 13.39 0.74
N MET A 5 -3.57 12.50 1.72
CA MET A 5 -4.63 11.52 1.84
C MET A 5 -5.21 11.50 3.24
N GLY A 6 -6.11 10.55 3.47
CA GLY A 6 -6.75 10.41 4.75
C GLY A 6 -7.13 8.95 5.03
N LEU A 7 -6.97 8.56 6.29
CA LEU A 7 -7.29 7.20 6.70
C LEU A 7 -7.28 7.12 8.22
N GLN A 8 -8.12 6.22 8.74
CA GLN A 8 -8.22 6.03 10.17
C GLN A 8 -6.83 6.09 10.82
N GLU A 9 -6.79 6.75 11.97
CA GLU A 9 -5.54 6.89 12.69
C GLU A 9 -4.89 5.53 12.91
N GLU A 10 -5.75 4.52 13.05
CA GLU A 10 -5.28 3.17 13.27
C GLU A 10 -4.41 2.70 12.09
N PHE A 11 -4.80 3.15 10.90
CA PHE A 11 -4.08 2.80 9.69
C PHE A 11 -2.74 3.55 9.62
N LEU A 12 -2.78 4.80 10.04
CA LEU A 12 -1.59 5.63 10.02
C LEU A 12 -0.47 4.93 10.80
N GLU A 13 -0.86 4.34 11.93
CA GLU A 13 0.10 3.64 12.77
C GLU A 13 0.66 2.42 12.02
N LEU A 14 -0.17 1.85 11.17
CA LEU A 14 0.23 0.69 10.40
C LEU A 14 1.31 1.09 9.39
N ILE A 15 1.07 2.22 8.74
CA ILE A 15 2.01 2.73 7.75
C ILE A 15 3.37 2.90 8.40
N LYS A 16 3.37 3.48 9.59
CA LYS A 16 4.61 3.70 10.33
C LYS A 16 5.35 2.38 10.48
N LEU A 17 4.57 1.30 10.56
CA LEU A 17 5.14 -0.03 10.71
C LEU A 17 5.49 -0.58 9.32
N ARG A 18 4.86 0.01 8.31
CA ARG A 18 5.09 -0.43 6.94
C ARG A 18 6.47 0.06 6.45
N LYS A 19 7.16 0.74 7.35
CA LYS A 19 8.48 1.26 7.03
C LYS A 19 9.48 0.10 6.97
N LYS A 20 9.20 -0.92 7.76
CA LYS A 20 10.06 -2.09 7.80
C LYS A 20 9.39 -3.24 7.05
N LYS A 21 8.22 -2.94 6.51
CA LYS A 21 7.47 -3.94 5.75
C LYS A 21 7.28 -3.45 4.32
N ILE A 22 6.03 -3.21 3.97
CA ILE A 22 5.69 -2.73 2.64
C ILE A 22 4.25 -2.24 2.62
N GLU A 23 3.86 -1.68 1.48
CA GLU A 23 2.51 -1.16 1.32
C GLU A 23 2.02 -1.40 -0.11
N GLY A 24 1.22 -2.45 -0.25
CA GLY A 24 0.68 -2.80 -1.56
C GLY A 24 -0.62 -2.02 -1.84
N ARG A 25 -1.20 -2.30 -2.99
CA ARG A 25 -2.44 -1.65 -3.39
C ARG A 25 -2.62 -1.73 -4.90
N LEU A 26 -3.74 -2.33 -5.30
CA LEU A 26 -4.04 -2.49 -6.71
C LEU A 26 -3.63 -1.21 -7.45
N TYR A 27 -2.94 -1.41 -8.57
CA TYR A 27 -2.48 -0.29 -9.38
C TYR A 27 -3.67 0.51 -9.90
N ASP A 28 -3.90 1.65 -9.24
CA ASP A 28 -4.99 2.53 -9.63
C ASP A 28 -4.43 3.70 -10.44
N GLU A 29 -5.29 4.69 -10.64
CA GLU A 29 -4.89 5.87 -11.39
C GLU A 29 -4.01 6.77 -10.53
N LYS A 30 -4.39 6.91 -9.28
CA LYS A 30 -3.64 7.73 -8.35
C LYS A 30 -2.27 7.10 -8.10
N ARG A 31 -2.28 5.79 -7.94
CA ARG A 31 -1.06 5.04 -7.70
C ARG A 31 -0.06 5.31 -8.82
N ARG A 32 -0.52 5.12 -10.04
CA ARG A 32 0.33 5.33 -11.20
C ARG A 32 0.75 6.81 -11.29
N GLN A 33 -0.03 7.65 -10.64
CA GLN A 33 0.24 9.08 -10.65
C GLN A 33 1.43 9.39 -9.73
N ILE A 34 1.49 8.66 -8.63
CA ILE A 34 2.57 8.85 -7.66
C ILE A 34 3.85 8.23 -8.21
N LYS A 35 4.96 8.67 -7.66
CA LYS A 35 6.26 8.17 -8.08
C LYS A 35 7.21 8.16 -6.89
N PRO A 36 8.34 7.40 -7.06
CA PRO A 36 9.33 7.30 -6.00
C PRO A 36 10.16 8.57 -5.89
N GLY A 37 9.84 9.36 -4.87
CA GLY A 37 10.55 10.61 -4.64
C GLY A 37 9.64 11.63 -3.95
N ASP A 38 8.37 11.59 -4.32
CA ASP A 38 7.39 12.51 -3.76
C ASP A 38 7.05 12.05 -2.34
N VAL A 39 6.16 12.81 -1.71
CA VAL A 39 5.73 12.51 -0.35
C VAL A 39 4.22 12.71 -0.23
N ILE A 40 3.63 11.95 0.67
CA ILE A 40 2.19 12.04 0.89
C ILE A 40 1.93 12.44 2.35
N SER A 41 0.80 13.10 2.55
CA SER A 41 0.42 13.54 3.89
C SER A 41 -0.97 13.00 4.24
N PHE A 42 -1.03 12.32 5.37
CA PHE A 42 -2.28 11.75 5.83
C PHE A 42 -2.94 12.66 6.88
N GLU A 43 -4.26 12.57 6.93
CA GLU A 43 -5.03 13.38 7.88
C GLU A 43 -4.42 14.78 7.99
N GLY A 44 -4.02 15.31 6.85
CA GLY A 44 -3.42 16.63 6.80
C GLY A 44 -1.89 16.55 6.91
N GLY A 45 -1.44 16.05 8.06
CA GLY A 45 -0.01 15.91 8.29
C GLY A 45 0.26 15.05 9.53
N LYS A 46 -0.67 14.13 9.78
CA LYS A 46 -0.55 13.24 10.92
C LYS A 46 0.50 12.17 10.61
N LEU A 47 0.59 11.82 9.34
CA LEU A 47 1.55 10.82 8.90
C LEU A 47 1.94 11.10 7.45
N LYS A 48 3.24 11.06 7.21
CA LYS A 48 3.77 11.31 5.88
C LYS A 48 4.68 10.15 5.48
N VAL A 49 4.73 9.90 4.18
CA VAL A 49 5.56 8.83 3.65
C VAL A 49 6.22 9.29 2.35
N ARG A 50 7.29 8.60 1.99
CA ARG A 50 8.02 8.94 0.78
C ARG A 50 8.21 7.68 -0.09
N VAL A 51 7.61 7.72 -1.27
CA VAL A 51 7.71 6.60 -2.20
C VAL A 51 9.18 6.27 -2.44
N LYS A 52 9.49 4.98 -2.36
CA LYS A 52 10.85 4.53 -2.57
C LYS A 52 10.98 3.95 -3.98
N ALA A 53 9.99 3.17 -4.36
CA ALA A 53 9.99 2.55 -5.68
C ALA A 53 8.62 1.88 -5.91
N ILE A 54 8.31 1.69 -7.19
CA ILE A 54 7.04 1.07 -7.56
C ILE A 54 7.33 -0.32 -8.14
N ARG A 55 6.37 -1.21 -7.94
CA ARG A 55 6.49 -2.57 -8.43
C ARG A 55 5.15 -3.08 -8.91
N VAL A 56 5.20 -4.06 -9.81
CA VAL A 56 4.00 -4.64 -10.36
C VAL A 56 4.10 -6.18 -10.32
N TYR A 57 2.99 -6.80 -9.99
CA TYR A 57 2.93 -8.25 -9.91
C TYR A 57 1.73 -8.81 -10.66
N ASN A 58 1.63 -10.13 -10.65
CA ASN A 58 0.54 -10.79 -11.33
C ASN A 58 -0.74 -10.65 -10.49
N SER A 59 -0.58 -10.89 -9.19
CA SER A 59 -1.71 -10.79 -8.28
C SER A 59 -1.21 -10.46 -6.87
N PHE A 60 -2.14 -10.08 -6.02
CA PHE A 60 -1.81 -9.73 -4.64
C PHE A 60 -1.13 -10.91 -3.93
N ARG A 61 -1.61 -12.10 -4.26
CA ARG A 61 -1.05 -13.31 -3.67
C ARG A 61 0.45 -13.39 -3.90
N GLU A 62 0.85 -13.03 -5.12
CA GLU A 62 2.25 -13.06 -5.49
C GLU A 62 3.02 -12.02 -4.68
N MET A 63 2.42 -10.85 -4.56
CA MET A 63 3.05 -9.75 -3.82
C MET A 63 3.25 -10.15 -2.35
N LEU A 64 2.18 -10.64 -1.75
CA LEU A 64 2.22 -11.05 -0.35
C LEU A 64 3.15 -12.26 -0.21
N GLU A 65 3.23 -13.04 -1.28
CA GLU A 65 4.07 -14.22 -1.28
C GLU A 65 5.54 -13.83 -1.45
N LYS A 66 5.76 -12.89 -2.37
CA LYS A 66 7.11 -12.42 -2.64
C LYS A 66 7.48 -11.35 -1.60
N GLU A 67 6.77 -10.24 -1.65
CA GLU A 67 7.03 -9.15 -0.72
C GLU A 67 6.85 -9.62 0.72
N GLY A 68 5.71 -10.24 0.97
CA GLY A 68 5.40 -10.74 2.30
C GLY A 68 4.03 -10.26 2.78
N LEU A 69 3.18 -11.22 3.12
CA LEU A 69 1.84 -10.91 3.58
C LEU A 69 1.94 -9.98 4.80
N GLU A 70 2.62 -10.46 5.82
CA GLU A 70 2.79 -9.68 7.04
C GLU A 70 3.64 -8.45 6.77
N ASN A 71 4.38 -8.50 5.66
CA ASN A 71 5.23 -7.39 5.28
C ASN A 71 4.45 -6.42 4.40
N VAL A 72 3.14 -6.62 4.39
CA VAL A 72 2.27 -5.76 3.60
C VAL A 72 1.02 -5.42 4.41
N LEU A 73 0.32 -6.46 4.83
CA LEU A 73 -0.89 -6.28 5.62
C LEU A 73 -0.65 -6.82 7.03
N PRO A 74 -0.32 -5.86 7.95
CA PRO A 74 -0.06 -6.23 9.34
C PRO A 74 -1.37 -6.53 10.08
N GLY A 75 -1.48 -7.77 10.52
CA GLY A 75 -2.67 -8.20 11.24
C GLY A 75 -3.44 -9.26 10.45
N VAL A 76 -3.21 -9.25 9.13
CA VAL A 76 -3.88 -10.21 8.26
C VAL A 76 -3.92 -11.58 8.94
N LYS A 77 -4.97 -12.32 8.64
CA LYS A 77 -5.13 -13.65 9.19
C LYS A 77 -4.37 -14.66 8.35
N SER A 78 -4.40 -14.43 7.05
CA SER A 78 -3.72 -15.31 6.11
C SER A 78 -3.64 -14.66 4.73
N ILE A 79 -2.78 -15.23 3.89
CA ILE A 79 -2.60 -14.71 2.55
C ILE A 79 -3.96 -14.66 1.84
N GLU A 80 -4.77 -15.68 2.09
CA GLU A 80 -6.09 -15.76 1.49
C GLU A 80 -6.97 -14.62 2.01
N GLU A 81 -6.92 -14.43 3.32
CA GLU A 81 -7.71 -13.39 3.95
C GLU A 81 -7.27 -12.01 3.46
N GLY A 82 -5.96 -11.87 3.29
CA GLY A 82 -5.40 -10.62 2.82
C GLY A 82 -6.02 -10.19 1.49
N ILE A 83 -6.02 -11.13 0.56
CA ILE A 83 -6.59 -10.88 -0.76
C ILE A 83 -8.05 -10.44 -0.61
N GLN A 84 -8.74 -11.11 0.30
CA GLN A 84 -10.14 -10.80 0.55
C GLN A 84 -10.30 -9.33 0.95
N VAL A 85 -9.34 -8.86 1.71
CA VAL A 85 -9.35 -7.47 2.17
C VAL A 85 -9.24 -6.55 0.97
N TYR A 86 -8.26 -6.83 0.12
CA TYR A 86 -8.02 -6.03 -1.06
C TYR A 86 -9.20 -6.14 -2.03
N ARG A 87 -9.86 -7.29 -2.00
CA ARG A 87 -10.99 -7.53 -2.86
C ARG A 87 -12.22 -6.79 -2.35
N ARG A 88 -12.31 -6.70 -1.03
CA ARG A 88 -13.43 -6.01 -0.40
C ARG A 88 -13.42 -4.52 -0.77
N PHE A 89 -12.23 -3.93 -0.63
CA PHE A 89 -12.08 -2.52 -0.94
C PHE A 89 -11.95 -2.30 -2.45
N TYR A 90 -11.02 -3.04 -3.05
CA TYR A 90 -10.79 -2.95 -4.48
C TYR A 90 -11.62 -3.97 -5.24
N ASP A 91 -12.09 -3.55 -6.41
CA ASP A 91 -12.91 -4.41 -7.24
C ASP A 91 -12.04 -5.54 -7.79
N GLU A 92 -12.66 -6.70 -7.96
CA GLU A 92 -11.97 -7.86 -8.48
C GLU A 92 -11.69 -7.70 -9.98
N GLU A 93 -12.64 -7.06 -10.65
CA GLU A 93 -12.53 -6.83 -12.08
C GLU A 93 -11.35 -5.90 -12.38
N LYS A 94 -11.38 -4.74 -11.73
CA LYS A 94 -10.33 -3.75 -11.92
C LYS A 94 -8.98 -4.37 -11.52
N GLU A 95 -9.01 -5.11 -10.41
CA GLU A 95 -7.80 -5.76 -9.93
C GLU A 95 -7.28 -6.76 -10.96
N LYS A 96 -8.17 -7.64 -11.38
CA LYS A 96 -7.81 -8.66 -12.37
C LYS A 96 -7.46 -7.97 -13.69
N LYS A 97 -7.80 -6.70 -13.77
CA LYS A 97 -7.53 -5.91 -14.97
C LYS A 97 -6.04 -5.59 -15.04
N TYR A 98 -5.58 -4.90 -14.00
CA TYR A 98 -4.18 -4.52 -13.93
C TYR A 98 -3.38 -5.50 -13.07
N GLY A 99 -3.88 -5.71 -11.86
CA GLY A 99 -3.23 -6.62 -10.93
C GLY A 99 -2.92 -5.92 -9.61
N VAL A 100 -1.69 -6.13 -9.14
CA VAL A 100 -1.26 -5.52 -7.89
C VAL A 100 0.12 -4.88 -8.09
N VAL A 101 0.38 -3.85 -7.31
CA VAL A 101 1.65 -3.15 -7.38
C VAL A 101 2.16 -2.84 -5.97
N ALA A 102 3.19 -3.57 -5.59
CA ALA A 102 3.78 -3.39 -4.27
C ALA A 102 4.58 -2.09 -4.24
N ILE A 103 3.93 -1.05 -3.71
CA ILE A 103 4.57 0.25 -3.61
C ILE A 103 5.39 0.32 -2.33
N GLU A 104 6.65 0.68 -2.48
CA GLU A 104 7.55 0.78 -1.35
C GLU A 104 7.57 2.22 -0.82
N ILE A 105 6.93 2.42 0.32
CA ILE A 105 6.87 3.73 0.93
C ILE A 105 7.78 3.76 2.16
N GLU A 106 7.91 4.95 2.73
CA GLU A 106 8.74 5.12 3.91
C GLU A 106 8.27 6.34 4.72
N PRO A 107 7.53 6.03 5.83
CA PRO A 107 7.01 7.07 6.69
C PRO A 107 8.13 7.66 7.56
N LEU A 108 8.55 8.86 7.17
CA LEU A 108 9.60 9.55 7.91
C LEU A 108 8.98 10.37 9.03
N GLU A 109 8.81 9.71 10.18
CA GLU A 109 8.23 10.38 11.33
C GLU A 109 8.83 9.82 12.62
N TYR A 110 8.06 9.00 13.31
CA TYR A 110 8.51 8.40 14.55
C TYR A 110 7.77 7.08 14.82
N MET A 1 3.39 18.93 -6.22
CA MET A 1 2.54 17.83 -6.60
C MET A 1 2.42 16.81 -5.46
N GLU A 2 2.52 17.32 -4.24
CA GLU A 2 2.43 16.48 -3.06
C GLU A 2 1.03 15.85 -2.96
N TRP A 3 0.99 14.64 -2.44
CA TRP A 3 -0.27 13.93 -2.29
C TRP A 3 -0.69 14.03 -0.82
N GLU A 4 -2.00 14.12 -0.62
CA GLU A 4 -2.54 14.22 0.73
C GLU A 4 -3.83 13.41 0.84
N MET A 5 -3.97 12.75 1.98
CA MET A 5 -5.15 11.93 2.22
C MET A 5 -5.63 12.08 3.66
N GLY A 6 -6.61 11.25 4.02
CA GLY A 6 -7.15 11.27 5.36
C GLY A 6 -7.69 9.91 5.76
N LEU A 7 -6.79 8.94 5.81
CA LEU A 7 -7.16 7.58 6.17
C LEU A 7 -7.37 7.50 7.68
N GLN A 8 -7.63 6.29 8.15
CA GLN A 8 -7.86 6.07 9.56
C GLN A 8 -6.53 6.12 10.34
N GLU A 9 -6.63 6.50 11.60
CA GLU A 9 -5.46 6.60 12.45
C GLU A 9 -4.80 5.24 12.60
N GLU A 10 -5.62 4.25 12.94
CA GLU A 10 -5.13 2.90 13.12
C GLU A 10 -4.34 2.44 11.89
N PHE A 11 -4.77 2.95 10.75
CA PHE A 11 -4.11 2.60 9.49
C PHE A 11 -2.78 3.34 9.35
N LEU A 12 -2.74 4.54 9.91
CA LEU A 12 -1.54 5.36 9.85
C LEU A 12 -0.39 4.61 10.55
N GLU A 13 -0.71 4.08 11.72
CA GLU A 13 0.27 3.35 12.50
C GLU A 13 0.85 2.19 11.68
N LEU A 14 0.00 1.62 10.84
CA LEU A 14 0.40 0.51 10.00
C LEU A 14 1.55 0.96 9.09
N ILE A 15 1.39 2.16 8.52
CA ILE A 15 2.40 2.70 7.64
C ILE A 15 3.74 2.78 8.38
N LYS A 16 3.64 3.10 9.67
CA LYS A 16 4.82 3.21 10.50
C LYS A 16 5.50 1.85 10.61
N LEU A 17 4.67 0.81 10.54
CA LEU A 17 5.17 -0.56 10.62
C LEU A 17 5.62 -1.02 9.25
N ARG A 18 5.08 -0.36 8.22
CA ARG A 18 5.41 -0.69 6.85
C ARG A 18 6.77 -0.10 6.48
N LYS A 19 7.39 0.55 7.45
CA LYS A 19 8.68 1.17 7.24
C LYS A 19 9.75 0.07 7.14
N LYS A 20 9.35 -1.14 7.51
CA LYS A 20 10.25 -2.27 7.48
C LYS A 20 9.57 -3.43 6.75
N LYS A 21 8.41 -3.15 6.19
CA LYS A 21 7.66 -4.15 5.47
C LYS A 21 7.33 -3.64 4.06
N ILE A 22 6.05 -3.46 3.82
CA ILE A 22 5.59 -2.97 2.52
C ILE A 22 4.11 -2.58 2.62
N GLU A 23 3.59 -2.10 1.50
CA GLU A 23 2.20 -1.69 1.45
C GLU A 23 1.61 -2.01 0.08
N GLY A 24 0.42 -2.61 0.09
CA GLY A 24 -0.26 -2.98 -1.13
C GLY A 24 -1.25 -1.89 -1.54
N ARG A 25 -1.54 -1.86 -2.84
CA ARG A 25 -2.48 -0.88 -3.38
C ARG A 25 -2.56 -1.01 -4.90
N LEU A 26 -3.61 -1.66 -5.36
CA LEU A 26 -3.80 -1.84 -6.78
C LEU A 26 -3.37 -0.57 -7.53
N TYR A 27 -2.75 -0.78 -8.68
CA TYR A 27 -2.29 0.33 -9.48
C TYR A 27 -3.46 1.08 -10.13
N ASP A 28 -4.01 2.01 -9.36
CA ASP A 28 -5.12 2.81 -9.84
C ASP A 28 -4.62 3.94 -10.73
N GLU A 29 -5.54 4.79 -11.13
CA GLU A 29 -5.20 5.92 -11.99
C GLU A 29 -4.35 6.93 -11.21
N LYS A 30 -4.77 7.18 -9.97
CA LYS A 30 -4.06 8.11 -9.12
C LYS A 30 -2.66 7.59 -8.82
N ARG A 31 -2.61 6.29 -8.52
CA ARG A 31 -1.33 5.66 -8.22
C ARG A 31 -0.36 5.83 -9.38
N ARG A 32 -0.87 5.61 -10.58
CA ARG A 32 -0.06 5.74 -11.78
C ARG A 32 0.65 7.10 -11.79
N GLN A 33 -0.04 8.10 -11.29
CA GLN A 33 0.51 9.45 -11.23
C GLN A 33 1.57 9.54 -10.13
N ILE A 34 1.41 8.68 -9.13
CA ILE A 34 2.34 8.67 -8.02
C ILE A 34 3.67 8.04 -8.48
N LYS A 35 4.76 8.53 -7.91
CA LYS A 35 6.08 8.04 -8.24
C LYS A 35 6.98 8.11 -7.01
N PRO A 36 8.11 7.36 -7.08
CA PRO A 36 9.06 7.33 -5.98
C PRO A 36 9.87 8.62 -5.92
N GLY A 37 9.44 9.51 -5.04
CA GLY A 37 10.12 10.79 -4.87
C GLY A 37 9.21 11.81 -4.17
N ASP A 38 7.92 11.70 -4.45
CA ASP A 38 6.95 12.60 -3.87
C ASP A 38 6.70 12.18 -2.41
N VAL A 39 5.74 12.84 -1.80
CA VAL A 39 5.39 12.56 -0.41
C VAL A 39 3.87 12.48 -0.28
N ILE A 40 3.43 11.77 0.75
CA ILE A 40 2.01 11.62 1.01
C ILE A 40 1.71 12.05 2.44
N SER A 41 0.97 13.15 2.56
CA SER A 41 0.61 13.67 3.86
C SER A 41 -0.75 13.10 4.29
N PHE A 42 -0.72 12.40 5.41
CA PHE A 42 -1.94 11.80 5.94
C PHE A 42 -2.51 12.63 7.09
N GLU A 43 -3.83 12.63 7.20
CA GLU A 43 -4.50 13.38 8.25
C GLU A 43 -3.91 14.79 8.35
N GLY A 44 -3.48 15.31 7.22
CA GLY A 44 -2.90 16.64 7.18
C GLY A 44 -1.37 16.57 7.29
N GLY A 45 -0.92 16.06 8.43
CA GLY A 45 0.51 15.93 8.68
C GLY A 45 0.77 15.02 9.89
N LYS A 46 -0.17 14.12 10.13
CA LYS A 46 -0.05 13.19 11.23
C LYS A 46 0.95 12.09 10.87
N LEU A 47 0.93 11.71 9.60
CA LEU A 47 1.82 10.67 9.12
C LEU A 47 2.25 11.00 7.68
N LYS A 48 3.53 11.30 7.53
CA LYS A 48 4.07 11.63 6.23
C LYS A 48 4.94 10.48 5.73
N VAL A 49 4.76 10.14 4.46
CA VAL A 49 5.51 9.06 3.85
C VAL A 49 6.01 9.51 2.47
N ARG A 50 7.13 8.93 2.07
CA ARG A 50 7.72 9.25 0.77
C ARG A 50 7.98 7.97 -0.02
N VAL A 51 7.37 7.91 -1.19
CA VAL A 51 7.54 6.75 -2.06
C VAL A 51 9.02 6.50 -2.30
N LYS A 52 9.40 5.24 -2.28
CA LYS A 52 10.79 4.87 -2.49
C LYS A 52 10.92 4.24 -3.89
N ALA A 53 9.96 3.39 -4.23
CA ALA A 53 9.96 2.73 -5.51
C ALA A 53 8.60 2.09 -5.75
N ILE A 54 8.33 1.79 -7.01
CA ILE A 54 7.07 1.18 -7.40
C ILE A 54 7.34 -0.20 -8.02
N ARG A 55 6.38 -1.09 -7.82
CA ARG A 55 6.50 -2.44 -8.37
C ARG A 55 5.14 -2.94 -8.86
N VAL A 56 5.20 -4.01 -9.64
CA VAL A 56 3.97 -4.59 -10.19
C VAL A 56 4.05 -6.11 -10.06
N TYR A 57 2.91 -6.70 -9.70
CA TYR A 57 2.84 -8.13 -9.54
C TYR A 57 1.61 -8.71 -10.26
N ASN A 58 1.46 -10.02 -10.18
CA ASN A 58 0.35 -10.69 -10.82
C ASN A 58 -0.92 -10.48 -9.99
N SER A 59 -0.76 -10.66 -8.68
CA SER A 59 -1.87 -10.49 -7.76
C SER A 59 -1.36 -10.23 -6.35
N PHE A 60 -2.29 -10.03 -5.43
CA PHE A 60 -1.94 -9.77 -4.05
C PHE A 60 -1.18 -10.96 -3.45
N ARG A 61 -1.60 -12.15 -3.84
CA ARG A 61 -0.96 -13.36 -3.36
C ARG A 61 0.54 -13.33 -3.63
N GLU A 62 0.86 -13.18 -4.91
CA GLU A 62 2.27 -13.12 -5.32
C GLU A 62 3.01 -12.05 -4.53
N MET A 63 2.29 -11.00 -4.18
CA MET A 63 2.88 -9.91 -3.42
C MET A 63 3.06 -10.29 -1.95
N LEU A 64 2.05 -10.95 -1.41
CA LEU A 64 2.10 -11.39 -0.03
C LEU A 64 3.06 -12.57 0.10
N GLU A 65 3.10 -13.37 -0.95
CA GLU A 65 3.98 -14.54 -0.97
C GLU A 65 5.42 -14.11 -1.21
N LYS A 66 5.60 -13.21 -2.17
CA LYS A 66 6.92 -12.73 -2.51
C LYS A 66 7.33 -11.63 -1.51
N GLU A 67 6.58 -10.54 -1.55
CA GLU A 67 6.85 -9.43 -0.66
C GLU A 67 6.70 -9.86 0.80
N GLY A 68 5.56 -10.49 1.08
CA GLY A 68 5.28 -10.95 2.43
C GLY A 68 3.91 -10.48 2.90
N LEU A 69 3.10 -11.45 3.33
CA LEU A 69 1.76 -11.16 3.81
C LEU A 69 1.85 -10.15 4.96
N GLU A 70 2.55 -10.55 6.01
CA GLU A 70 2.71 -9.70 7.17
C GLU A 70 3.58 -8.49 6.83
N ASN A 71 4.28 -8.60 5.71
CA ASN A 71 5.16 -7.54 5.26
C ASN A 71 4.36 -6.59 4.36
N VAL A 72 3.04 -6.77 4.37
CA VAL A 72 2.17 -5.93 3.57
C VAL A 72 0.94 -5.55 4.39
N LEU A 73 0.23 -6.58 4.83
CA LEU A 73 -0.97 -6.37 5.64
C LEU A 73 -0.71 -6.84 7.07
N PRO A 74 -0.39 -5.85 7.95
CA PRO A 74 -0.11 -6.15 9.35
C PRO A 74 -1.41 -6.45 10.10
N GLY A 75 -1.51 -7.69 10.56
CA GLY A 75 -2.69 -8.11 11.29
C GLY A 75 -3.45 -9.21 10.54
N VAL A 76 -3.26 -9.21 9.23
CA VAL A 76 -3.92 -10.20 8.38
C VAL A 76 -3.93 -11.55 9.10
N LYS A 77 -4.99 -12.31 8.86
CA LYS A 77 -5.13 -13.62 9.47
C LYS A 77 -4.39 -14.66 8.62
N SER A 78 -4.49 -14.49 7.31
CA SER A 78 -3.85 -15.39 6.38
C SER A 78 -3.75 -14.75 5.00
N ILE A 79 -2.92 -15.36 4.15
CA ILE A 79 -2.73 -14.85 2.81
C ILE A 79 -4.08 -14.75 2.10
N GLU A 80 -4.88 -15.79 2.27
CA GLU A 80 -6.20 -15.84 1.66
C GLU A 80 -7.07 -14.71 2.21
N GLU A 81 -7.07 -14.59 3.53
CA GLU A 81 -7.86 -13.56 4.18
C GLU A 81 -7.38 -12.17 3.75
N GLY A 82 -6.08 -12.08 3.51
CA GLY A 82 -5.48 -10.83 3.10
C GLY A 82 -6.06 -10.35 1.77
N ILE A 83 -6.08 -11.26 0.81
CA ILE A 83 -6.61 -10.96 -0.51
C ILE A 83 -8.06 -10.49 -0.38
N GLN A 84 -8.76 -11.09 0.57
CA GLN A 84 -10.15 -10.75 0.81
C GLN A 84 -10.28 -9.28 1.19
N VAL A 85 -9.28 -8.81 1.94
CA VAL A 85 -9.27 -7.42 2.37
C VAL A 85 -9.14 -6.50 1.16
N TYR A 86 -8.27 -6.90 0.25
CA TYR A 86 -8.05 -6.13 -0.97
C TYR A 86 -9.23 -6.27 -1.93
N ARG A 87 -9.94 -7.37 -1.80
CA ARG A 87 -11.10 -7.62 -2.63
C ARG A 87 -12.28 -6.74 -2.21
N ARG A 88 -12.41 -6.59 -0.90
CA ARG A 88 -13.48 -5.77 -0.34
C ARG A 88 -13.30 -4.32 -0.74
N PHE A 89 -12.07 -3.84 -0.62
CA PHE A 89 -11.76 -2.47 -0.97
C PHE A 89 -11.59 -2.31 -2.48
N TYR A 90 -10.70 -3.12 -3.04
CA TYR A 90 -10.44 -3.08 -4.46
C TYR A 90 -11.25 -4.14 -5.20
N ASP A 91 -11.73 -3.76 -6.39
CA ASP A 91 -12.52 -4.67 -7.19
C ASP A 91 -11.59 -5.70 -7.85
N GLU A 92 -12.15 -6.88 -8.09
CA GLU A 92 -11.40 -7.95 -8.71
C GLU A 92 -11.21 -7.69 -10.21
N GLU A 93 -12.15 -6.92 -10.75
CA GLU A 93 -12.12 -6.58 -12.17
C GLU A 93 -10.99 -5.58 -12.45
N LYS A 94 -11.04 -4.47 -11.73
CA LYS A 94 -10.04 -3.43 -11.88
C LYS A 94 -8.66 -4.02 -11.61
N GLU A 95 -8.57 -4.80 -10.54
CA GLU A 95 -7.32 -5.43 -10.16
C GLU A 95 -6.85 -6.38 -11.25
N LYS A 96 -7.77 -7.23 -11.68
CA LYS A 96 -7.46 -8.21 -12.72
C LYS A 96 -6.98 -7.47 -13.98
N LYS A 97 -7.26 -6.17 -14.00
CA LYS A 97 -6.86 -5.35 -15.13
C LYS A 97 -5.36 -5.08 -15.06
N TYR A 98 -4.95 -4.47 -13.96
CA TYR A 98 -3.55 -4.15 -13.76
C TYR A 98 -2.90 -5.15 -12.79
N GLY A 99 -3.49 -5.25 -11.61
CA GLY A 99 -2.98 -6.17 -10.60
C GLY A 99 -2.69 -5.42 -9.29
N VAL A 100 -1.60 -5.83 -8.65
CA VAL A 100 -1.20 -5.21 -7.41
C VAL A 100 0.23 -4.68 -7.54
N VAL A 101 0.39 -3.40 -7.25
CA VAL A 101 1.70 -2.76 -7.34
C VAL A 101 2.22 -2.51 -5.94
N ALA A 102 3.20 -3.30 -5.55
CA ALA A 102 3.81 -3.17 -4.24
C ALA A 102 4.73 -1.96 -4.21
N ILE A 103 4.21 -0.85 -3.71
CA ILE A 103 4.97 0.37 -3.64
C ILE A 103 5.64 0.47 -2.26
N GLU A 104 6.96 0.60 -2.29
CA GLU A 104 7.73 0.70 -1.06
C GLU A 104 7.71 2.14 -0.53
N ILE A 105 6.97 2.33 0.56
CA ILE A 105 6.87 3.64 1.17
C ILE A 105 7.60 3.64 2.51
N GLU A 106 7.95 4.84 2.95
CA GLU A 106 8.66 4.98 4.21
C GLU A 106 8.24 6.27 4.91
N PRO A 107 7.54 6.11 6.06
CA PRO A 107 7.08 7.26 6.83
C PRO A 107 8.23 7.92 7.58
N LEU A 108 8.46 9.18 7.25
CA LEU A 108 9.53 9.94 7.88
C LEU A 108 8.93 10.85 8.96
N GLU A 109 7.82 10.39 9.53
CA GLU A 109 7.14 11.15 10.57
C GLU A 109 7.98 11.15 11.85
N TYR A 110 7.65 10.23 12.74
CA TYR A 110 8.35 10.12 14.01
C TYR A 110 8.09 8.76 14.67
N MET A 1 3.27 19.76 -5.57
CA MET A 1 2.32 18.75 -6.00
C MET A 1 2.28 17.59 -4.99
N GLU A 2 2.33 17.96 -3.72
CA GLU A 2 2.29 16.97 -2.65
C GLU A 2 0.93 16.26 -2.61
N TRP A 3 0.97 15.00 -2.26
CA TRP A 3 -0.25 14.20 -2.19
C TRP A 3 -0.75 14.24 -0.74
N GLU A 4 -2.07 14.24 -0.61
CA GLU A 4 -2.68 14.28 0.71
C GLU A 4 -3.85 13.28 0.77
N MET A 5 -3.82 12.45 1.80
CA MET A 5 -4.86 11.45 1.99
C MET A 5 -5.38 11.48 3.43
N GLY A 6 -6.26 10.53 3.72
CA GLY A 6 -6.84 10.43 5.05
C GLY A 6 -7.17 8.97 5.39
N LEU A 7 -7.07 8.67 6.68
CA LEU A 7 -7.35 7.33 7.15
C LEU A 7 -7.44 7.33 8.68
N GLN A 8 -7.67 6.15 9.23
CA GLN A 8 -7.77 6.01 10.68
C GLN A 8 -6.39 6.12 11.32
N GLU A 9 -6.40 6.52 12.58
CA GLU A 9 -5.16 6.66 13.33
C GLU A 9 -4.43 5.33 13.41
N GLU A 10 -5.17 4.30 13.80
CA GLU A 10 -4.60 2.96 13.92
C GLU A 10 -3.94 2.54 12.59
N PHE A 11 -4.53 3.02 11.50
CA PHE A 11 -4.01 2.70 10.17
C PHE A 11 -2.75 3.51 9.88
N LEU A 12 -2.69 4.69 10.47
CA LEU A 12 -1.55 5.57 10.28
C LEU A 12 -0.30 4.91 10.86
N GLU A 13 -0.42 4.44 12.09
CA GLU A 13 0.68 3.79 12.77
C GLU A 13 1.10 2.54 12.01
N LEU A 14 0.13 1.92 11.35
CA LEU A 14 0.39 0.71 10.58
C LEU A 14 1.44 1.02 9.50
N ILE A 15 1.33 2.22 8.94
CA ILE A 15 2.25 2.64 7.90
C ILE A 15 3.68 2.65 8.47
N LYS A 16 3.79 3.20 9.67
CA LYS A 16 5.08 3.28 10.33
C LYS A 16 5.57 1.87 10.67
N LEU A 17 4.60 0.99 10.89
CA LEU A 17 4.91 -0.38 11.24
C LEU A 17 5.26 -1.16 9.96
N ARG A 18 4.42 -0.99 8.96
CA ARG A 18 4.64 -1.66 7.68
C ARG A 18 5.73 -0.95 6.88
N LYS A 19 6.30 0.07 7.51
CA LYS A 19 7.36 0.84 6.87
C LYS A 19 8.62 -0.03 6.73
N LYS A 20 8.77 -0.95 7.67
CA LYS A 20 9.92 -1.85 7.66
C LYS A 20 9.61 -3.04 6.77
N LYS A 21 8.46 -2.97 6.11
CA LYS A 21 8.04 -4.04 5.22
C LYS A 21 7.73 -3.46 3.84
N ILE A 22 6.44 -3.33 3.57
CA ILE A 22 5.99 -2.79 2.29
C ILE A 22 4.52 -2.39 2.41
N GLU A 23 3.99 -1.86 1.31
CA GLU A 23 2.61 -1.43 1.27
C GLU A 23 2.01 -1.73 -0.10
N GLY A 24 1.06 -2.65 -0.12
CA GLY A 24 0.39 -3.04 -1.34
C GLY A 24 -0.71 -2.04 -1.71
N ARG A 25 -1.17 -2.14 -2.94
CA ARG A 25 -2.23 -1.26 -3.42
C ARG A 25 -2.39 -1.41 -4.93
N LEU A 26 -3.52 -1.99 -5.31
CA LEU A 26 -3.83 -2.21 -6.71
C LEU A 26 -3.36 -0.99 -7.53
N TYR A 27 -2.72 -1.28 -8.64
CA TYR A 27 -2.23 -0.22 -9.51
C TYR A 27 -3.38 0.50 -10.22
N ASP A 28 -3.93 1.49 -9.52
CA ASP A 28 -5.04 2.26 -10.07
C ASP A 28 -4.48 3.41 -10.91
N GLU A 29 -5.36 4.36 -11.20
CA GLU A 29 -4.97 5.51 -11.99
C GLU A 29 -4.09 6.46 -11.16
N LYS A 30 -4.55 6.74 -9.96
CA LYS A 30 -3.82 7.61 -9.06
C LYS A 30 -2.51 6.94 -8.64
N ARG A 31 -2.60 5.64 -8.39
CA ARG A 31 -1.43 4.87 -7.98
C ARG A 31 -0.35 4.96 -9.05
N ARG A 32 -0.75 4.66 -10.28
CA ARG A 32 0.18 4.70 -11.40
C ARG A 32 0.66 6.13 -11.64
N GLN A 33 -0.17 7.08 -11.20
CA GLN A 33 0.17 8.48 -11.36
C GLN A 33 1.28 8.89 -10.40
N ILE A 34 1.28 8.25 -9.24
CA ILE A 34 2.29 8.52 -8.23
C ILE A 34 3.61 7.88 -8.64
N LYS A 35 4.70 8.54 -8.27
CA LYS A 35 6.03 8.05 -8.59
C LYS A 35 6.92 8.15 -7.36
N PRO A 36 8.06 7.41 -7.41
CA PRO A 36 9.01 7.42 -6.31
C PRO A 36 9.81 8.72 -6.28
N GLY A 37 9.22 9.74 -5.69
CA GLY A 37 9.87 11.03 -5.58
C GLY A 37 8.88 12.12 -5.15
N ASP A 38 8.19 11.83 -4.06
CA ASP A 38 7.21 12.77 -3.53
C ASP A 38 6.88 12.38 -2.08
N VAL A 39 5.86 13.03 -1.55
CA VAL A 39 5.42 12.77 -0.20
C VAL A 39 3.89 12.77 -0.14
N ILE A 40 3.37 11.94 0.74
CA ILE A 40 1.93 11.83 0.90
C ILE A 40 1.55 12.14 2.35
N SER A 41 0.97 13.31 2.55
CA SER A 41 0.56 13.72 3.88
C SER A 41 -0.80 13.13 4.22
N PHE A 42 -0.83 12.39 5.32
CA PHE A 42 -2.07 11.76 5.77
C PHE A 42 -2.76 12.61 6.84
N GLU A 43 -4.08 12.51 6.86
CA GLU A 43 -4.87 13.26 7.82
C GLU A 43 -4.32 14.68 7.97
N GLY A 44 -3.97 15.27 6.84
CA GLY A 44 -3.43 16.61 6.83
C GLY A 44 -1.90 16.60 6.87
N GLY A 45 -1.38 16.05 7.96
CA GLY A 45 0.06 15.96 8.13
C GLY A 45 0.42 15.15 9.37
N LYS A 46 -0.46 14.21 9.70
CA LYS A 46 -0.25 13.37 10.86
C LYS A 46 0.81 12.30 10.53
N LEU A 47 0.72 11.78 9.32
CA LEU A 47 1.65 10.76 8.88
C LEU A 47 2.09 11.08 7.44
N LYS A 48 3.38 11.36 7.29
CA LYS A 48 3.94 11.67 5.99
C LYS A 48 4.80 10.50 5.52
N VAL A 49 4.66 10.19 4.24
CA VAL A 49 5.42 9.09 3.65
C VAL A 49 5.94 9.52 2.27
N ARG A 50 7.13 9.04 1.95
CA ARG A 50 7.75 9.37 0.68
C ARG A 50 8.04 8.09 -0.12
N VAL A 51 7.46 8.04 -1.31
CA VAL A 51 7.65 6.88 -2.18
C VAL A 51 9.15 6.67 -2.43
N LYS A 52 9.53 5.41 -2.53
CA LYS A 52 10.91 5.07 -2.77
C LYS A 52 11.05 4.43 -4.15
N ALA A 53 10.11 3.56 -4.47
CA ALA A 53 10.11 2.88 -5.75
C ALA A 53 8.77 2.15 -5.94
N ILE A 54 8.46 1.85 -7.19
CA ILE A 54 7.24 1.15 -7.51
C ILE A 54 7.57 -0.26 -8.02
N ARG A 55 6.67 -1.18 -7.74
CA ARG A 55 6.85 -2.56 -8.16
C ARG A 55 5.49 -3.21 -8.45
N VAL A 56 5.29 -3.54 -9.71
CA VAL A 56 4.05 -4.17 -10.13
C VAL A 56 4.23 -5.69 -10.16
N TYR A 57 3.15 -6.39 -9.84
CA TYR A 57 3.18 -7.84 -9.83
C TYR A 57 2.01 -8.42 -10.62
N ASN A 58 1.94 -9.74 -10.62
CA ASN A 58 0.87 -10.44 -11.33
C ASN A 58 -0.42 -10.31 -10.54
N SER A 59 -0.32 -10.56 -9.24
CA SER A 59 -1.48 -10.49 -8.37
C SER A 59 -1.03 -10.25 -6.93
N PHE A 60 -2.00 -9.90 -6.09
CA PHE A 60 -1.71 -9.65 -4.68
C PHE A 60 -1.11 -10.88 -4.02
N ARG A 61 -1.62 -12.04 -4.40
CA ARG A 61 -1.15 -13.30 -3.85
C ARG A 61 0.36 -13.43 -4.05
N GLU A 62 0.81 -12.95 -5.21
CA GLU A 62 2.23 -13.01 -5.55
C GLU A 62 3.01 -11.99 -4.71
N MET A 63 2.39 -10.85 -4.51
CA MET A 63 3.02 -9.78 -3.73
C MET A 63 3.21 -10.21 -2.27
N LEU A 64 2.14 -10.72 -1.70
CA LEU A 64 2.18 -11.16 -0.32
C LEU A 64 3.12 -12.37 -0.19
N GLU A 65 3.19 -13.13 -1.28
CA GLU A 65 4.04 -14.31 -1.32
C GLU A 65 5.51 -13.90 -1.46
N LYS A 66 5.74 -12.95 -2.36
CA LYS A 66 7.08 -12.46 -2.60
C LYS A 66 7.45 -11.43 -1.53
N GLU A 67 6.74 -10.32 -1.56
CA GLU A 67 6.98 -9.25 -0.60
C GLU A 67 6.76 -9.75 0.82
N GLY A 68 5.59 -10.32 1.03
CA GLY A 68 5.24 -10.85 2.34
C GLY A 68 3.86 -10.34 2.78
N LEU A 69 3.00 -11.29 3.12
CA LEU A 69 1.66 -10.94 3.56
C LEU A 69 1.74 -9.96 4.71
N GLU A 70 2.38 -10.41 5.79
CA GLU A 70 2.54 -9.56 6.97
C GLU A 70 3.48 -8.40 6.67
N ASN A 71 4.11 -8.47 5.51
CA ASN A 71 5.03 -7.44 5.09
C ASN A 71 4.30 -6.42 4.22
N VAL A 72 3.00 -6.65 4.06
CA VAL A 72 2.18 -5.76 3.25
C VAL A 72 0.88 -5.46 4.01
N LEU A 73 0.28 -6.52 4.55
CA LEU A 73 -0.96 -6.37 5.28
C LEU A 73 -0.77 -6.92 6.70
N PRO A 74 -0.38 -5.98 7.62
CA PRO A 74 -0.17 -6.35 9.00
C PRO A 74 -1.50 -6.58 9.73
N GLY A 75 -1.63 -7.77 10.30
CA GLY A 75 -2.83 -8.13 11.02
C GLY A 75 -3.64 -9.17 10.25
N VAL A 76 -3.48 -9.16 8.93
CA VAL A 76 -4.18 -10.08 8.07
C VAL A 76 -4.23 -11.46 8.75
N LYS A 77 -5.26 -12.22 8.40
CA LYS A 77 -5.43 -13.55 8.96
C LYS A 77 -4.62 -14.56 8.15
N SER A 78 -4.61 -14.33 6.84
CA SER A 78 -3.88 -15.20 5.94
C SER A 78 -3.79 -14.57 4.55
N ILE A 79 -3.00 -15.19 3.69
CA ILE A 79 -2.82 -14.70 2.34
C ILE A 79 -4.18 -14.64 1.64
N GLU A 80 -4.99 -15.66 1.91
CA GLU A 80 -6.32 -15.73 1.32
C GLU A 80 -7.20 -14.58 1.82
N GLU A 81 -7.15 -14.38 3.13
CA GLU A 81 -7.94 -13.32 3.75
C GLU A 81 -7.46 -11.95 3.24
N GLY A 82 -6.16 -11.83 3.13
CA GLY A 82 -5.57 -10.58 2.67
C GLY A 82 -6.18 -10.13 1.34
N ILE A 83 -6.31 -11.09 0.43
CA ILE A 83 -6.88 -10.82 -0.88
C ILE A 83 -8.30 -10.28 -0.69
N GLN A 84 -9.01 -10.88 0.25
CA GLN A 84 -10.38 -10.47 0.53
C GLN A 84 -10.42 -8.98 0.90
N VAL A 85 -9.41 -8.55 1.64
CA VAL A 85 -9.33 -7.17 2.06
C VAL A 85 -9.16 -6.28 0.84
N TYR A 86 -8.27 -6.70 -0.05
CA TYR A 86 -8.00 -5.95 -1.26
C TYR A 86 -9.24 -5.92 -2.18
N ARG A 87 -10.00 -7.02 -2.12
CA ARG A 87 -11.20 -7.12 -2.93
C ARG A 87 -12.29 -6.21 -2.38
N ARG A 88 -12.33 -6.11 -1.05
CA ARG A 88 -13.32 -5.27 -0.39
C ARG A 88 -13.11 -3.81 -0.77
N PHE A 89 -11.90 -3.34 -0.59
CA PHE A 89 -11.56 -1.97 -0.90
C PHE A 89 -11.41 -1.77 -2.42
N TYR A 90 -10.62 -2.65 -3.01
CA TYR A 90 -10.38 -2.60 -4.45
C TYR A 90 -11.22 -3.64 -5.18
N ASP A 91 -11.68 -3.25 -6.37
CA ASP A 91 -12.49 -4.15 -7.17
C ASP A 91 -11.63 -5.30 -7.69
N GLU A 92 -12.23 -6.47 -7.73
CA GLU A 92 -11.52 -7.66 -8.20
C GLU A 92 -11.30 -7.58 -9.71
N GLU A 93 -12.23 -6.92 -10.38
CA GLU A 93 -12.15 -6.76 -11.83
C GLU A 93 -10.99 -5.83 -12.20
N LYS A 94 -11.02 -4.65 -11.58
CA LYS A 94 -9.99 -3.66 -11.83
C LYS A 94 -8.63 -4.23 -11.43
N GLU A 95 -8.63 -4.98 -10.34
CA GLU A 95 -7.40 -5.58 -9.83
C GLU A 95 -6.89 -6.62 -10.83
N LYS A 96 -7.77 -7.55 -11.19
CA LYS A 96 -7.42 -8.60 -12.12
C LYS A 96 -7.13 -7.98 -13.49
N LYS A 97 -7.55 -6.74 -13.64
CA LYS A 97 -7.34 -6.02 -14.89
C LYS A 97 -5.88 -5.62 -15.01
N TYR A 98 -5.43 -4.83 -14.03
CA TYR A 98 -4.05 -4.36 -14.01
C TYR A 98 -3.19 -5.27 -13.13
N GLY A 99 -3.61 -5.44 -11.90
CA GLY A 99 -2.88 -6.28 -10.96
C GLY A 99 -2.60 -5.51 -9.66
N VAL A 100 -1.53 -5.94 -8.99
CA VAL A 100 -1.13 -5.30 -7.74
C VAL A 100 0.28 -4.76 -7.88
N VAL A 101 0.57 -3.71 -7.13
CA VAL A 101 1.88 -3.09 -7.16
C VAL A 101 2.30 -2.75 -5.73
N ALA A 102 3.39 -3.38 -5.31
CA ALA A 102 3.91 -3.16 -3.96
C ALA A 102 4.87 -1.97 -3.99
N ILE A 103 4.36 -0.82 -3.60
CA ILE A 103 5.15 0.39 -3.57
C ILE A 103 5.84 0.52 -2.21
N GLU A 104 7.13 0.82 -2.26
CA GLU A 104 7.91 0.97 -1.04
C GLU A 104 7.86 2.43 -0.56
N ILE A 105 7.13 2.63 0.52
CA ILE A 105 7.00 3.96 1.10
C ILE A 105 7.88 4.07 2.34
N GLU A 106 8.22 5.30 2.69
CA GLU A 106 9.04 5.56 3.85
C GLU A 106 8.50 6.74 4.65
N PRO A 107 7.78 6.42 5.75
CA PRO A 107 7.21 7.46 6.60
C PRO A 107 8.29 8.12 7.46
N LEU A 108 8.61 9.35 7.08
CA LEU A 108 9.63 10.11 7.80
C LEU A 108 8.94 11.07 8.78
N GLU A 109 8.22 10.48 9.73
CA GLU A 109 7.52 11.26 10.73
C GLU A 109 8.24 11.17 12.08
N TYR A 110 9.06 10.15 12.20
CA TYR A 110 9.82 9.94 13.43
C TYR A 110 11.23 9.41 13.12
N MET A 1 2.50 17.70 -6.92
CA MET A 1 3.52 16.81 -6.39
C MET A 1 3.20 16.42 -4.94
N GLU A 2 1.93 16.45 -4.62
CA GLU A 2 1.48 16.10 -3.28
C GLU A 2 0.22 15.23 -3.35
N TRP A 3 0.04 14.44 -2.30
CA TRP A 3 -1.12 13.56 -2.23
C TRP A 3 -1.50 13.39 -0.76
N GLU A 4 -2.80 13.41 -0.51
CA GLU A 4 -3.32 13.27 0.84
C GLU A 4 -4.14 11.99 0.96
N MET A 5 -4.46 11.65 2.21
CA MET A 5 -5.24 10.46 2.47
C MET A 5 -5.61 10.36 3.96
N GLY A 6 -6.87 10.64 4.25
CA GLY A 6 -7.34 10.60 5.62
C GLY A 6 -7.77 9.18 6.00
N LEU A 7 -7.45 8.80 7.22
CA LEU A 7 -7.80 7.48 7.72
C LEU A 7 -7.64 7.46 9.24
N GLN A 8 -7.91 6.29 9.81
CA GLN A 8 -7.81 6.12 11.25
C GLN A 8 -6.35 6.13 11.68
N GLU A 9 -6.13 6.48 12.95
CA GLU A 9 -4.79 6.54 13.50
C GLU A 9 -4.15 5.15 13.47
N GLU A 10 -4.96 4.15 13.79
CA GLU A 10 -4.48 2.78 13.80
C GLU A 10 -3.84 2.42 12.45
N PHE A 11 -4.43 2.95 11.40
CA PHE A 11 -3.93 2.70 10.06
C PHE A 11 -2.62 3.46 9.81
N LEU A 12 -2.50 4.60 10.48
CA LEU A 12 -1.30 5.42 10.33
C LEU A 12 -0.12 4.70 10.96
N GLU A 13 -0.33 4.21 12.18
CA GLU A 13 0.72 3.50 12.89
C GLU A 13 1.21 2.31 12.06
N LEU A 14 0.32 1.79 11.25
CA LEU A 14 0.65 0.65 10.40
C LEU A 14 1.69 1.09 9.36
N ILE A 15 1.44 2.26 8.79
CA ILE A 15 2.35 2.80 7.78
C ILE A 15 3.76 2.90 8.37
N LYS A 16 3.81 3.27 9.65
CA LYS A 16 5.08 3.41 10.32
C LYS A 16 5.75 2.03 10.44
N LEU A 17 4.92 1.01 10.55
CA LEU A 17 5.40 -0.35 10.66
C LEU A 17 5.72 -0.89 9.26
N ARG A 18 5.14 -0.24 8.27
CA ARG A 18 5.36 -0.65 6.89
C ARG A 18 6.69 -0.09 6.37
N LYS A 19 7.38 0.63 7.26
CA LYS A 19 8.66 1.22 6.91
C LYS A 19 9.71 0.11 6.83
N LYS A 20 9.43 -0.99 7.51
CA LYS A 20 10.35 -2.12 7.52
C LYS A 20 9.71 -3.29 6.76
N LYS A 21 8.47 -3.08 6.34
CA LYS A 21 7.75 -4.11 5.61
C LYS A 21 7.50 -3.62 4.17
N ILE A 22 6.24 -3.38 3.87
CA ILE A 22 5.86 -2.91 2.54
C ILE A 22 4.41 -2.42 2.57
N GLU A 23 3.98 -1.89 1.44
CA GLU A 23 2.63 -1.38 1.32
C GLU A 23 2.07 -1.69 -0.07
N GLY A 24 1.13 -2.62 -0.10
CA GLY A 24 0.51 -3.02 -1.35
C GLY A 24 -0.53 -1.99 -1.80
N ARG A 25 -1.14 -2.27 -2.94
CA ARG A 25 -2.15 -1.37 -3.49
C ARG A 25 -2.30 -1.60 -4.99
N LEU A 26 -3.56 -1.65 -5.42
CA LEU A 26 -3.86 -1.87 -6.83
C LEU A 26 -3.22 -0.74 -7.66
N TYR A 27 -2.73 -1.12 -8.82
CA TYR A 27 -2.10 -0.15 -9.71
C TYR A 27 -3.14 0.71 -10.41
N ASP A 28 -3.79 1.56 -9.62
CA ASP A 28 -4.81 2.45 -10.15
C ASP A 28 -4.15 3.52 -11.01
N GLU A 29 -4.92 4.55 -11.32
CA GLU A 29 -4.43 5.65 -12.14
C GLU A 29 -3.54 6.56 -11.31
N LYS A 30 -4.00 6.85 -10.10
CA LYS A 30 -3.25 7.71 -9.20
C LYS A 30 -1.97 7.00 -8.76
N ARG A 31 -2.10 5.71 -8.50
CA ARG A 31 -0.96 4.91 -8.08
C ARG A 31 0.15 4.99 -9.13
N ARG A 32 -0.22 4.73 -10.37
CA ARG A 32 0.73 4.76 -11.47
C ARG A 32 1.28 6.18 -11.65
N GLN A 33 0.46 7.15 -11.27
CA GLN A 33 0.84 8.55 -11.38
C GLN A 33 1.84 8.91 -10.28
N ILE A 34 1.72 8.22 -9.16
CA ILE A 34 2.61 8.46 -8.03
C ILE A 34 4.01 7.91 -8.36
N LYS A 35 4.99 8.79 -8.27
CA LYS A 35 6.37 8.42 -8.56
C LYS A 35 7.14 8.35 -7.25
N PRO A 36 8.31 7.64 -7.32
CA PRO A 36 9.15 7.50 -6.14
C PRO A 36 9.92 8.80 -5.85
N GLY A 37 9.26 9.66 -5.09
CA GLY A 37 9.86 10.94 -4.72
C GLY A 37 8.83 11.86 -4.08
N ASP A 38 7.59 11.70 -4.50
CA ASP A 38 6.51 12.51 -3.97
C ASP A 38 6.28 12.15 -2.50
N VAL A 39 5.21 12.70 -1.94
CA VAL A 39 4.86 12.45 -0.56
C VAL A 39 3.36 12.28 -0.43
N ILE A 40 2.97 11.41 0.50
CA ILE A 40 1.56 11.14 0.73
C ILE A 40 1.21 11.49 2.19
N SER A 41 0.57 12.64 2.34
CA SER A 41 0.19 13.10 3.67
C SER A 41 -1.11 12.40 4.10
N PHE A 42 -1.21 12.18 5.40
CA PHE A 42 -2.38 11.53 5.96
C PHE A 42 -2.98 12.34 7.11
N GLU A 43 -4.29 12.49 7.06
CA GLU A 43 -4.99 13.25 8.08
C GLU A 43 -4.42 14.66 8.18
N GLY A 44 -4.09 15.21 7.03
CA GLY A 44 -3.53 16.55 6.97
C GLY A 44 -2.00 16.52 7.02
N GLY A 45 -1.50 16.02 8.14
CA GLY A 45 -0.04 15.92 8.32
C GLY A 45 0.29 15.08 9.55
N LYS A 46 -0.61 14.16 9.86
CA LYS A 46 -0.42 13.29 11.00
C LYS A 46 0.63 12.21 10.67
N LEU A 47 0.57 11.76 9.41
CA LEU A 47 1.50 10.75 8.96
C LEU A 47 1.95 11.09 7.53
N LYS A 48 3.23 11.43 7.41
CA LYS A 48 3.79 11.78 6.12
C LYS A 48 4.67 10.64 5.62
N VAL A 49 4.45 10.27 4.36
CA VAL A 49 5.22 9.18 3.76
C VAL A 49 5.69 9.62 2.38
N ARG A 50 6.82 9.05 1.97
CA ARG A 50 7.39 9.37 0.67
C ARG A 50 7.70 8.08 -0.10
N VAL A 51 7.02 7.92 -1.22
CA VAL A 51 7.21 6.74 -2.05
C VAL A 51 8.71 6.49 -2.23
N LYS A 52 9.12 5.30 -1.86
CA LYS A 52 10.52 4.92 -1.96
C LYS A 52 10.78 4.32 -3.35
N ALA A 53 9.91 3.40 -3.73
CA ALA A 53 10.03 2.75 -5.03
C ALA A 53 8.69 2.10 -5.39
N ILE A 54 8.42 2.06 -6.69
CA ILE A 54 7.18 1.47 -7.19
C ILE A 54 7.47 0.08 -7.73
N ARG A 55 6.54 -0.83 -7.49
CA ARG A 55 6.68 -2.19 -7.96
C ARG A 55 5.31 -2.76 -8.37
N VAL A 56 5.34 -3.59 -9.41
CA VAL A 56 4.13 -4.19 -9.91
C VAL A 56 4.26 -5.71 -9.88
N TYR A 57 3.14 -6.38 -9.62
CA TYR A 57 3.14 -7.83 -9.55
C TYR A 57 1.95 -8.40 -10.34
N ASN A 58 1.85 -9.72 -10.30
CA ASN A 58 0.77 -10.39 -11.01
C ASN A 58 -0.53 -10.23 -10.23
N SER A 59 -0.44 -10.44 -8.92
CA SER A 59 -1.60 -10.31 -8.06
C SER A 59 -1.15 -10.12 -6.61
N PHE A 60 -2.13 -9.93 -5.74
CA PHE A 60 -1.86 -9.73 -4.32
C PHE A 60 -1.17 -10.96 -3.72
N ARG A 61 -1.62 -12.13 -4.17
CA ARG A 61 -1.06 -13.38 -3.69
C ARG A 61 0.45 -13.41 -3.92
N GLU A 62 0.83 -13.08 -5.15
CA GLU A 62 2.23 -13.05 -5.52
C GLU A 62 2.99 -12.01 -4.70
N MET A 63 2.28 -10.93 -4.39
CA MET A 63 2.87 -9.85 -3.62
C MET A 63 3.06 -10.26 -2.15
N LEU A 64 1.99 -10.79 -1.57
CA LEU A 64 2.02 -11.23 -0.19
C LEU A 64 2.89 -12.48 -0.08
N GLU A 65 2.96 -13.22 -1.18
CA GLU A 65 3.74 -14.44 -1.22
C GLU A 65 5.23 -14.11 -1.31
N LYS A 66 5.56 -13.24 -2.26
CA LYS A 66 6.94 -12.84 -2.47
C LYS A 66 7.28 -11.72 -1.49
N GLU A 67 6.60 -10.59 -1.67
CA GLU A 67 6.83 -9.44 -0.82
C GLU A 67 6.64 -9.82 0.65
N GLY A 68 5.55 -10.52 0.91
CA GLY A 68 5.25 -10.95 2.26
C GLY A 68 3.88 -10.42 2.72
N LEU A 69 3.06 -11.33 3.20
CA LEU A 69 1.73 -10.98 3.67
C LEU A 69 1.86 -9.99 4.84
N GLU A 70 2.51 -10.45 5.89
CA GLU A 70 2.71 -9.63 7.07
C GLU A 70 3.64 -8.46 6.76
N ASN A 71 4.26 -8.54 5.58
CA ASN A 71 5.18 -7.50 5.15
C ASN A 71 4.42 -6.49 4.28
N VAL A 72 3.10 -6.65 4.25
CA VAL A 72 2.26 -5.76 3.47
C VAL A 72 1.03 -5.38 4.30
N LEU A 73 0.34 -6.40 4.79
CA LEU A 73 -0.85 -6.18 5.59
C LEU A 73 -0.64 -6.78 6.98
N PRO A 74 -0.16 -5.90 7.91
CA PRO A 74 0.09 -6.32 9.27
C PRO A 74 -1.22 -6.48 10.05
N GLY A 75 -1.48 -7.72 10.46
CA GLY A 75 -2.69 -8.02 11.21
C GLY A 75 -3.57 -9.01 10.44
N VAL A 76 -3.40 -9.01 9.12
CA VAL A 76 -4.18 -9.90 8.27
C VAL A 76 -4.30 -11.26 8.95
N LYS A 77 -5.38 -11.96 8.61
CA LYS A 77 -5.63 -13.27 9.18
C LYS A 77 -4.89 -14.33 8.36
N SER A 78 -4.82 -14.07 7.06
CA SER A 78 -4.14 -14.99 6.17
C SER A 78 -4.01 -14.36 4.77
N ILE A 79 -3.17 -14.98 3.95
CA ILE A 79 -2.94 -14.49 2.60
C ILE A 79 -4.29 -14.34 1.88
N GLU A 80 -5.14 -15.34 2.07
CA GLU A 80 -6.45 -15.34 1.46
C GLU A 80 -7.27 -14.14 1.96
N GLU A 81 -7.20 -13.93 3.26
CA GLU A 81 -7.92 -12.83 3.89
C GLU A 81 -7.41 -11.49 3.35
N GLY A 82 -6.10 -11.43 3.16
CA GLY A 82 -5.47 -10.22 2.66
C GLY A 82 -6.11 -9.77 1.35
N ILE A 83 -6.26 -10.71 0.43
CA ILE A 83 -6.86 -10.43 -0.86
C ILE A 83 -8.28 -9.89 -0.65
N GLN A 84 -8.97 -10.50 0.30
CA GLN A 84 -10.33 -10.08 0.61
C GLN A 84 -10.36 -8.61 1.00
N VAL A 85 -9.33 -8.20 1.72
CA VAL A 85 -9.23 -6.81 2.17
C VAL A 85 -9.08 -5.90 0.96
N TYR A 86 -8.13 -6.26 0.11
CA TYR A 86 -7.86 -5.49 -1.10
C TYR A 86 -9.04 -5.56 -2.06
N ARG A 87 -9.69 -6.72 -2.07
CA ARG A 87 -10.83 -6.92 -2.95
C ARG A 87 -12.05 -6.16 -2.41
N ARG A 88 -12.09 -6.03 -1.09
CA ARG A 88 -13.19 -5.33 -0.44
C ARG A 88 -13.23 -3.87 -0.90
N PHE A 89 -12.10 -3.21 -0.75
CA PHE A 89 -11.99 -1.82 -1.14
C PHE A 89 -11.81 -1.68 -2.65
N TYR A 90 -10.87 -2.45 -3.18
CA TYR A 90 -10.59 -2.42 -4.61
C TYR A 90 -11.37 -3.51 -5.33
N ASP A 91 -11.83 -3.16 -6.53
CA ASP A 91 -12.60 -4.09 -7.34
C ASP A 91 -11.69 -5.22 -7.81
N GLU A 92 -12.27 -6.41 -7.89
CA GLU A 92 -11.52 -7.59 -8.32
C GLU A 92 -11.29 -7.53 -9.84
N GLU A 93 -12.21 -6.87 -10.51
CA GLU A 93 -12.11 -6.74 -11.97
C GLU A 93 -11.01 -5.74 -12.34
N LYS A 94 -11.13 -4.56 -11.78
CA LYS A 94 -10.15 -3.51 -12.04
C LYS A 94 -8.75 -4.02 -11.70
N GLU A 95 -8.68 -4.70 -10.56
CA GLU A 95 -7.40 -5.24 -10.11
C GLU A 95 -6.90 -6.31 -11.08
N LYS A 96 -7.80 -7.23 -11.40
CA LYS A 96 -7.47 -8.31 -12.32
C LYS A 96 -7.15 -7.73 -13.69
N LYS A 97 -7.52 -6.47 -13.87
CA LYS A 97 -7.27 -5.78 -15.13
C LYS A 97 -5.79 -5.42 -15.23
N TYR A 98 -5.34 -4.64 -14.26
CA TYR A 98 -3.95 -4.22 -14.23
C TYR A 98 -3.12 -5.11 -13.31
N GLY A 99 -3.58 -5.20 -12.06
CA GLY A 99 -2.90 -6.02 -11.07
C GLY A 99 -2.65 -5.23 -9.78
N VAL A 100 -1.64 -5.67 -9.05
CA VAL A 100 -1.28 -5.00 -7.80
C VAL A 100 0.09 -4.34 -7.95
N VAL A 101 0.30 -3.31 -7.14
CA VAL A 101 1.56 -2.58 -7.17
C VAL A 101 2.04 -2.34 -5.74
N ALA A 102 3.08 -3.06 -5.37
CA ALA A 102 3.66 -2.94 -4.04
C ALA A 102 4.56 -1.71 -3.98
N ILE A 103 4.00 -0.62 -3.47
CA ILE A 103 4.75 0.62 -3.37
C ILE A 103 5.35 0.73 -1.96
N GLU A 104 6.67 0.67 -1.92
CA GLU A 104 7.38 0.75 -0.65
C GLU A 104 7.23 2.16 -0.06
N ILE A 105 6.42 2.24 1.00
CA ILE A 105 6.17 3.50 1.67
C ILE A 105 7.08 3.60 2.89
N GLU A 106 7.48 4.82 3.20
CA GLU A 106 8.35 5.07 4.34
C GLU A 106 8.08 6.46 4.92
N PRO A 107 7.44 6.47 6.12
CA PRO A 107 7.12 7.71 6.78
C PRO A 107 8.37 8.34 7.41
N LEU A 108 8.66 9.55 6.97
CA LEU A 108 9.82 10.27 7.47
C LEU A 108 9.39 11.21 8.59
N GLU A 109 9.14 10.63 9.76
CA GLU A 109 8.72 11.40 10.91
C GLU A 109 9.27 10.78 12.19
N TYR A 110 8.46 10.83 13.24
CA TYR A 110 8.86 10.28 14.52
C TYR A 110 8.35 8.85 14.70
N MET A 1 4.55 19.73 -5.74
CA MET A 1 3.99 18.41 -5.91
C MET A 1 3.86 17.69 -4.56
N GLU A 2 2.61 17.55 -4.12
CA GLU A 2 2.33 16.89 -2.86
C GLU A 2 1.10 15.99 -3.00
N TRP A 3 1.14 14.89 -2.27
CA TRP A 3 0.04 13.94 -2.29
C TRP A 3 -0.65 13.96 -0.92
N GLU A 4 -1.96 13.75 -0.93
CA GLU A 4 -2.73 13.75 0.29
C GLU A 4 -3.61 12.50 0.37
N MET A 5 -4.02 12.18 1.58
CA MET A 5 -4.87 11.02 1.80
C MET A 5 -5.52 11.06 3.18
N GLY A 6 -6.24 9.99 3.50
CA GLY A 6 -6.91 9.90 4.78
C GLY A 6 -7.17 8.44 5.16
N LEU A 7 -7.00 8.16 6.44
CA LEU A 7 -7.22 6.81 6.93
C LEU A 7 -7.15 6.82 8.47
N GLN A 8 -7.95 5.95 9.07
CA GLN A 8 -7.99 5.85 10.51
C GLN A 8 -6.58 5.97 11.10
N GLU A 9 -6.51 6.61 12.26
CA GLU A 9 -5.23 6.81 12.93
C GLU A 9 -4.54 5.46 13.14
N GLU A 10 -5.35 4.45 13.42
CA GLU A 10 -4.83 3.11 13.66
C GLU A 10 -4.16 2.57 12.39
N PHE A 11 -4.71 2.97 11.24
CA PHE A 11 -4.18 2.54 9.97
C PHE A 11 -2.88 3.28 9.64
N LEU A 12 -2.76 4.47 10.20
CA LEU A 12 -1.58 5.30 9.97
C LEU A 12 -0.37 4.64 10.65
N GLU A 13 -0.56 4.32 11.92
CA GLU A 13 0.50 3.69 12.69
C GLU A 13 0.98 2.41 12.00
N LEU A 14 0.08 1.84 11.22
CA LEU A 14 0.40 0.61 10.50
C LEU A 14 1.44 0.91 9.42
N ILE A 15 1.31 2.09 8.83
CA ILE A 15 2.24 2.51 7.80
C ILE A 15 3.66 2.56 8.37
N LYS A 16 3.74 3.08 9.58
CA LYS A 16 5.03 3.20 10.26
C LYS A 16 5.56 1.79 10.57
N LEU A 17 4.70 1.00 11.20
CA LEU A 17 5.08 -0.36 11.56
C LEU A 17 5.38 -1.16 10.29
N ARG A 18 4.49 -1.03 9.31
CA ARG A 18 4.64 -1.72 8.05
C ARG A 18 5.67 -1.00 7.18
N LYS A 19 6.27 0.03 7.75
CA LYS A 19 7.27 0.81 7.03
C LYS A 19 8.53 -0.05 6.82
N LYS A 20 8.74 -0.96 7.76
CA LYS A 20 9.89 -1.84 7.69
C LYS A 20 9.56 -3.04 6.78
N LYS A 21 8.43 -2.94 6.11
CA LYS A 21 7.99 -3.99 5.21
C LYS A 21 7.65 -3.37 3.85
N ILE A 22 6.36 -3.34 3.57
CA ILE A 22 5.89 -2.78 2.31
C ILE A 22 4.40 -2.43 2.43
N GLU A 23 3.89 -1.80 1.39
CA GLU A 23 2.49 -1.39 1.37
C GLU A 23 1.90 -1.58 -0.03
N GLY A 24 1.05 -2.58 -0.15
CA GLY A 24 0.41 -2.89 -1.42
C GLY A 24 -0.72 -1.90 -1.71
N ARG A 25 -1.30 -2.04 -2.89
CA ARG A 25 -2.39 -1.17 -3.30
C ARG A 25 -2.57 -1.23 -4.82
N LEU A 26 -3.56 -2.00 -5.24
CA LEU A 26 -3.85 -2.14 -6.66
C LEU A 26 -3.61 -0.80 -7.37
N TYR A 27 -2.73 -0.85 -8.36
CA TYR A 27 -2.39 0.34 -9.11
C TYR A 27 -3.65 0.98 -9.71
N ASP A 28 -3.53 2.27 -10.02
CA ASP A 28 -4.64 3.00 -10.59
C ASP A 28 -4.10 4.22 -11.36
N GLU A 29 -5.02 5.04 -11.83
CA GLU A 29 -4.66 6.23 -12.57
C GLU A 29 -3.91 7.21 -11.67
N LYS A 30 -4.49 7.46 -10.51
CA LYS A 30 -3.89 8.38 -9.55
C LYS A 30 -2.53 7.84 -9.13
N ARG A 31 -2.51 6.56 -8.80
CA ARG A 31 -1.28 5.91 -8.38
C ARG A 31 -0.24 5.94 -9.51
N ARG A 32 -0.74 5.76 -10.72
CA ARG A 32 0.12 5.77 -11.89
C ARG A 32 0.93 7.07 -11.95
N GLN A 33 0.29 8.15 -11.54
CA GLN A 33 0.93 9.45 -11.53
C GLN A 33 1.94 9.55 -10.38
N ILE A 34 1.72 8.72 -9.37
CA ILE A 34 2.59 8.69 -8.22
C ILE A 34 3.92 8.05 -8.60
N LYS A 35 5.00 8.74 -8.27
CA LYS A 35 6.33 8.24 -8.57
C LYS A 35 7.20 8.33 -7.32
N PRO A 36 8.31 7.54 -7.34
CA PRO A 36 9.23 7.52 -6.21
C PRO A 36 10.10 8.79 -6.19
N GLY A 37 9.55 9.83 -5.57
CA GLY A 37 10.25 11.09 -5.47
C GLY A 37 9.31 12.20 -4.99
N ASP A 38 8.58 11.91 -3.94
CA ASP A 38 7.65 12.86 -3.37
C ASP A 38 7.24 12.41 -1.96
N VAL A 39 6.24 13.09 -1.42
CA VAL A 39 5.76 12.78 -0.09
C VAL A 39 4.23 12.79 -0.10
N ILE A 40 3.66 11.83 0.63
CA ILE A 40 2.22 11.72 0.72
C ILE A 40 1.77 12.12 2.13
N SER A 41 0.78 13.01 2.17
CA SER A 41 0.25 13.48 3.43
C SER A 41 -1.03 12.71 3.78
N PHE A 42 -1.15 12.38 5.06
CA PHE A 42 -2.31 11.64 5.53
C PHE A 42 -3.06 12.44 6.60
N GLU A 43 -4.37 12.26 6.62
CA GLU A 43 -5.22 12.94 7.58
C GLU A 43 -4.71 14.38 7.79
N GLY A 44 -4.31 14.99 6.69
CA GLY A 44 -3.81 16.36 6.74
C GLY A 44 -2.28 16.38 6.84
N GLY A 45 -1.78 15.82 7.93
CA GLY A 45 -0.35 15.77 8.16
C GLY A 45 -0.02 14.93 9.39
N LYS A 46 -0.87 13.94 9.64
CA LYS A 46 -0.68 13.05 10.78
C LYS A 46 0.43 12.06 10.46
N LEU A 47 0.43 11.58 9.23
CA LEU A 47 1.43 10.63 8.79
C LEU A 47 1.96 11.04 7.41
N LYS A 48 3.25 11.35 7.38
CA LYS A 48 3.89 11.76 6.14
C LYS A 48 4.85 10.66 5.68
N VAL A 49 4.66 10.25 4.44
CA VAL A 49 5.50 9.21 3.86
C VAL A 49 6.07 9.70 2.53
N ARG A 50 7.11 9.01 2.07
CA ARG A 50 7.75 9.36 0.82
C ARG A 50 8.01 8.10 -0.02
N VAL A 51 7.40 8.06 -1.19
CA VAL A 51 7.56 6.93 -2.08
C VAL A 51 9.05 6.65 -2.29
N LYS A 52 9.37 5.37 -2.34
CA LYS A 52 10.75 4.95 -2.53
C LYS A 52 10.91 4.34 -3.92
N ALA A 53 9.93 3.53 -4.29
CA ALA A 53 9.96 2.89 -5.59
C ALA A 53 8.58 2.27 -5.88
N ILE A 54 8.36 1.95 -7.14
CA ILE A 54 7.10 1.37 -7.56
C ILE A 54 7.35 -0.03 -8.15
N ARG A 55 6.41 -0.92 -7.90
CA ARG A 55 6.53 -2.28 -8.39
C ARG A 55 5.16 -2.80 -8.83
N VAL A 56 5.19 -3.78 -9.73
CA VAL A 56 3.97 -4.36 -10.24
C VAL A 56 4.11 -5.88 -10.26
N TYR A 57 3.03 -6.56 -9.88
CA TYR A 57 3.02 -8.01 -9.85
C TYR A 57 1.80 -8.56 -10.59
N ASN A 58 1.70 -9.89 -10.60
CA ASN A 58 0.59 -10.55 -11.26
C ASN A 58 -0.66 -10.43 -10.40
N SER A 59 -0.48 -10.68 -9.10
CA SER A 59 -1.59 -10.60 -8.17
C SER A 59 -1.05 -10.42 -6.75
N PHE A 60 -1.97 -10.06 -5.85
CA PHE A 60 -1.59 -9.87 -4.45
C PHE A 60 -0.95 -11.12 -3.87
N ARG A 61 -1.43 -12.27 -4.34
CA ARG A 61 -0.90 -13.54 -3.86
C ARG A 61 0.61 -13.61 -4.11
N GLU A 62 1.01 -13.08 -5.26
CA GLU A 62 2.42 -13.09 -5.62
C GLU A 62 3.19 -12.07 -4.77
N MET A 63 2.52 -10.97 -4.48
CA MET A 63 3.13 -9.91 -3.69
C MET A 63 3.28 -10.35 -2.23
N LEU A 64 2.19 -10.87 -1.69
CA LEU A 64 2.18 -11.33 -0.31
C LEU A 64 3.09 -12.55 -0.18
N GLU A 65 3.17 -13.31 -1.26
CA GLU A 65 4.01 -14.51 -1.28
C GLU A 65 5.48 -14.12 -1.42
N LYS A 66 5.74 -13.28 -2.40
CA LYS A 66 7.10 -12.82 -2.65
C LYS A 66 7.45 -11.70 -1.68
N GLU A 67 6.74 -10.58 -1.82
CA GLU A 67 6.97 -9.43 -0.97
C GLU A 67 6.78 -9.82 0.50
N GLY A 68 5.66 -10.47 0.78
CA GLY A 68 5.35 -10.89 2.13
C GLY A 68 3.96 -10.43 2.55
N LEU A 69 3.18 -11.37 3.06
CA LEU A 69 1.83 -11.08 3.51
C LEU A 69 1.89 -10.09 4.68
N GLU A 70 2.56 -10.52 5.74
CA GLU A 70 2.70 -9.69 6.92
C GLU A 70 3.57 -8.47 6.62
N ASN A 71 4.25 -8.54 5.48
CA ASN A 71 5.13 -7.45 5.07
C ASN A 71 4.35 -6.51 4.15
N VAL A 72 3.04 -6.71 4.11
CA VAL A 72 2.18 -5.89 3.28
C VAL A 72 0.91 -5.53 4.06
N LEU A 73 0.30 -6.55 4.64
CA LEU A 73 -0.91 -6.35 5.41
C LEU A 73 -0.72 -6.97 6.80
N PRO A 74 -0.29 -6.09 7.76
CA PRO A 74 -0.08 -6.53 9.13
C PRO A 74 -1.40 -6.72 9.86
N GLY A 75 -1.66 -7.98 10.22
CA GLY A 75 -2.88 -8.32 10.93
C GLY A 75 -3.63 -9.45 10.21
N VAL A 76 -3.54 -9.44 8.90
CA VAL A 76 -4.19 -10.45 8.09
C VAL A 76 -4.08 -11.81 8.79
N LYS A 77 -5.10 -12.63 8.59
CA LYS A 77 -5.13 -13.95 9.20
C LYS A 77 -4.33 -14.92 8.33
N SER A 78 -4.47 -14.75 7.02
CA SER A 78 -3.75 -15.59 6.08
C SER A 78 -3.71 -14.93 4.71
N ILE A 79 -2.88 -15.49 3.84
CA ILE A 79 -2.74 -14.96 2.49
C ILE A 79 -4.10 -14.92 1.81
N GLU A 80 -4.91 -15.93 2.13
CA GLU A 80 -6.25 -16.03 1.57
C GLU A 80 -7.11 -14.86 2.05
N GLU A 81 -7.10 -14.64 3.35
CA GLU A 81 -7.88 -13.56 3.94
C GLU A 81 -7.39 -12.22 3.42
N GLY A 82 -6.08 -12.12 3.25
CA GLY A 82 -5.48 -10.89 2.75
C GLY A 82 -6.14 -10.43 1.46
N ILE A 83 -6.33 -11.39 0.56
CA ILE A 83 -6.95 -11.10 -0.72
C ILE A 83 -8.38 -10.60 -0.49
N GLN A 84 -9.04 -11.22 0.48
CA GLN A 84 -10.40 -10.85 0.81
C GLN A 84 -10.47 -9.38 1.24
N VAL A 85 -9.42 -8.95 1.94
CA VAL A 85 -9.35 -7.58 2.41
C VAL A 85 -9.29 -6.64 1.21
N TYR A 86 -8.51 -7.05 0.22
CA TYR A 86 -8.35 -6.25 -0.98
C TYR A 86 -9.65 -6.20 -1.79
N ARG A 87 -10.50 -7.19 -1.53
CA ARG A 87 -11.78 -7.27 -2.22
C ARG A 87 -12.75 -6.23 -1.67
N ARG A 88 -12.76 -6.12 -0.34
CA ARG A 88 -13.64 -5.18 0.32
C ARG A 88 -13.11 -3.74 0.14
N PHE A 89 -11.82 -3.66 -0.09
CA PHE A 89 -11.18 -2.37 -0.29
C PHE A 89 -11.10 -2.00 -1.77
N TYR A 90 -10.49 -2.90 -2.53
CA TYR A 90 -10.35 -2.70 -3.97
C TYR A 90 -11.21 -3.68 -4.75
N ASP A 91 -11.54 -3.28 -5.97
CA ASP A 91 -12.37 -4.12 -6.83
C ASP A 91 -11.52 -5.27 -7.37
N GLU A 92 -12.17 -6.43 -7.50
CA GLU A 92 -11.49 -7.61 -7.99
C GLU A 92 -11.25 -7.50 -9.50
N GLU A 93 -12.19 -6.84 -10.16
CA GLU A 93 -12.11 -6.66 -11.60
C GLU A 93 -10.97 -5.71 -11.94
N LYS A 94 -11.01 -4.54 -11.34
CA LYS A 94 -9.98 -3.54 -11.58
C LYS A 94 -8.61 -4.13 -11.24
N GLU A 95 -8.59 -4.89 -10.16
CA GLU A 95 -7.35 -5.52 -9.72
C GLU A 95 -6.85 -6.50 -10.78
N LYS A 96 -7.73 -7.40 -11.17
CA LYS A 96 -7.38 -8.40 -12.18
C LYS A 96 -7.11 -7.70 -13.51
N LYS A 97 -7.51 -6.44 -13.57
CA LYS A 97 -7.32 -5.65 -14.78
C LYS A 97 -5.85 -5.29 -14.92
N TYR A 98 -5.33 -4.60 -13.90
CA TYR A 98 -3.95 -4.19 -13.90
C TYR A 98 -3.10 -5.12 -13.03
N GLY A 99 -3.53 -5.27 -11.79
CA GLY A 99 -2.82 -6.13 -10.86
C GLY A 99 -2.45 -5.37 -9.58
N VAL A 100 -1.54 -5.96 -8.82
CA VAL A 100 -1.09 -5.36 -7.58
C VAL A 100 0.25 -4.67 -7.81
N VAL A 101 0.50 -3.64 -7.02
CA VAL A 101 1.74 -2.90 -7.12
C VAL A 101 2.28 -2.61 -5.72
N ALA A 102 3.33 -3.32 -5.37
CA ALA A 102 3.95 -3.15 -4.06
C ALA A 102 4.85 -1.91 -4.09
N ILE A 103 4.32 -0.82 -3.58
CA ILE A 103 5.06 0.44 -3.53
C ILE A 103 5.75 0.57 -2.18
N GLU A 104 6.98 1.04 -2.22
CA GLU A 104 7.76 1.23 -1.01
C GLU A 104 7.63 2.66 -0.50
N ILE A 105 7.05 2.79 0.68
CA ILE A 105 6.85 4.10 1.28
C ILE A 105 7.75 4.23 2.51
N GLU A 106 8.02 5.47 2.89
CA GLU A 106 8.86 5.73 4.05
C GLU A 106 8.29 6.90 4.85
N PRO A 107 7.62 6.54 5.99
CA PRO A 107 7.02 7.54 6.86
C PRO A 107 8.10 8.26 7.67
N LEU A 108 8.48 9.44 7.19
CA LEU A 108 9.49 10.23 7.88
C LEU A 108 9.02 10.54 9.30
N GLU A 109 9.33 9.62 10.20
CA GLU A 109 8.95 9.78 11.59
C GLU A 109 9.80 8.87 12.48
N TYR A 110 9.18 8.38 13.54
CA TYR A 110 9.87 7.51 14.48
C TYR A 110 8.90 6.48 15.07
N MET A 1 5.04 15.71 -6.83
CA MET A 1 3.68 16.14 -6.58
C MET A 1 3.19 15.61 -5.23
N GLU A 2 3.01 16.54 -4.29
CA GLU A 2 2.55 16.18 -2.96
C GLU A 2 1.12 15.61 -3.03
N TRP A 3 0.93 14.51 -2.33
CA TRP A 3 -0.36 13.86 -2.30
C TRP A 3 -0.95 14.03 -0.90
N GLU A 4 -2.26 13.90 -0.82
CA GLU A 4 -2.95 14.04 0.46
C GLU A 4 -3.91 12.86 0.67
N MET A 5 -4.16 12.56 1.93
CA MET A 5 -5.06 11.48 2.29
C MET A 5 -5.58 11.63 3.71
N GLY A 6 -6.71 10.99 3.97
CA GLY A 6 -7.32 11.04 5.29
C GLY A 6 -7.80 9.66 5.73
N LEU A 7 -6.87 8.72 5.73
CA LEU A 7 -7.18 7.36 6.13
C LEU A 7 -7.31 7.29 7.66
N GLN A 8 -7.77 6.14 8.13
CA GLN A 8 -7.95 5.94 9.56
C GLN A 8 -6.62 6.14 10.29
N GLU A 9 -6.71 6.61 11.53
CA GLU A 9 -5.54 6.84 12.35
C GLU A 9 -4.83 5.52 12.64
N GLU A 10 -5.62 4.51 12.94
CA GLU A 10 -5.09 3.19 13.24
C GLU A 10 -4.12 2.74 12.14
N PHE A 11 -4.48 3.11 10.91
CA PHE A 11 -3.66 2.75 9.76
C PHE A 11 -2.36 3.55 9.75
N LEU A 12 -2.47 4.82 10.08
CA LEU A 12 -1.31 5.70 10.11
C LEU A 12 -0.20 5.04 10.93
N GLU A 13 -0.62 4.41 12.03
CA GLU A 13 0.33 3.74 12.91
C GLU A 13 0.89 2.48 12.22
N LEU A 14 0.11 1.96 11.29
CA LEU A 14 0.51 0.77 10.57
C LEU A 14 1.60 1.14 9.55
N ILE A 15 1.38 2.26 8.89
CA ILE A 15 2.33 2.74 7.89
C ILE A 15 3.71 2.88 8.52
N LYS A 16 3.71 3.29 9.79
CA LYS A 16 4.95 3.46 10.53
C LYS A 16 5.63 2.11 10.70
N LEU A 17 4.81 1.06 10.74
CA LEU A 17 5.32 -0.28 10.90
C LEU A 17 5.70 -0.84 9.53
N ARG A 18 5.08 -0.29 8.50
CA ARG A 18 5.34 -0.72 7.13
C ARG A 18 6.67 -0.14 6.64
N LYS A 19 7.32 0.60 7.53
CA LYS A 19 8.59 1.22 7.20
C LYS A 19 9.67 0.13 7.12
N LYS A 20 9.31 -1.06 7.58
CA LYS A 20 10.24 -2.17 7.56
C LYS A 20 9.64 -3.31 6.73
N LYS A 21 8.41 -3.08 6.28
CA LYS A 21 7.71 -4.08 5.47
C LYS A 21 7.44 -3.50 4.08
N ILE A 22 6.16 -3.28 3.81
CA ILE A 22 5.75 -2.74 2.52
C ILE A 22 4.29 -2.29 2.60
N GLU A 23 3.72 -2.02 1.45
CA GLU A 23 2.33 -1.59 1.37
C GLU A 23 1.70 -2.07 0.06
N GLY A 24 0.57 -2.75 0.20
CA GLY A 24 -0.15 -3.26 -0.95
C GLY A 24 -1.26 -2.30 -1.38
N ARG A 25 -1.44 -2.20 -2.70
CA ARG A 25 -2.46 -1.33 -3.25
C ARG A 25 -2.42 -1.37 -4.77
N LEU A 26 -3.41 -2.05 -5.35
CA LEU A 26 -3.50 -2.18 -6.79
C LEU A 26 -3.10 -0.84 -7.44
N TYR A 27 -2.60 -0.94 -8.66
CA TYR A 27 -2.18 0.24 -9.39
C TYR A 27 -3.38 1.02 -9.92
N ASP A 28 -3.81 1.99 -9.12
CA ASP A 28 -4.95 2.81 -9.50
C ASP A 28 -4.46 3.98 -10.36
N GLU A 29 -5.42 4.79 -10.79
CA GLU A 29 -5.11 5.94 -11.61
C GLU A 29 -4.19 6.90 -10.87
N LYS A 30 -4.48 7.09 -9.60
CA LYS A 30 -3.68 7.97 -8.77
C LYS A 30 -2.27 7.40 -8.62
N ARG A 31 -2.21 6.11 -8.32
CA ARG A 31 -0.93 5.43 -8.16
C ARG A 31 -0.09 5.58 -9.42
N ARG A 32 -0.77 5.49 -10.56
CA ARG A 32 -0.09 5.60 -11.84
C ARG A 32 0.69 6.92 -11.91
N GLN A 33 0.04 7.98 -11.49
CA GLN A 33 0.66 9.30 -11.49
C GLN A 33 1.68 9.41 -10.36
N ILE A 34 1.51 8.55 -9.36
CA ILE A 34 2.40 8.53 -8.22
C ILE A 34 3.76 7.98 -8.66
N LYS A 35 4.80 8.46 -7.98
CA LYS A 35 6.16 8.03 -8.28
C LYS A 35 6.98 8.01 -6.99
N PRO A 36 8.11 7.27 -7.05
CA PRO A 36 9.00 7.17 -5.90
C PRO A 36 9.81 8.45 -5.71
N GLY A 37 9.42 9.22 -4.71
CA GLY A 37 10.11 10.46 -4.41
C GLY A 37 9.13 11.49 -3.82
N ASP A 38 7.88 11.36 -4.20
CA ASP A 38 6.85 12.26 -3.73
C ASP A 38 6.51 11.92 -2.27
N VAL A 39 5.54 12.65 -1.73
CA VAL A 39 5.12 12.43 -0.36
C VAL A 39 3.60 12.54 -0.28
N ILE A 40 3.03 11.82 0.68
CA ILE A 40 1.60 11.82 0.87
C ILE A 40 1.27 12.22 2.32
N SER A 41 0.41 13.21 2.45
CA SER A 41 0.02 13.68 3.76
C SER A 41 -1.25 12.97 4.22
N PHE A 42 -1.16 12.34 5.39
CA PHE A 42 -2.28 11.62 5.95
C PHE A 42 -2.89 12.38 7.13
N GLU A 43 -4.21 12.36 7.20
CA GLU A 43 -4.92 13.04 8.26
C GLU A 43 -4.37 14.46 8.46
N GLY A 44 -4.14 15.13 7.34
CA GLY A 44 -3.61 16.48 7.37
C GLY A 44 -2.08 16.47 7.34
N GLY A 45 -1.50 15.91 8.38
CA GLY A 45 -0.05 15.84 8.49
C GLY A 45 0.37 14.98 9.69
N LYS A 46 -0.50 14.03 10.03
CA LYS A 46 -0.24 13.14 11.15
C LYS A 46 0.79 12.08 10.71
N LEU A 47 0.66 11.65 9.46
CA LEU A 47 1.55 10.65 8.92
C LEU A 47 1.92 11.02 7.47
N LYS A 48 3.21 11.07 7.22
CA LYS A 48 3.69 11.42 5.90
C LYS A 48 4.66 10.32 5.41
N VAL A 49 4.40 9.86 4.19
CA VAL A 49 5.24 8.83 3.61
C VAL A 49 5.67 9.25 2.20
N ARG A 50 6.84 8.77 1.81
CA ARG A 50 7.37 9.10 0.50
C ARG A 50 7.64 7.82 -0.30
N VAL A 51 6.94 7.69 -1.42
CA VAL A 51 7.10 6.53 -2.28
C VAL A 51 8.60 6.22 -2.44
N LYS A 52 8.96 5.03 -2.00
CA LYS A 52 10.35 4.60 -2.09
C LYS A 52 10.60 3.99 -3.47
N ALA A 53 9.72 3.08 -3.86
CA ALA A 53 9.84 2.43 -5.15
C ALA A 53 8.51 1.78 -5.51
N ILE A 54 8.28 1.66 -6.81
CA ILE A 54 7.05 1.06 -7.30
C ILE A 54 7.35 -0.32 -7.90
N ARG A 55 6.43 -1.24 -7.69
CA ARG A 55 6.59 -2.59 -8.21
C ARG A 55 5.25 -3.12 -8.74
N VAL A 56 5.35 -4.04 -9.69
CA VAL A 56 4.17 -4.63 -10.28
C VAL A 56 4.27 -6.15 -10.19
N TYR A 57 3.13 -6.77 -9.91
CA TYR A 57 3.07 -8.22 -9.80
C TYR A 57 1.88 -8.79 -10.58
N ASN A 58 1.83 -10.10 -10.64
CA ASN A 58 0.76 -10.78 -11.35
C ASN A 58 -0.52 -10.72 -10.51
N SER A 59 -0.35 -10.95 -9.22
CA SER A 59 -1.48 -10.93 -8.30
C SER A 59 -1.00 -10.61 -6.89
N PHE A 60 -1.96 -10.49 -5.98
CA PHE A 60 -1.64 -10.18 -4.59
C PHE A 60 -0.86 -11.31 -3.94
N ARG A 61 -1.22 -12.54 -4.33
CA ARG A 61 -0.56 -13.72 -3.79
C ARG A 61 0.95 -13.63 -4.05
N GLU A 62 1.29 -13.28 -5.27
CA GLU A 62 2.69 -13.16 -5.65
C GLU A 62 3.38 -12.08 -4.83
N MET A 63 2.60 -11.07 -4.45
CA MET A 63 3.13 -9.98 -3.66
C MET A 63 3.33 -10.41 -2.19
N LEU A 64 2.29 -11.01 -1.64
CA LEU A 64 2.34 -11.47 -0.27
C LEU A 64 3.26 -12.70 -0.17
N GLU A 65 3.30 -13.44 -1.26
CA GLU A 65 4.14 -14.64 -1.32
C GLU A 65 5.61 -14.24 -1.47
N LYS A 66 5.85 -13.30 -2.37
CA LYS A 66 7.20 -12.83 -2.62
C LYS A 66 7.57 -11.77 -1.58
N GLU A 67 6.85 -10.66 -1.63
CA GLU A 67 7.10 -9.58 -0.70
C GLU A 67 6.88 -10.05 0.74
N GLY A 68 5.71 -10.62 0.98
CA GLY A 68 5.37 -11.11 2.30
C GLY A 68 4.02 -10.56 2.77
N LEU A 69 3.16 -11.47 3.18
CA LEU A 69 1.84 -11.08 3.65
C LEU A 69 1.99 -10.12 4.83
N GLU A 70 2.65 -10.60 5.87
CA GLU A 70 2.86 -9.79 7.06
C GLU A 70 3.78 -8.61 6.74
N ASN A 71 4.36 -8.66 5.54
CA ASN A 71 5.25 -7.60 5.11
C ASN A 71 4.47 -6.59 4.27
N VAL A 72 3.15 -6.74 4.28
CA VAL A 72 2.29 -5.86 3.53
C VAL A 72 1.07 -5.49 4.39
N LEU A 73 0.44 -6.52 4.94
CA LEU A 73 -0.72 -6.32 5.79
C LEU A 73 -0.44 -6.87 7.18
N PRO A 74 -0.06 -5.94 8.10
CA PRO A 74 0.25 -6.32 9.46
C PRO A 74 -1.04 -6.61 10.25
N GLY A 75 -1.18 -7.87 10.65
CA GLY A 75 -2.34 -8.29 11.39
C GLY A 75 -3.22 -9.24 10.57
N VAL A 76 -2.98 -9.23 9.27
CA VAL A 76 -3.72 -10.09 8.37
C VAL A 76 -3.95 -11.45 9.02
N LYS A 77 -5.04 -12.08 8.63
CA LYS A 77 -5.38 -13.39 9.16
C LYS A 77 -4.65 -14.47 8.37
N SER A 78 -4.48 -14.20 7.08
CA SER A 78 -3.80 -15.13 6.20
C SER A 78 -3.64 -14.52 4.81
N ILE A 79 -2.83 -15.18 3.99
CA ILE A 79 -2.59 -14.71 2.63
C ILE A 79 -3.93 -14.59 1.90
N GLU A 80 -4.77 -15.60 2.07
CA GLU A 80 -6.08 -15.61 1.43
C GLU A 80 -6.94 -14.48 1.99
N GLU A 81 -6.88 -14.32 3.31
CA GLU A 81 -7.66 -13.29 3.97
C GLU A 81 -7.25 -11.90 3.46
N GLY A 82 -5.95 -11.75 3.22
CA GLY A 82 -5.43 -10.49 2.72
C GLY A 82 -6.14 -10.07 1.43
N ILE A 83 -6.25 -11.01 0.52
CA ILE A 83 -6.91 -10.76 -0.75
C ILE A 83 -8.33 -10.27 -0.49
N GLN A 84 -8.99 -10.93 0.44
CA GLN A 84 -10.35 -10.58 0.79
C GLN A 84 -10.44 -9.09 1.16
N VAL A 85 -9.41 -8.64 1.87
CA VAL A 85 -9.36 -7.25 2.30
C VAL A 85 -9.27 -6.35 1.07
N TYR A 86 -8.27 -6.62 0.25
CA TYR A 86 -8.05 -5.84 -0.96
C TYR A 86 -9.25 -5.94 -1.89
N ARG A 87 -10.02 -7.02 -1.72
CA ARG A 87 -11.20 -7.23 -2.54
C ARG A 87 -12.33 -6.29 -2.11
N ARG A 88 -12.56 -6.26 -0.80
CA ARG A 88 -13.61 -5.43 -0.24
C ARG A 88 -13.20 -3.95 -0.34
N PHE A 89 -11.90 -3.73 -0.41
CA PHE A 89 -11.36 -2.38 -0.51
C PHE A 89 -11.27 -1.92 -1.97
N TYR A 90 -10.57 -2.72 -2.75
CA TYR A 90 -10.40 -2.41 -4.16
C TYR A 90 -11.30 -3.29 -5.04
N ASP A 91 -11.63 -2.76 -6.21
CA ASP A 91 -12.48 -3.49 -7.13
C ASP A 91 -11.71 -4.66 -7.74
N GLU A 92 -12.42 -5.75 -7.97
CA GLU A 92 -11.81 -6.94 -8.54
C GLU A 92 -11.49 -6.72 -10.02
N GLU A 93 -12.45 -6.13 -10.71
CA GLU A 93 -12.28 -5.86 -12.13
C GLU A 93 -11.01 -5.03 -12.36
N LYS A 94 -10.87 -3.99 -11.57
CA LYS A 94 -9.70 -3.12 -11.68
C LYS A 94 -8.45 -3.90 -11.28
N GLU A 95 -8.63 -4.77 -10.31
CA GLU A 95 -7.52 -5.58 -9.83
C GLU A 95 -7.03 -6.52 -10.93
N LYS A 96 -7.97 -7.28 -11.48
CA LYS A 96 -7.64 -8.22 -12.54
C LYS A 96 -7.19 -7.45 -13.78
N LYS A 97 -7.59 -6.18 -13.83
CA LYS A 97 -7.23 -5.33 -14.95
C LYS A 97 -5.71 -5.14 -14.98
N TYR A 98 -5.20 -4.58 -13.89
CA TYR A 98 -3.76 -4.35 -13.77
C TYR A 98 -3.09 -5.45 -12.96
N GLY A 99 -3.59 -5.64 -11.75
CA GLY A 99 -3.05 -6.65 -10.85
C GLY A 99 -2.75 -6.06 -9.47
N VAL A 100 -1.49 -6.18 -9.07
CA VAL A 100 -1.07 -5.66 -7.78
C VAL A 100 0.31 -5.02 -7.92
N VAL A 101 0.51 -3.95 -7.17
CA VAL A 101 1.78 -3.24 -7.20
C VAL A 101 2.21 -2.91 -5.76
N ALA A 102 3.22 -3.63 -5.31
CA ALA A 102 3.73 -3.43 -3.96
C ALA A 102 4.58 -2.16 -3.94
N ILE A 103 3.95 -1.08 -3.50
CA ILE A 103 4.64 0.20 -3.42
C ILE A 103 5.31 0.33 -2.05
N GLU A 104 6.62 0.56 -2.08
CA GLU A 104 7.38 0.71 -0.85
C GLU A 104 7.15 2.09 -0.24
N ILE A 105 6.39 2.10 0.84
CA ILE A 105 6.08 3.34 1.53
C ILE A 105 6.94 3.44 2.79
N GLU A 106 7.50 4.62 2.99
CA GLU A 106 8.34 4.86 4.15
C GLU A 106 8.03 6.23 4.76
N PRO A 107 7.42 6.19 5.97
CA PRO A 107 7.07 7.42 6.67
C PRO A 107 8.31 8.09 7.27
N LEU A 108 8.59 9.28 6.77
CA LEU A 108 9.74 10.04 7.25
C LEU A 108 9.32 10.90 8.43
N GLU A 109 9.03 10.22 9.54
CA GLU A 109 8.62 10.91 10.76
C GLU A 109 9.59 10.58 11.90
N TYR A 110 9.02 10.46 13.09
CA TYR A 110 9.80 10.14 14.26
C TYR A 110 10.19 8.66 14.29
N MET A 1 4.72 16.03 -6.20
CA MET A 1 3.50 16.71 -5.78
C MET A 1 3.09 16.27 -4.38
N GLU A 2 2.61 17.22 -3.60
CA GLU A 2 2.17 16.94 -2.24
C GLU A 2 0.83 16.21 -2.26
N TRP A 3 0.87 14.97 -1.80
CA TRP A 3 -0.33 14.15 -1.76
C TRP A 3 -0.86 14.16 -0.31
N GLU A 4 -2.18 14.06 -0.20
CA GLU A 4 -2.81 14.06 1.10
C GLU A 4 -3.89 12.96 1.17
N MET A 5 -3.68 12.04 2.09
CA MET A 5 -4.61 10.94 2.27
C MET A 5 -5.12 10.87 3.72
N GLY A 6 -6.42 11.02 3.86
CA GLY A 6 -7.04 10.98 5.18
C GLY A 6 -7.38 9.55 5.57
N LEU A 7 -6.35 8.73 5.66
CA LEU A 7 -6.52 7.34 6.03
C LEU A 7 -6.80 7.24 7.53
N GLN A 8 -7.43 6.13 7.92
CA GLN A 8 -7.75 5.91 9.31
C GLN A 8 -6.50 6.07 10.18
N GLU A 9 -6.72 6.66 11.36
CA GLU A 9 -5.62 6.88 12.29
C GLU A 9 -4.86 5.57 12.53
N GLU A 10 -5.62 4.53 12.82
CA GLU A 10 -5.04 3.22 13.08
C GLU A 10 -4.10 2.83 11.93
N PHE A 11 -4.50 3.20 10.73
CA PHE A 11 -3.70 2.89 9.54
C PHE A 11 -2.42 3.71 9.52
N LEU A 12 -2.56 4.97 9.90
CA LEU A 12 -1.42 5.88 9.92
C LEU A 12 -0.27 5.22 10.69
N GLU A 13 -0.63 4.45 11.70
CA GLU A 13 0.35 3.76 12.52
C GLU A 13 0.93 2.57 11.76
N LEU A 14 0.09 1.99 10.91
CA LEU A 14 0.51 0.84 10.11
C LEU A 14 1.67 1.24 9.21
N ILE A 15 1.52 2.40 8.58
CA ILE A 15 2.55 2.90 7.69
C ILE A 15 3.87 3.00 8.46
N LYS A 16 3.76 3.40 9.71
CA LYS A 16 4.94 3.53 10.55
C LYS A 16 5.59 2.16 10.74
N LEU A 17 4.75 1.14 10.76
CA LEU A 17 5.23 -0.22 10.92
C LEU A 17 5.62 -0.79 9.55
N ARG A 18 4.99 -0.25 8.53
CA ARG A 18 5.26 -0.69 7.17
C ARG A 18 6.60 -0.13 6.68
N LYS A 19 7.24 0.62 7.56
CA LYS A 19 8.53 1.22 7.24
C LYS A 19 9.60 0.12 7.16
N LYS A 20 9.22 -1.05 7.64
CA LYS A 20 10.14 -2.18 7.64
C LYS A 20 9.53 -3.32 6.83
N LYS A 21 8.31 -3.08 6.35
CA LYS A 21 7.61 -4.08 5.56
C LYS A 21 7.40 -3.56 4.14
N ILE A 22 6.15 -3.35 3.80
CA ILE A 22 5.81 -2.85 2.47
C ILE A 22 4.34 -2.42 2.46
N GLU A 23 3.94 -1.84 1.33
CA GLU A 23 2.57 -1.37 1.18
C GLU A 23 2.19 -1.35 -0.31
N GLY A 24 1.47 -2.38 -0.72
CA GLY A 24 1.04 -2.49 -2.10
C GLY A 24 -0.46 -2.27 -2.22
N ARG A 25 -0.92 -2.18 -3.46
CA ARG A 25 -2.34 -1.97 -3.72
C ARG A 25 -2.58 -1.85 -5.23
N LEU A 26 -3.74 -2.34 -5.65
CA LEU A 26 -4.11 -2.29 -7.05
C LEU A 26 -3.69 -0.94 -7.64
N TYR A 27 -2.79 -1.00 -8.60
CA TYR A 27 -2.30 0.21 -9.25
C TYR A 27 -3.43 0.93 -9.99
N ASP A 28 -4.08 1.83 -9.28
CA ASP A 28 -5.18 2.60 -9.86
C ASP A 28 -4.62 3.82 -10.59
N GLU A 29 -5.50 4.74 -10.89
CA GLU A 29 -5.11 5.96 -11.58
C GLU A 29 -4.34 6.88 -10.64
N LYS A 30 -4.86 7.02 -9.43
CA LYS A 30 -4.23 7.87 -8.43
C LYS A 30 -2.83 7.34 -8.13
N ARG A 31 -2.74 6.02 -8.02
CA ARG A 31 -1.47 5.38 -7.73
C ARG A 31 -0.47 5.64 -8.87
N ARG A 32 -1.02 5.70 -10.08
CA ARG A 32 -0.20 5.95 -11.25
C ARG A 32 0.59 7.26 -11.10
N GLN A 33 -0.12 8.27 -10.60
CA GLN A 33 0.50 9.57 -10.39
C GLN A 33 1.58 9.49 -9.31
N ILE A 34 1.38 8.54 -8.41
CA ILE A 34 2.33 8.34 -7.32
C ILE A 34 3.64 7.77 -7.88
N LYS A 35 4.74 8.32 -7.41
CA LYS A 35 6.05 7.87 -7.84
C LYS A 35 7.04 7.98 -6.68
N PRO A 36 8.20 7.29 -6.85
CA PRO A 36 9.23 7.30 -5.82
C PRO A 36 9.99 8.63 -5.84
N GLY A 37 9.66 9.48 -4.88
CA GLY A 37 10.30 10.78 -4.78
C GLY A 37 9.38 11.80 -4.13
N ASP A 38 8.09 11.65 -4.41
CA ASP A 38 7.09 12.55 -3.87
C ASP A 38 6.86 12.22 -2.39
N VAL A 39 5.94 12.96 -1.79
CA VAL A 39 5.62 12.75 -0.39
C VAL A 39 4.10 12.82 -0.21
N ILE A 40 3.61 12.01 0.73
CA ILE A 40 2.19 11.97 1.02
C ILE A 40 1.95 12.39 2.46
N SER A 41 1.11 13.39 2.62
CA SER A 41 0.79 13.90 3.95
C SER A 41 -0.56 13.33 4.42
N PHE A 42 -0.48 12.34 5.29
CA PHE A 42 -1.67 11.71 5.82
C PHE A 42 -2.29 12.54 6.96
N GLU A 43 -3.60 12.68 6.89
CA GLU A 43 -4.31 13.44 7.90
C GLU A 43 -3.74 14.85 7.99
N GLY A 44 -3.46 15.43 6.83
CA GLY A 44 -2.90 16.77 6.77
C GLY A 44 -1.38 16.75 6.91
N GLY A 45 -0.93 16.23 8.05
CA GLY A 45 0.49 16.14 8.31
C GLY A 45 0.76 15.31 9.57
N LYS A 46 -0.12 14.36 9.82
CA LYS A 46 0.00 13.49 10.97
C LYS A 46 1.09 12.45 10.71
N LEU A 47 1.09 11.95 9.48
CA LEU A 47 2.07 10.95 9.08
C LEU A 47 2.54 11.25 7.65
N LYS A 48 3.80 11.62 7.54
CA LYS A 48 4.39 11.93 6.25
C LYS A 48 5.17 10.72 5.74
N VAL A 49 5.04 10.45 4.45
CA VAL A 49 5.73 9.33 3.84
C VAL A 49 6.22 9.74 2.45
N ARG A 50 7.34 9.16 2.06
CA ARG A 50 7.92 9.45 0.75
C ARG A 50 8.20 8.15 -0.01
N VAL A 51 7.47 7.98 -1.09
CA VAL A 51 7.63 6.78 -1.92
C VAL A 51 9.12 6.50 -2.11
N LYS A 52 9.45 5.22 -2.09
CA LYS A 52 10.83 4.80 -2.27
C LYS A 52 10.99 4.14 -3.64
N ALA A 53 10.00 3.34 -3.99
CA ALA A 53 10.02 2.65 -5.27
C ALA A 53 8.67 1.98 -5.51
N ILE A 54 8.38 1.72 -6.77
CA ILE A 54 7.13 1.08 -7.14
C ILE A 54 7.43 -0.27 -7.81
N ARG A 55 6.49 -1.19 -7.64
CA ARG A 55 6.64 -2.51 -8.22
C ARG A 55 5.29 -3.02 -8.71
N VAL A 56 5.35 -4.03 -9.59
CA VAL A 56 4.14 -4.61 -10.14
C VAL A 56 4.25 -6.14 -10.07
N TYR A 57 3.11 -6.76 -9.81
CA TYR A 57 3.07 -8.22 -9.72
C TYR A 57 1.88 -8.78 -10.50
N ASN A 58 1.78 -10.10 -10.50
CA ASN A 58 0.69 -10.76 -11.20
C ASN A 58 -0.60 -10.62 -10.41
N SER A 59 -0.49 -10.84 -9.11
CA SER A 59 -1.64 -10.72 -8.23
C SER A 59 -1.19 -10.43 -6.80
N PHE A 60 -2.16 -10.11 -5.96
CA PHE A 60 -1.87 -9.81 -4.57
C PHE A 60 -1.21 -11.00 -3.87
N ARG A 61 -1.69 -12.19 -4.23
CA ARG A 61 -1.15 -13.41 -3.64
C ARG A 61 0.36 -13.49 -3.86
N GLU A 62 0.77 -13.17 -5.07
CA GLU A 62 2.18 -13.20 -5.43
C GLU A 62 2.95 -12.15 -4.62
N MET A 63 2.33 -10.99 -4.48
CA MET A 63 2.94 -9.90 -3.75
C MET A 63 3.15 -10.28 -2.27
N LEU A 64 2.08 -10.77 -1.67
CA LEU A 64 2.13 -11.18 -0.27
C LEU A 64 3.06 -12.38 -0.13
N GLU A 65 3.10 -13.19 -1.18
CA GLU A 65 3.95 -14.38 -1.18
C GLU A 65 5.41 -13.99 -1.41
N LYS A 66 5.60 -12.99 -2.26
CA LYS A 66 6.93 -12.50 -2.57
C LYS A 66 7.37 -11.52 -1.50
N GLU A 67 6.67 -10.39 -1.45
CA GLU A 67 6.98 -9.35 -0.49
C GLU A 67 6.76 -9.87 0.94
N GLY A 68 5.56 -10.38 1.17
CA GLY A 68 5.21 -10.91 2.48
C GLY A 68 3.84 -10.39 2.94
N LEU A 69 2.96 -11.33 3.21
CA LEU A 69 1.61 -10.98 3.65
C LEU A 69 1.71 -10.03 4.85
N GLU A 70 2.35 -10.52 5.90
CA GLU A 70 2.52 -9.72 7.12
C GLU A 70 3.45 -8.53 6.84
N ASN A 71 4.18 -8.64 5.75
CA ASN A 71 5.10 -7.57 5.36
C ASN A 71 4.42 -6.64 4.36
N VAL A 72 3.09 -6.78 4.29
CA VAL A 72 2.32 -5.96 3.38
C VAL A 72 1.02 -5.54 4.08
N LEU A 73 0.38 -6.51 4.70
CA LEU A 73 -0.87 -6.26 5.40
C LEU A 73 -0.78 -6.82 6.81
N PRO A 74 -0.42 -5.93 7.77
CA PRO A 74 -0.29 -6.33 9.17
C PRO A 74 -1.67 -6.53 9.81
N GLY A 75 -1.87 -7.71 10.36
CA GLY A 75 -3.12 -8.04 11.01
C GLY A 75 -3.86 -9.14 10.25
N VAL A 76 -3.68 -9.14 8.93
CA VAL A 76 -4.32 -10.13 8.08
C VAL A 76 -4.29 -11.49 8.78
N LYS A 77 -5.31 -12.29 8.49
CA LYS A 77 -5.41 -13.61 9.08
C LYS A 77 -4.61 -14.61 8.24
N SER A 78 -4.63 -14.36 6.94
CA SER A 78 -3.91 -15.23 6.01
C SER A 78 -3.86 -14.59 4.62
N ILE A 79 -3.01 -15.14 3.78
CA ILE A 79 -2.86 -14.63 2.43
C ILE A 79 -4.22 -14.56 1.75
N GLU A 80 -5.03 -15.57 2.03
CA GLU A 80 -6.37 -15.64 1.45
C GLU A 80 -7.23 -14.50 2.00
N GLU A 81 -7.18 -14.33 3.32
CA GLU A 81 -7.94 -13.28 3.97
C GLU A 81 -7.51 -11.91 3.47
N GLY A 82 -6.21 -11.78 3.25
CA GLY A 82 -5.65 -10.53 2.76
C GLY A 82 -6.29 -10.12 1.44
N ILE A 83 -6.31 -11.06 0.50
CA ILE A 83 -6.88 -10.81 -0.80
C ILE A 83 -8.33 -10.32 -0.64
N GLN A 84 -9.01 -10.92 0.33
CA GLN A 84 -10.39 -10.56 0.59
C GLN A 84 -10.50 -9.06 0.87
N VAL A 85 -9.50 -8.54 1.58
CA VAL A 85 -9.46 -7.13 1.92
C VAL A 85 -9.32 -6.31 0.65
N TYR A 86 -8.50 -6.81 -0.25
CA TYR A 86 -8.26 -6.13 -1.52
C TYR A 86 -9.46 -6.30 -2.47
N ARG A 87 -10.19 -7.38 -2.24
CA ARG A 87 -11.36 -7.67 -3.06
C ARG A 87 -12.52 -6.75 -2.67
N ARG A 88 -12.73 -6.63 -1.37
CA ARG A 88 -13.80 -5.79 -0.87
C ARG A 88 -13.52 -4.32 -1.17
N PHE A 89 -12.24 -3.97 -1.09
CA PHE A 89 -11.83 -2.60 -1.36
C PHE A 89 -11.78 -2.33 -2.87
N TYR A 90 -11.06 -3.19 -3.56
CA TYR A 90 -10.92 -3.05 -5.01
C TYR A 90 -11.69 -4.15 -5.73
N ASP A 91 -12.22 -3.79 -6.90
CA ASP A 91 -12.98 -4.73 -7.69
C ASP A 91 -12.09 -5.92 -8.08
N GLU A 92 -12.71 -7.07 -8.17
CA GLU A 92 -11.99 -8.29 -8.53
C GLU A 92 -11.55 -8.24 -9.99
N GLU A 93 -12.42 -7.68 -10.82
CA GLU A 93 -12.14 -7.58 -12.24
C GLU A 93 -11.06 -6.51 -12.48
N LYS A 94 -11.29 -5.34 -11.89
CA LYS A 94 -10.34 -4.24 -12.03
C LYS A 94 -8.96 -4.70 -11.58
N GLU A 95 -8.95 -5.44 -10.48
CA GLU A 95 -7.71 -5.95 -9.93
C GLU A 95 -7.05 -6.93 -10.89
N LYS A 96 -7.84 -7.93 -11.30
CA LYS A 96 -7.35 -8.93 -12.22
C LYS A 96 -7.04 -8.28 -13.58
N LYS A 97 -7.57 -7.08 -13.74
CA LYS A 97 -7.35 -6.34 -14.98
C LYS A 97 -5.91 -5.82 -15.02
N TYR A 98 -5.57 -5.02 -14.02
CA TYR A 98 -4.23 -4.47 -13.93
C TYR A 98 -3.31 -5.36 -13.09
N GLY A 99 -3.77 -5.64 -11.88
CA GLY A 99 -3.01 -6.47 -10.96
C GLY A 99 -2.72 -5.72 -9.66
N VAL A 100 -1.56 -6.05 -9.09
CA VAL A 100 -1.15 -5.42 -7.84
C VAL A 100 0.23 -4.78 -8.03
N VAL A 101 0.49 -3.76 -7.24
CA VAL A 101 1.76 -3.06 -7.31
C VAL A 101 2.26 -2.77 -5.89
N ALA A 102 3.28 -3.51 -5.50
CA ALA A 102 3.86 -3.35 -4.17
C ALA A 102 4.78 -2.13 -4.17
N ILE A 103 4.23 -1.02 -3.70
CA ILE A 103 4.98 0.23 -3.64
C ILE A 103 5.71 0.30 -2.30
N GLU A 104 6.98 0.71 -2.37
CA GLU A 104 7.80 0.83 -1.18
C GLU A 104 7.75 2.26 -0.64
N ILE A 105 7.13 2.41 0.51
CA ILE A 105 7.01 3.72 1.14
C ILE A 105 7.95 3.79 2.34
N GLU A 106 8.02 4.98 2.92
CA GLU A 106 8.88 5.20 4.08
C GLU A 106 8.46 6.47 4.82
N PRO A 107 7.71 6.26 5.93
CA PRO A 107 7.24 7.37 6.73
C PRO A 107 8.37 7.96 7.57
N LEU A 108 8.90 9.08 7.10
CA LEU A 108 9.98 9.76 7.79
C LEU A 108 9.42 10.60 8.93
N GLU A 109 9.08 9.91 10.02
CA GLU A 109 8.53 10.57 11.19
C GLU A 109 9.24 10.08 12.46
N TYR A 110 8.44 9.93 13.51
CA TYR A 110 8.98 9.47 14.79
C TYR A 110 8.19 8.27 15.30
N MET A 1 3.68 15.72 -6.68
CA MET A 1 3.94 16.72 -5.67
C MET A 1 3.45 16.26 -4.29
N GLU A 2 3.39 17.21 -3.37
CA GLU A 2 2.94 16.92 -2.03
C GLU A 2 1.48 16.46 -2.03
N TRP A 3 1.31 15.15 -1.90
CA TRP A 3 -0.03 14.57 -1.89
C TRP A 3 -0.55 14.60 -0.46
N GLU A 4 -1.87 14.61 -0.34
CA GLU A 4 -2.51 14.64 0.97
C GLU A 4 -3.68 13.66 1.00
N MET A 5 -3.67 12.79 2.01
CA MET A 5 -4.73 11.82 2.17
C MET A 5 -5.44 11.99 3.52
N GLY A 6 -6.43 11.14 3.73
CA GLY A 6 -7.19 11.18 4.97
C GLY A 6 -7.72 9.80 5.34
N LEU A 7 -6.82 8.83 5.33
CA LEU A 7 -7.17 7.47 5.65
C LEU A 7 -7.36 7.34 7.17
N GLN A 8 -7.70 6.13 7.60
CA GLN A 8 -7.90 5.86 9.01
C GLN A 8 -6.56 5.94 9.76
N GLU A 9 -6.66 6.26 11.04
CA GLU A 9 -5.48 6.37 11.88
C GLU A 9 -4.83 5.00 12.07
N GLU A 10 -5.68 4.02 12.31
CA GLU A 10 -5.21 2.65 12.51
C GLU A 10 -4.28 2.24 11.38
N PHE A 11 -4.58 2.74 10.19
CA PHE A 11 -3.79 2.43 9.01
C PHE A 11 -2.46 3.19 9.04
N LEU A 12 -2.48 4.34 9.68
CA LEU A 12 -1.29 5.17 9.79
C LEU A 12 -0.22 4.42 10.58
N GLU A 13 -0.62 3.94 11.75
CA GLU A 13 0.28 3.22 12.61
C GLU A 13 0.90 2.03 11.86
N LEU A 14 0.18 1.59 10.83
CA LEU A 14 0.64 0.47 10.02
C LEU A 14 1.77 0.96 9.09
N ILE A 15 1.55 2.13 8.53
CA ILE A 15 2.52 2.72 7.62
C ILE A 15 3.87 2.84 8.33
N LYS A 16 3.80 3.20 9.60
CA LYS A 16 5.01 3.37 10.40
C LYS A 16 5.68 2.00 10.56
N LEU A 17 4.86 0.95 10.54
CA LEU A 17 5.36 -0.39 10.68
C LEU A 17 5.80 -0.92 9.32
N ARG A 18 5.18 -0.36 8.28
CA ARG A 18 5.49 -0.77 6.92
C ARG A 18 6.84 -0.18 6.50
N LYS A 19 7.44 0.57 7.40
CA LYS A 19 8.72 1.19 7.14
C LYS A 19 9.82 0.13 7.21
N LYS A 20 9.42 -1.07 7.62
CA LYS A 20 10.35 -2.18 7.74
C LYS A 20 10.17 -3.12 6.55
N LYS A 21 8.97 -3.10 5.99
CA LYS A 21 8.66 -3.94 4.85
C LYS A 21 8.12 -3.07 3.71
N ILE A 22 6.87 -3.33 3.35
CA ILE A 22 6.23 -2.59 2.30
C ILE A 22 4.74 -2.41 2.61
N GLU A 23 3.95 -2.34 1.56
CA GLU A 23 2.51 -2.17 1.71
C GLU A 23 1.77 -2.79 0.52
N GLY A 24 0.46 -2.57 0.50
CA GLY A 24 -0.36 -3.09 -0.58
C GLY A 24 -1.19 -1.97 -1.23
N ARG A 25 -1.56 -2.21 -2.47
CA ARG A 25 -2.35 -1.24 -3.21
C ARG A 25 -2.23 -1.51 -4.72
N LEU A 26 -3.37 -1.86 -5.30
CA LEU A 26 -3.42 -2.15 -6.73
C LEU A 26 -3.03 -0.90 -7.51
N TYR A 27 -2.46 -1.12 -8.69
CA TYR A 27 -2.04 -0.02 -9.55
C TYR A 27 -3.24 0.64 -10.22
N ASP A 28 -3.77 1.65 -9.54
CA ASP A 28 -4.92 2.39 -10.06
C ASP A 28 -4.44 3.58 -10.88
N GLU A 29 -5.36 4.48 -11.16
CA GLU A 29 -5.04 5.67 -11.94
C GLU A 29 -4.30 6.68 -11.07
N LYS A 30 -4.91 6.99 -9.93
CA LYS A 30 -4.32 7.95 -9.01
C LYS A 30 -2.92 7.47 -8.61
N ARG A 31 -2.80 6.16 -8.44
CA ARG A 31 -1.53 5.56 -8.07
C ARG A 31 -0.50 5.75 -9.19
N ARG A 32 -1.00 5.75 -10.41
CA ARG A 32 -0.14 5.92 -11.57
C ARG A 32 0.48 7.32 -11.57
N GLN A 33 -0.28 8.27 -11.07
CA GLN A 33 0.18 9.64 -11.01
C GLN A 33 1.36 9.77 -10.05
N ILE A 34 1.32 8.98 -8.99
CA ILE A 34 2.38 8.98 -8.00
C ILE A 34 3.60 8.25 -8.57
N LYS A 35 4.77 8.70 -8.14
CA LYS A 35 6.01 8.11 -8.59
C LYS A 35 7.04 8.17 -7.47
N PRO A 36 8.23 7.55 -7.74
CA PRO A 36 9.30 7.53 -6.75
C PRO A 36 9.99 8.90 -6.67
N GLY A 37 9.40 9.78 -5.88
CA GLY A 37 9.95 11.11 -5.71
C GLY A 37 8.85 12.10 -5.30
N ASP A 38 8.14 11.75 -4.23
CA ASP A 38 7.07 12.60 -3.74
C ASP A 38 6.74 12.19 -2.29
N VAL A 39 5.83 12.95 -1.70
CA VAL A 39 5.43 12.68 -0.33
C VAL A 39 3.90 12.78 -0.22
N ILE A 40 3.35 12.01 0.71
CA ILE A 40 1.91 12.01 0.92
C ILE A 40 1.61 12.32 2.38
N SER A 41 0.81 13.37 2.58
CA SER A 41 0.45 13.78 3.92
C SER A 41 -0.91 13.20 4.29
N PHE A 42 -0.88 12.17 5.13
CA PHE A 42 -2.10 11.53 5.56
C PHE A 42 -2.78 12.34 6.67
N GLU A 43 -4.11 12.32 6.63
CA GLU A 43 -4.89 13.04 7.63
C GLU A 43 -4.31 14.45 7.84
N GLY A 44 -4.09 15.13 6.73
CA GLY A 44 -3.54 16.48 6.77
C GLY A 44 -2.02 16.45 6.94
N GLY A 45 -1.60 15.87 8.06
CA GLY A 45 -0.18 15.77 8.36
C GLY A 45 0.06 14.88 9.58
N LYS A 46 -0.84 13.93 9.76
CA LYS A 46 -0.74 13.00 10.88
C LYS A 46 0.35 11.96 10.58
N LEU A 47 0.39 11.54 9.32
CA LEU A 47 1.37 10.56 8.90
C LEU A 47 1.89 10.93 7.51
N LYS A 48 3.19 11.17 7.44
CA LYS A 48 3.82 11.54 6.19
C LYS A 48 4.62 10.36 5.66
N VAL A 49 4.65 10.23 4.34
CA VAL A 49 5.37 9.14 3.70
C VAL A 49 5.92 9.63 2.36
N ARG A 50 6.98 8.96 1.91
CA ARG A 50 7.61 9.32 0.66
C ARG A 50 7.87 8.06 -0.18
N VAL A 51 7.39 8.09 -1.42
CA VAL A 51 7.56 6.97 -2.32
C VAL A 51 9.06 6.70 -2.52
N LYS A 52 9.41 5.43 -2.41
CA LYS A 52 10.80 5.03 -2.58
C LYS A 52 10.99 4.39 -3.95
N ALA A 53 10.05 3.51 -4.29
CA ALA A 53 10.10 2.82 -5.57
C ALA A 53 8.76 2.10 -5.80
N ILE A 54 8.46 1.90 -7.07
CA ILE A 54 7.23 1.23 -7.45
C ILE A 54 7.54 -0.22 -7.86
N ARG A 55 6.58 -1.08 -7.60
CA ARG A 55 6.74 -2.49 -7.93
C ARG A 55 5.39 -3.10 -8.32
N VAL A 56 5.36 -3.71 -9.50
CA VAL A 56 4.15 -4.33 -9.98
C VAL A 56 4.31 -5.86 -9.96
N TYR A 57 3.22 -6.53 -9.64
CA TYR A 57 3.23 -7.99 -9.57
C TYR A 57 2.08 -8.58 -10.40
N ASN A 58 2.02 -9.91 -10.40
CA ASN A 58 0.99 -10.60 -11.15
C ASN A 58 -0.33 -10.51 -10.39
N SER A 59 -0.26 -10.75 -9.09
CA SER A 59 -1.44 -10.69 -8.25
C SER A 59 -1.03 -10.42 -6.80
N PHE A 60 -2.04 -10.21 -5.96
CA PHE A 60 -1.80 -9.94 -4.55
C PHE A 60 -1.16 -11.14 -3.86
N ARG A 61 -1.64 -12.32 -4.23
CA ARG A 61 -1.11 -13.55 -3.66
C ARG A 61 0.39 -13.63 -3.87
N GLU A 62 0.83 -13.13 -5.01
CA GLU A 62 2.24 -13.15 -5.35
C GLU A 62 3.00 -12.11 -4.52
N MET A 63 2.33 -10.99 -4.30
CA MET A 63 2.92 -9.90 -3.53
C MET A 63 3.13 -10.32 -2.06
N LEU A 64 2.06 -10.85 -1.49
CA LEU A 64 2.10 -11.30 -0.11
C LEU A 64 3.03 -12.50 0.02
N GLU A 65 3.10 -13.27 -1.07
CA GLU A 65 3.96 -14.44 -1.10
C GLU A 65 5.43 -14.03 -1.24
N LYS A 66 5.66 -13.09 -2.14
CA LYS A 66 7.00 -12.59 -2.39
C LYS A 66 7.37 -11.56 -1.32
N GLU A 67 6.65 -10.45 -1.35
CA GLU A 67 6.89 -9.39 -0.39
C GLU A 67 6.69 -9.90 1.04
N GLY A 68 5.53 -10.48 1.26
CA GLY A 68 5.20 -11.02 2.57
C GLY A 68 3.84 -10.49 3.05
N LEU A 69 2.94 -11.43 3.30
CA LEU A 69 1.61 -11.07 3.77
C LEU A 69 1.72 -10.10 4.94
N GLU A 70 2.37 -10.56 6.00
CA GLU A 70 2.56 -9.75 7.18
C GLU A 70 3.51 -8.59 6.89
N ASN A 71 4.29 -8.77 5.83
CA ASN A 71 5.24 -7.75 5.44
C ASN A 71 4.57 -6.77 4.48
N VAL A 72 3.24 -6.87 4.40
CA VAL A 72 2.47 -6.01 3.53
C VAL A 72 1.22 -5.54 4.27
N LEU A 73 0.49 -6.51 4.82
CA LEU A 73 -0.72 -6.21 5.55
C LEU A 73 -0.59 -6.74 6.98
N PRO A 74 -0.18 -5.81 7.90
CA PRO A 74 -0.01 -6.17 9.29
C PRO A 74 -1.37 -6.31 9.99
N GLY A 75 -1.65 -7.53 10.42
CA GLY A 75 -2.91 -7.81 11.10
C GLY A 75 -3.71 -8.88 10.36
N VAL A 76 -3.51 -8.92 9.05
CA VAL A 76 -4.21 -9.88 8.22
C VAL A 76 -4.26 -11.23 8.95
N LYS A 77 -5.30 -11.99 8.64
CA LYS A 77 -5.49 -13.30 9.26
C LYS A 77 -4.70 -14.34 8.47
N SER A 78 -4.72 -14.18 7.15
CA SER A 78 -4.02 -15.11 6.28
C SER A 78 -3.93 -14.53 4.87
N ILE A 79 -3.08 -15.13 4.07
CA ILE A 79 -2.88 -14.69 2.69
C ILE A 79 -4.25 -14.64 1.99
N GLU A 80 -5.08 -15.62 2.31
CA GLU A 80 -6.40 -15.70 1.71
C GLU A 80 -7.25 -14.50 2.15
N GLU A 81 -7.26 -14.26 3.46
CA GLU A 81 -8.03 -13.16 4.01
C GLU A 81 -7.52 -11.83 3.44
N GLY A 82 -6.21 -11.77 3.25
CA GLY A 82 -5.59 -10.56 2.72
C GLY A 82 -6.23 -10.16 1.39
N ILE A 83 -6.38 -11.14 0.52
CA ILE A 83 -6.98 -10.90 -0.78
C ILE A 83 -8.40 -10.37 -0.59
N GLN A 84 -9.08 -10.92 0.40
CA GLN A 84 -10.44 -10.51 0.69
C GLN A 84 -10.48 -9.03 1.06
N VAL A 85 -9.46 -8.60 1.79
CA VAL A 85 -9.37 -7.21 2.22
C VAL A 85 -9.21 -6.32 0.98
N TYR A 86 -8.41 -6.79 0.04
CA TYR A 86 -8.17 -6.06 -1.19
C TYR A 86 -9.41 -6.02 -2.07
N ARG A 87 -10.19 -7.09 -1.98
CA ARG A 87 -11.41 -7.20 -2.75
C ARG A 87 -12.51 -6.30 -2.17
N ARG A 88 -12.47 -6.16 -0.86
CA ARG A 88 -13.44 -5.34 -0.16
C ARG A 88 -13.30 -3.88 -0.60
N PHE A 89 -12.06 -3.43 -0.65
CA PHE A 89 -11.78 -2.05 -1.05
C PHE A 89 -11.61 -1.96 -2.56
N TYR A 90 -10.71 -2.77 -3.08
CA TYR A 90 -10.44 -2.78 -4.51
C TYR A 90 -11.28 -3.86 -5.22
N ASP A 91 -11.65 -3.55 -6.46
CA ASP A 91 -12.45 -4.47 -7.25
C ASP A 91 -11.55 -5.61 -7.74
N GLU A 92 -12.18 -6.77 -7.90
CA GLU A 92 -11.46 -7.94 -8.37
C GLU A 92 -11.17 -7.83 -9.87
N GLU A 93 -12.08 -7.16 -10.56
CA GLU A 93 -11.94 -6.98 -11.99
C GLU A 93 -10.81 -5.99 -12.30
N LYS A 94 -10.88 -4.84 -11.64
CA LYS A 94 -9.87 -3.81 -11.83
C LYS A 94 -8.49 -4.38 -11.49
N GLU A 95 -8.45 -5.10 -10.38
CA GLU A 95 -7.21 -5.71 -9.93
C GLU A 95 -6.71 -6.74 -10.95
N LYS A 96 -7.61 -7.66 -11.30
CA LYS A 96 -7.27 -8.69 -12.27
C LYS A 96 -7.02 -8.04 -13.64
N LYS A 97 -7.48 -6.81 -13.76
CA LYS A 97 -7.32 -6.07 -15.00
C LYS A 97 -5.85 -5.68 -15.17
N TYR A 98 -5.35 -4.92 -14.20
CA TYR A 98 -3.97 -4.48 -14.23
C TYR A 98 -3.09 -5.36 -13.34
N GLY A 99 -3.50 -5.49 -12.09
CA GLY A 99 -2.76 -6.30 -11.14
C GLY A 99 -2.47 -5.52 -9.86
N VAL A 100 -1.58 -6.08 -9.05
CA VAL A 100 -1.21 -5.44 -7.79
C VAL A 100 0.18 -4.82 -7.93
N VAL A 101 0.39 -3.76 -7.15
CA VAL A 101 1.67 -3.07 -7.18
C VAL A 101 2.09 -2.74 -5.75
N ALA A 102 3.11 -3.46 -5.29
CA ALA A 102 3.62 -3.25 -3.94
C ALA A 102 4.50 -1.99 -3.92
N ILE A 103 3.89 -0.89 -3.49
CA ILE A 103 4.60 0.37 -3.42
C ILE A 103 5.36 0.45 -2.10
N GLU A 104 6.61 0.86 -2.21
CA GLU A 104 7.47 0.98 -1.04
C GLU A 104 7.34 2.38 -0.43
N ILE A 105 6.65 2.43 0.70
CA ILE A 105 6.44 3.69 1.40
C ILE A 105 7.44 3.81 2.55
N GLU A 106 7.75 5.04 2.90
CA GLU A 106 8.69 5.30 3.98
C GLU A 106 8.27 6.56 4.75
N PRO A 107 7.63 6.33 5.92
CA PRO A 107 7.18 7.44 6.75
C PRO A 107 8.36 8.08 7.49
N LEU A 108 8.78 9.22 6.98
CA LEU A 108 9.90 9.94 7.57
C LEU A 108 9.37 10.90 8.64
N GLU A 109 8.96 10.32 9.76
CA GLU A 109 8.43 11.11 10.86
C GLU A 109 9.27 10.90 12.12
N TYR A 110 10.37 10.18 11.95
CA TYR A 110 11.27 9.90 13.06
C TYR A 110 10.55 9.17 14.18
N MET A 1 5.11 19.80 -5.19
CA MET A 1 4.36 18.58 -5.51
C MET A 1 4.28 17.66 -4.30
N GLU A 2 3.08 17.60 -3.73
CA GLU A 2 2.84 16.76 -2.56
C GLU A 2 1.54 15.98 -2.72
N TRP A 3 1.45 14.88 -1.99
CA TRP A 3 0.26 14.04 -2.05
C TRP A 3 -0.32 13.96 -0.63
N GLU A 4 -1.63 13.74 -0.58
CA GLU A 4 -2.32 13.64 0.70
C GLU A 4 -3.39 12.55 0.64
N MET A 5 -3.84 12.14 1.82
CA MET A 5 -4.85 11.11 1.91
C MET A 5 -5.57 11.16 3.27
N GLY A 6 -6.34 10.13 3.54
CA GLY A 6 -7.07 10.04 4.79
C GLY A 6 -7.36 8.58 5.16
N LEU A 7 -7.21 8.29 6.44
CA LEU A 7 -7.45 6.95 6.94
C LEU A 7 -7.55 6.97 8.46
N GLN A 8 -8.01 5.86 9.02
CA GLN A 8 -8.15 5.76 10.46
C GLN A 8 -6.77 5.83 11.13
N GLU A 9 -6.80 6.14 12.42
CA GLU A 9 -5.57 6.26 13.19
C GLU A 9 -4.78 4.95 13.12
N GLU A 10 -5.51 3.85 13.32
CA GLU A 10 -4.88 2.53 13.28
C GLU A 10 -4.14 2.33 11.96
N PHE A 11 -4.86 2.56 10.87
CA PHE A 11 -4.27 2.42 9.55
C PHE A 11 -3.08 3.36 9.37
N LEU A 12 -3.18 4.52 10.00
CA LEU A 12 -2.11 5.51 9.92
C LEU A 12 -0.84 4.94 10.54
N GLU A 13 -1.03 4.25 11.66
CA GLU A 13 0.10 3.66 12.37
C GLU A 13 0.65 2.47 11.57
N LEU A 14 -0.25 1.79 10.86
CA LEU A 14 0.14 0.65 10.06
C LEU A 14 1.30 1.05 9.15
N ILE A 15 1.15 2.21 8.51
CA ILE A 15 2.17 2.70 7.61
C ILE A 15 3.49 2.87 8.38
N LYS A 16 3.38 3.46 9.56
CA LYS A 16 4.56 3.67 10.40
C LYS A 16 5.31 2.35 10.57
N LEU A 17 4.54 1.27 10.61
CA LEU A 17 5.13 -0.05 10.77
C LEU A 17 5.57 -0.58 9.41
N ARG A 18 4.98 0.00 8.37
CA ARG A 18 5.30 -0.40 7.01
C ARG A 18 6.67 0.15 6.60
N LYS A 19 7.29 0.86 7.54
CA LYS A 19 8.60 1.44 7.30
C LYS A 19 9.64 0.32 7.26
N LYS A 20 9.22 -0.85 7.68
CA LYS A 20 10.11 -2.00 7.71
C LYS A 20 9.47 -3.16 6.93
N LYS A 21 8.30 -2.87 6.37
CA LYS A 21 7.57 -3.87 5.60
C LYS A 21 7.37 -3.36 4.17
N ILE A 22 6.11 -3.15 3.83
CA ILE A 22 5.77 -2.67 2.50
C ILE A 22 4.30 -2.25 2.48
N GLU A 23 3.90 -1.67 1.36
CA GLU A 23 2.52 -1.22 1.21
C GLU A 23 2.06 -1.44 -0.24
N GLY A 24 1.13 -2.37 -0.39
CA GLY A 24 0.59 -2.69 -1.70
C GLY A 24 -0.75 -1.98 -1.93
N ARG A 25 -1.16 -1.96 -3.19
CA ARG A 25 -2.41 -1.33 -3.56
C ARG A 25 -2.61 -1.36 -5.08
N LEU A 26 -3.69 -1.99 -5.49
CA LEU A 26 -4.01 -2.10 -6.90
C LEU A 26 -3.61 -0.80 -7.60
N TYR A 27 -2.82 -0.96 -8.66
CA TYR A 27 -2.37 0.19 -9.42
C TYR A 27 -3.54 0.88 -10.13
N ASP A 28 -3.91 2.04 -9.59
CA ASP A 28 -5.01 2.81 -10.15
C ASP A 28 -4.44 4.00 -10.94
N GLU A 29 -5.31 4.98 -11.17
CA GLU A 29 -4.91 6.17 -11.90
C GLU A 29 -4.07 7.09 -11.01
N LYS A 30 -4.49 7.19 -9.75
CA LYS A 30 -3.79 8.03 -8.80
C LYS A 30 -2.39 7.45 -8.54
N ARG A 31 -2.34 6.13 -8.48
CA ARG A 31 -1.08 5.45 -8.24
C ARG A 31 -0.13 5.65 -9.42
N ARG A 32 -0.74 5.78 -10.60
CA ARG A 32 0.04 5.98 -11.81
C ARG A 32 0.83 7.29 -11.74
N GLN A 33 0.21 8.28 -11.10
CA GLN A 33 0.85 9.57 -10.96
C GLN A 33 1.95 9.51 -9.91
N ILE A 34 1.80 8.56 -9.00
CA ILE A 34 2.78 8.38 -7.93
C ILE A 34 4.07 7.82 -8.53
N LYS A 35 5.18 8.40 -8.11
CA LYS A 35 6.48 7.96 -8.59
C LYS A 35 7.52 8.12 -7.47
N PRO A 36 8.73 7.57 -7.73
CA PRO A 36 9.80 7.65 -6.76
C PRO A 36 10.41 9.05 -6.70
N GLY A 37 10.15 9.73 -5.59
CA GLY A 37 10.67 11.08 -5.41
C GLY A 37 9.54 12.03 -5.03
N ASP A 38 8.82 11.67 -3.99
CA ASP A 38 7.70 12.50 -3.52
C ASP A 38 7.33 12.08 -2.10
N VAL A 39 6.40 12.82 -1.53
CA VAL A 39 5.95 12.53 -0.17
C VAL A 39 4.42 12.60 -0.13
N ILE A 40 3.84 11.65 0.60
CA ILE A 40 2.39 11.59 0.73
C ILE A 40 2.00 11.94 2.18
N SER A 41 0.87 12.62 2.29
CA SER A 41 0.38 13.02 3.60
C SER A 41 -0.90 12.24 3.93
N PHE A 42 -1.08 11.97 5.22
CA PHE A 42 -2.25 11.24 5.68
C PHE A 42 -2.95 11.99 6.82
N GLU A 43 -4.26 12.13 6.67
CA GLU A 43 -5.06 12.82 7.68
C GLU A 43 -4.55 14.26 7.86
N GLY A 44 -4.14 14.85 6.75
CA GLY A 44 -3.63 16.22 6.78
C GLY A 44 -2.11 16.23 6.93
N GLY A 45 -1.65 15.70 8.06
CA GLY A 45 -0.23 15.64 8.34
C GLY A 45 0.05 14.81 9.59
N LYS A 46 -0.80 13.82 9.80
CA LYS A 46 -0.66 12.94 10.95
C LYS A 46 0.49 11.96 10.69
N LEU A 47 0.64 11.59 9.44
CA LEU A 47 1.68 10.66 9.05
C LEU A 47 2.08 10.93 7.59
N LYS A 48 3.37 11.22 7.41
CA LYS A 48 3.88 11.49 6.08
C LYS A 48 4.78 10.34 5.64
N VAL A 49 4.71 10.04 4.35
CA VAL A 49 5.52 8.96 3.78
C VAL A 49 6.22 9.46 2.53
N ARG A 50 7.29 8.76 2.17
CA ARG A 50 8.07 9.12 1.00
C ARG A 50 8.26 7.90 0.10
N VAL A 51 7.75 8.01 -1.12
CA VAL A 51 7.87 6.93 -2.09
C VAL A 51 9.35 6.63 -2.35
N LYS A 52 9.66 5.35 -2.41
CA LYS A 52 11.02 4.92 -2.65
C LYS A 52 11.14 4.36 -4.07
N ALA A 53 10.15 3.56 -4.43
CA ALA A 53 10.13 2.95 -5.76
C ALA A 53 8.74 2.37 -6.02
N ILE A 54 8.56 1.85 -7.22
CA ILE A 54 7.30 1.26 -7.62
C ILE A 54 7.53 -0.17 -8.08
N ARG A 55 6.56 -1.03 -7.79
CA ARG A 55 6.65 -2.43 -8.18
C ARG A 55 5.27 -2.95 -8.58
N VAL A 56 5.28 -3.81 -9.59
CA VAL A 56 4.04 -4.38 -10.08
C VAL A 56 4.20 -5.90 -10.18
N TYR A 57 3.11 -6.60 -9.84
CA TYR A 57 3.12 -8.06 -9.88
C TYR A 57 1.90 -8.58 -10.63
N ASN A 58 1.79 -9.91 -10.65
CA ASN A 58 0.67 -10.55 -11.32
C ASN A 58 -0.59 -10.41 -10.46
N SER A 59 -0.42 -10.66 -9.17
CA SER A 59 -1.53 -10.57 -8.24
C SER A 59 -1.01 -10.30 -6.83
N PHE A 60 -1.93 -9.97 -5.94
CA PHE A 60 -1.58 -9.69 -4.55
C PHE A 60 -0.95 -10.91 -3.89
N ARG A 61 -1.46 -12.07 -4.24
CA ARG A 61 -0.97 -13.32 -3.69
C ARG A 61 0.54 -13.45 -3.96
N GLU A 62 0.93 -12.98 -5.13
CA GLU A 62 2.33 -13.04 -5.52
C GLU A 62 3.15 -12.02 -4.73
N MET A 63 2.54 -10.87 -4.50
CA MET A 63 3.20 -9.80 -3.76
C MET A 63 3.35 -10.17 -2.29
N LEU A 64 2.26 -10.66 -1.72
CA LEU A 64 2.24 -11.06 -0.32
C LEU A 64 3.12 -12.31 -0.14
N GLU A 65 3.17 -13.10 -1.19
CA GLU A 65 3.96 -14.32 -1.17
C GLU A 65 5.45 -14.00 -1.29
N LYS A 66 5.75 -13.08 -2.21
CA LYS A 66 7.12 -12.67 -2.45
C LYS A 66 7.51 -11.60 -1.41
N GLU A 67 6.83 -10.47 -1.50
CA GLU A 67 7.10 -9.37 -0.58
C GLU A 67 6.86 -9.82 0.86
N GLY A 68 5.68 -10.37 1.09
CA GLY A 68 5.33 -10.85 2.41
C GLY A 68 3.97 -10.29 2.85
N LEU A 69 3.08 -11.21 3.23
CA LEU A 69 1.75 -10.82 3.66
C LEU A 69 1.86 -9.85 4.85
N GLU A 70 2.51 -10.33 5.91
CA GLU A 70 2.68 -9.53 7.10
C GLU A 70 3.60 -8.34 6.81
N ASN A 71 4.26 -8.41 5.66
CA ASN A 71 5.16 -7.35 5.25
C ASN A 71 4.43 -6.38 4.34
N VAL A 72 3.11 -6.54 4.29
CA VAL A 72 2.28 -5.69 3.47
C VAL A 72 0.99 -5.34 4.22
N LEU A 73 0.39 -6.37 4.79
CA LEU A 73 -0.84 -6.20 5.54
C LEU A 73 -0.65 -6.73 6.96
N PRO A 74 -0.25 -5.81 7.87
CA PRO A 74 -0.03 -6.18 9.26
C PRO A 74 -1.35 -6.37 9.99
N GLY A 75 -1.58 -7.61 10.41
CA GLY A 75 -2.81 -7.95 11.14
C GLY A 75 -3.56 -9.07 10.43
N VAL A 76 -3.43 -9.09 9.11
CA VAL A 76 -4.10 -10.11 8.31
C VAL A 76 -4.02 -11.45 9.04
N LYS A 77 -5.04 -12.27 8.80
CA LYS A 77 -5.11 -13.58 9.44
C LYS A 77 -4.31 -14.58 8.60
N SER A 78 -4.39 -14.41 7.29
CA SER A 78 -3.69 -15.29 6.37
C SER A 78 -3.67 -14.67 4.97
N ILE A 79 -2.84 -15.25 4.12
CA ILE A 79 -2.71 -14.77 2.75
C ILE A 79 -4.08 -14.78 2.08
N GLU A 80 -4.85 -15.82 2.40
CA GLU A 80 -6.19 -15.96 1.83
C GLU A 80 -7.09 -14.82 2.31
N GLU A 81 -7.02 -14.57 3.62
CA GLU A 81 -7.83 -13.52 4.22
C GLU A 81 -7.44 -12.16 3.64
N GLY A 82 -6.15 -12.00 3.39
CA GLY A 82 -5.64 -10.76 2.83
C GLY A 82 -6.39 -10.39 1.55
N ILE A 83 -6.47 -11.35 0.65
CA ILE A 83 -7.14 -11.13 -0.62
C ILE A 83 -8.57 -10.64 -0.35
N GLN A 84 -9.19 -11.26 0.65
CA GLN A 84 -10.55 -10.90 1.02
C GLN A 84 -10.64 -9.41 1.34
N VAL A 85 -9.59 -8.91 1.99
CA VAL A 85 -9.53 -7.51 2.35
C VAL A 85 -9.47 -6.65 1.09
N TYR A 86 -8.50 -6.98 0.25
CA TYR A 86 -8.33 -6.25 -1.00
C TYR A 86 -9.56 -6.37 -1.89
N ARG A 87 -10.34 -7.39 -1.62
CA ARG A 87 -11.56 -7.64 -2.38
C ARG A 87 -12.63 -6.62 -2.01
N ARG A 88 -12.81 -6.44 -0.71
CA ARG A 88 -13.80 -5.50 -0.21
C ARG A 88 -13.31 -4.06 -0.41
N PHE A 89 -12.00 -3.92 -0.45
CA PHE A 89 -11.39 -2.61 -0.63
C PHE A 89 -11.26 -2.27 -2.11
N TYR A 90 -10.59 -3.16 -2.82
CA TYR A 90 -10.37 -2.97 -4.26
C TYR A 90 -11.21 -3.97 -5.07
N ASP A 91 -11.79 -3.45 -6.15
CA ASP A 91 -12.61 -4.27 -7.02
C ASP A 91 -11.76 -5.40 -7.61
N GLU A 92 -12.40 -6.54 -7.80
CA GLU A 92 -11.72 -7.70 -8.36
C GLU A 92 -11.44 -7.48 -9.86
N GLU A 93 -12.43 -6.90 -10.53
CA GLU A 93 -12.30 -6.64 -11.95
C GLU A 93 -11.11 -5.72 -12.22
N LYS A 94 -11.10 -4.60 -11.51
CA LYS A 94 -10.02 -3.63 -11.67
C LYS A 94 -8.69 -4.29 -11.32
N GLU A 95 -8.73 -5.11 -10.27
CA GLU A 95 -7.53 -5.81 -9.81
C GLU A 95 -7.07 -6.80 -10.88
N LYS A 96 -8.01 -7.65 -11.30
CA LYS A 96 -7.71 -8.65 -12.30
C LYS A 96 -7.38 -7.96 -13.62
N LYS A 97 -7.73 -6.68 -13.69
CA LYS A 97 -7.49 -5.90 -14.89
C LYS A 97 -5.99 -5.57 -14.98
N TYR A 98 -5.50 -4.90 -13.96
CA TYR A 98 -4.09 -4.53 -13.91
C TYR A 98 -3.31 -5.46 -13.00
N GLY A 99 -3.78 -5.58 -11.77
CA GLY A 99 -3.12 -6.44 -10.79
C GLY A 99 -2.82 -5.68 -9.51
N VAL A 100 -1.66 -5.99 -8.94
CA VAL A 100 -1.24 -5.33 -7.70
C VAL A 100 0.10 -4.63 -7.94
N VAL A 101 0.32 -3.58 -7.16
CA VAL A 101 1.56 -2.82 -7.26
C VAL A 101 2.06 -2.49 -5.87
N ALA A 102 3.19 -3.10 -5.52
CA ALA A 102 3.80 -2.89 -4.23
C ALA A 102 4.64 -1.61 -4.26
N ILE A 103 4.04 -0.54 -3.75
CA ILE A 103 4.71 0.75 -3.72
C ILE A 103 5.51 0.87 -2.43
N GLU A 104 6.83 0.96 -2.58
CA GLU A 104 7.71 1.09 -1.43
C GLU A 104 7.65 2.51 -0.87
N ILE A 105 7.11 2.61 0.33
CA ILE A 105 7.00 3.90 0.99
C ILE A 105 7.81 3.89 2.28
N GLU A 106 8.10 5.08 2.78
CA GLU A 106 8.87 5.22 4.01
C GLU A 106 8.36 6.41 4.83
N PRO A 107 7.60 6.08 5.90
CA PRO A 107 7.05 7.10 6.77
C PRO A 107 8.13 7.71 7.67
N LEU A 108 8.52 8.92 7.34
CA LEU A 108 9.55 9.61 8.11
C LEU A 108 8.88 10.57 9.10
N GLU A 109 8.39 9.98 10.18
CA GLU A 109 7.72 10.77 11.21
C GLU A 109 8.26 10.39 12.59
N TYR A 110 9.36 9.64 12.59
CA TYR A 110 9.98 9.21 13.83
C TYR A 110 9.01 8.41 14.68
N MET A 1 2.18 14.73 -7.20
CA MET A 1 2.65 15.68 -6.19
C MET A 1 2.24 15.23 -4.79
N GLU A 2 2.13 16.21 -3.90
CA GLU A 2 1.76 15.93 -2.53
C GLU A 2 0.34 15.38 -2.47
N TRP A 3 0.24 14.14 -2.00
CA TRP A 3 -1.06 13.48 -1.89
C TRP A 3 -1.48 13.52 -0.43
N GLU A 4 -2.79 13.67 -0.23
CA GLU A 4 -3.33 13.73 1.11
C GLU A 4 -4.32 12.58 1.33
N MET A 5 -4.40 12.15 2.58
CA MET A 5 -5.30 11.06 2.94
C MET A 5 -5.76 11.18 4.39
N GLY A 6 -6.92 10.61 4.66
CA GLY A 6 -7.49 10.64 5.99
C GLY A 6 -7.83 9.23 6.49
N LEU A 7 -6.79 8.46 6.77
CA LEU A 7 -6.97 7.11 7.25
C LEU A 7 -7.42 7.13 8.71
N GLN A 8 -6.55 6.62 9.57
CA GLN A 8 -6.83 6.59 11.00
C GLN A 8 -5.54 6.37 11.79
N GLU A 9 -5.60 6.73 13.07
CA GLU A 9 -4.45 6.57 13.94
C GLU A 9 -3.91 5.13 13.87
N GLU A 10 -4.82 4.18 14.12
CA GLU A 10 -4.45 2.78 14.09
C GLU A 10 -3.78 2.44 12.76
N PHE A 11 -4.33 2.99 11.69
CA PHE A 11 -3.80 2.75 10.36
C PHE A 11 -2.52 3.55 10.13
N LEU A 12 -2.42 4.66 10.85
CA LEU A 12 -1.26 5.52 10.74
C LEU A 12 -0.02 4.78 11.26
N GLU A 13 -0.19 4.15 12.41
CA GLU A 13 0.89 3.40 13.02
C GLU A 13 1.29 2.22 12.14
N LEU A 14 0.31 1.75 11.36
CA LEU A 14 0.55 0.63 10.46
C LEU A 14 1.58 1.03 9.41
N ILE A 15 1.43 2.24 8.90
CA ILE A 15 2.35 2.75 7.88
C ILE A 15 3.78 2.70 8.43
N LYS A 16 3.92 3.16 9.66
CA LYS A 16 5.22 3.17 10.31
C LYS A 16 5.68 1.74 10.56
N LEU A 17 4.70 0.85 10.66
CA LEU A 17 5.00 -0.55 10.89
C LEU A 17 5.39 -1.21 9.57
N ARG A 18 4.58 -0.98 8.56
CA ARG A 18 4.84 -1.54 7.23
C ARG A 18 5.97 -0.78 6.54
N LYS A 19 6.53 0.18 7.27
CA LYS A 19 7.60 0.99 6.74
C LYS A 19 8.87 0.13 6.60
N LYS A 20 8.96 -0.86 7.48
CA LYS A 20 10.10 -1.76 7.47
C LYS A 20 9.78 -2.98 6.62
N LYS A 21 8.65 -2.90 5.93
CA LYS A 21 8.21 -3.99 5.07
C LYS A 21 7.83 -3.44 3.71
N ILE A 22 6.52 -3.38 3.46
CA ILE A 22 6.01 -2.88 2.20
C ILE A 22 4.52 -2.59 2.34
N GLU A 23 3.94 -2.11 1.24
CA GLU A 23 2.52 -1.80 1.23
C GLU A 23 1.90 -2.16 -0.12
N GLY A 24 0.71 -2.72 -0.06
CA GLY A 24 0.00 -3.11 -1.26
C GLY A 24 -0.98 -2.04 -1.71
N ARG A 25 -1.21 -1.98 -3.01
CA ARG A 25 -2.12 -1.00 -3.58
C ARG A 25 -2.18 -1.15 -5.10
N LEU A 26 -3.24 -1.82 -5.56
CA LEU A 26 -3.42 -2.05 -6.98
C LEU A 26 -2.97 -0.81 -7.74
N TYR A 27 -2.38 -1.04 -8.91
CA TYR A 27 -1.90 0.04 -9.74
C TYR A 27 -3.07 0.81 -10.37
N ASP A 28 -3.77 1.54 -9.51
CA ASP A 28 -4.91 2.31 -9.97
C ASP A 28 -4.42 3.47 -10.85
N GLU A 29 -5.36 4.26 -11.32
CA GLU A 29 -5.04 5.40 -12.17
C GLU A 29 -4.16 6.40 -11.41
N LYS A 30 -4.55 6.66 -10.17
CA LYS A 30 -3.80 7.58 -9.33
C LYS A 30 -2.42 7.01 -9.05
N ARG A 31 -2.41 5.75 -8.64
CA ARG A 31 -1.16 5.07 -8.33
C ARG A 31 -0.23 5.10 -9.54
N ARG A 32 -0.84 5.08 -10.72
CA ARG A 32 -0.08 5.11 -11.95
C ARG A 32 0.70 6.42 -12.08
N GLN A 33 0.03 7.50 -11.68
CA GLN A 33 0.64 8.82 -11.74
C GLN A 33 1.66 8.99 -10.62
N ILE A 34 1.47 8.20 -9.57
CA ILE A 34 2.37 8.24 -8.43
C ILE A 34 3.77 7.82 -8.87
N LYS A 35 4.77 8.40 -8.20
CA LYS A 35 6.16 8.09 -8.52
C LYS A 35 6.99 8.18 -7.24
N PRO A 36 8.22 7.59 -7.32
CA PRO A 36 9.12 7.60 -6.17
C PRO A 36 9.76 8.97 -5.99
N GLY A 37 9.11 9.79 -5.15
CA GLY A 37 9.59 11.13 -4.88
C GLY A 37 8.50 11.99 -4.26
N ASP A 38 7.26 11.65 -4.58
CA ASP A 38 6.12 12.39 -4.06
C ASP A 38 5.96 12.09 -2.58
N VAL A 39 4.95 12.69 -1.99
CA VAL A 39 4.68 12.51 -0.57
C VAL A 39 3.17 12.32 -0.37
N ILE A 40 2.83 11.47 0.60
CA ILE A 40 1.44 11.20 0.91
C ILE A 40 1.16 11.56 2.36
N SER A 41 0.55 12.72 2.55
CA SER A 41 0.23 13.18 3.88
C SER A 41 -1.02 12.46 4.40
N PHE A 42 -1.03 12.25 5.71
CA PHE A 42 -2.16 11.57 6.34
C PHE A 42 -2.68 12.38 7.54
N GLU A 43 -4.00 12.46 7.62
CA GLU A 43 -4.64 13.19 8.71
C GLU A 43 -4.06 14.61 8.80
N GLY A 44 -3.90 15.23 7.64
CA GLY A 44 -3.36 16.58 7.58
C GLY A 44 -1.84 16.56 7.51
N GLY A 45 -1.24 16.05 8.57
CA GLY A 45 0.21 15.97 8.63
C GLY A 45 0.66 15.14 9.84
N LYS A 46 -0.20 14.21 10.23
CA LYS A 46 0.09 13.35 11.37
C LYS A 46 1.09 12.27 10.94
N LEU A 47 0.94 11.83 9.70
CA LEU A 47 1.83 10.81 9.16
C LEU A 47 2.13 11.11 7.70
N LYS A 48 3.38 11.46 7.44
CA LYS A 48 3.81 11.78 6.09
C LYS A 48 4.72 10.67 5.57
N VAL A 49 4.48 10.27 4.33
CA VAL A 49 5.26 9.23 3.71
C VAL A 49 5.59 9.63 2.27
N ARG A 50 6.77 9.22 1.83
CA ARG A 50 7.22 9.53 0.48
C ARG A 50 7.64 8.25 -0.24
N VAL A 51 7.05 8.04 -1.41
CA VAL A 51 7.36 6.88 -2.21
C VAL A 51 8.87 6.78 -2.41
N LYS A 52 9.36 5.55 -2.46
CA LYS A 52 10.78 5.31 -2.65
C LYS A 52 11.00 4.64 -4.01
N ALA A 53 10.11 3.73 -4.34
CA ALA A 53 10.20 3.01 -5.60
C ALA A 53 8.86 2.35 -5.91
N ILE A 54 8.67 2.01 -7.17
CA ILE A 54 7.44 1.37 -7.61
C ILE A 54 7.76 -0.03 -8.13
N ARG A 55 6.80 -0.92 -7.96
CA ARG A 55 6.96 -2.29 -8.42
C ARG A 55 5.64 -2.82 -8.99
N VAL A 56 5.76 -3.88 -9.78
CA VAL A 56 4.60 -4.48 -10.39
C VAL A 56 4.69 -6.01 -10.26
N TYR A 57 3.54 -6.62 -9.96
CA TYR A 57 3.49 -8.05 -9.80
C TYR A 57 2.31 -8.65 -10.58
N ASN A 58 2.18 -9.96 -10.49
CA ASN A 58 1.10 -10.66 -11.18
C ASN A 58 -0.20 -10.44 -10.42
N SER A 59 -0.12 -10.61 -9.10
CA SER A 59 -1.29 -10.43 -8.26
C SER A 59 -0.85 -10.19 -6.81
N PHE A 60 -1.82 -9.78 -5.99
CA PHE A 60 -1.54 -9.51 -4.59
C PHE A 60 -0.95 -10.74 -3.90
N ARG A 61 -1.45 -11.90 -4.29
CA ARG A 61 -0.98 -13.15 -3.71
C ARG A 61 0.53 -13.28 -3.89
N GLU A 62 0.98 -13.04 -5.11
CA GLU A 62 2.40 -13.11 -5.42
C GLU A 62 3.18 -12.08 -4.61
N MET A 63 2.50 -10.98 -4.31
CA MET A 63 3.13 -9.91 -3.54
C MET A 63 3.20 -10.27 -2.05
N LEU A 64 2.09 -10.75 -1.54
CA LEU A 64 2.01 -11.14 -0.14
C LEU A 64 2.88 -12.39 0.08
N GLU A 65 2.90 -13.25 -0.93
CA GLU A 65 3.67 -14.47 -0.85
C GLU A 65 5.15 -14.17 -1.07
N LYS A 66 5.42 -13.37 -2.09
CA LYS A 66 6.79 -12.99 -2.41
C LYS A 66 7.25 -11.90 -1.44
N GLU A 67 6.62 -10.74 -1.55
CA GLU A 67 6.96 -9.62 -0.70
C GLU A 67 6.73 -9.99 0.78
N GLY A 68 5.55 -10.50 1.05
CA GLY A 68 5.19 -10.88 2.40
C GLY A 68 3.84 -10.31 2.79
N LEU A 69 2.94 -11.19 3.20
CA LEU A 69 1.61 -10.77 3.62
C LEU A 69 1.73 -9.73 4.73
N GLU A 70 2.34 -10.16 5.82
CA GLU A 70 2.52 -9.27 6.97
C GLU A 70 3.52 -8.16 6.62
N ASN A 71 4.23 -8.36 5.52
CA ASN A 71 5.21 -7.39 5.07
C ASN A 71 4.54 -6.41 4.10
N VAL A 72 3.23 -6.56 3.97
CA VAL A 72 2.48 -5.70 3.08
C VAL A 72 1.20 -5.23 3.79
N LEU A 73 0.53 -6.18 4.42
CA LEU A 73 -0.70 -5.87 5.14
C LEU A 73 -0.57 -6.38 6.57
N PRO A 74 -0.11 -5.45 7.47
CA PRO A 74 0.05 -5.79 8.87
C PRO A 74 -1.30 -5.85 9.59
N GLY A 75 -1.62 -7.04 10.07
CA GLY A 75 -2.89 -7.24 10.77
C GLY A 75 -3.73 -8.31 10.08
N VAL A 76 -3.54 -8.41 8.77
CA VAL A 76 -4.28 -9.39 7.99
C VAL A 76 -4.39 -10.70 8.77
N LYS A 77 -5.48 -11.41 8.53
CA LYS A 77 -5.72 -12.67 9.20
C LYS A 77 -5.01 -13.79 8.44
N SER A 78 -5.00 -13.67 7.12
CA SER A 78 -4.36 -14.65 6.28
C SER A 78 -4.23 -14.12 4.86
N ILE A 79 -3.41 -14.80 4.07
CA ILE A 79 -3.19 -14.40 2.69
C ILE A 79 -4.53 -14.27 1.98
N GLU A 80 -5.42 -15.20 2.27
CA GLU A 80 -6.75 -15.20 1.67
C GLU A 80 -7.52 -13.96 2.12
N GLU A 81 -7.43 -13.68 3.41
CA GLU A 81 -8.12 -12.52 3.97
C GLU A 81 -7.57 -11.23 3.36
N GLY A 82 -6.26 -11.21 3.18
CA GLY A 82 -5.60 -10.05 2.61
C GLY A 82 -6.21 -9.66 1.27
N ILE A 83 -6.32 -10.66 0.40
CA ILE A 83 -6.89 -10.45 -0.92
C ILE A 83 -8.29 -9.85 -0.78
N GLN A 84 -9.01 -10.34 0.22
CA GLN A 84 -10.36 -9.87 0.47
C GLN A 84 -10.35 -8.37 0.78
N VAL A 85 -9.39 -7.98 1.61
CA VAL A 85 -9.26 -6.58 1.98
C VAL A 85 -9.08 -5.73 0.73
N TYR A 86 -8.37 -6.29 -0.23
CA TYR A 86 -8.12 -5.60 -1.49
C TYR A 86 -9.37 -5.58 -2.37
N ARG A 87 -10.20 -6.59 -2.16
CA ARG A 87 -11.44 -6.71 -2.93
C ARG A 87 -12.47 -5.70 -2.43
N ARG A 88 -12.51 -5.53 -1.11
CA ARG A 88 -13.43 -4.59 -0.50
C ARG A 88 -13.17 -3.17 -1.00
N PHE A 89 -11.89 -2.81 -0.97
CA PHE A 89 -11.49 -1.48 -1.41
C PHE A 89 -11.34 -1.43 -2.93
N TYR A 90 -10.54 -2.35 -3.45
CA TYR A 90 -10.31 -2.42 -4.89
C TYR A 90 -11.17 -3.52 -5.52
N ASP A 91 -11.54 -3.27 -6.77
CA ASP A 91 -12.35 -4.23 -7.51
C ASP A 91 -11.51 -5.45 -7.86
N GLU A 92 -12.18 -6.59 -7.96
CA GLU A 92 -11.50 -7.84 -8.28
C GLU A 92 -11.14 -7.87 -9.77
N GLU A 93 -12.02 -7.28 -10.57
CA GLU A 93 -11.81 -7.23 -12.01
C GLU A 93 -10.72 -6.20 -12.35
N LYS A 94 -10.90 -5.00 -11.82
CA LYS A 94 -9.95 -3.93 -12.07
C LYS A 94 -8.55 -4.40 -11.66
N GLU A 95 -8.49 -5.08 -10.53
CA GLU A 95 -7.23 -5.59 -10.02
C GLU A 95 -6.65 -6.63 -10.97
N LYS A 96 -7.48 -7.61 -11.29
CA LYS A 96 -7.08 -8.68 -12.20
C LYS A 96 -6.78 -8.09 -13.58
N LYS A 97 -7.24 -6.86 -13.77
CA LYS A 97 -7.04 -6.18 -15.04
C LYS A 97 -5.58 -5.76 -15.17
N TYR A 98 -5.12 -5.02 -14.18
CA TYR A 98 -3.74 -4.56 -14.17
C TYR A 98 -2.87 -5.44 -13.27
N GLY A 99 -3.30 -5.57 -12.03
CA GLY A 99 -2.57 -6.39 -11.07
C GLY A 99 -2.31 -5.60 -9.78
N VAL A 100 -1.12 -5.82 -9.23
CA VAL A 100 -0.73 -5.14 -8.01
C VAL A 100 0.67 -4.54 -8.18
N VAL A 101 0.93 -3.50 -7.39
CA VAL A 101 2.22 -2.83 -7.45
C VAL A 101 2.71 -2.54 -6.03
N ALA A 102 3.70 -3.31 -5.61
CA ALA A 102 4.27 -3.15 -4.29
C ALA A 102 5.15 -1.90 -4.26
N ILE A 103 4.57 -0.82 -3.77
CA ILE A 103 5.28 0.45 -3.67
C ILE A 103 5.89 0.59 -2.28
N GLU A 104 7.20 0.75 -2.25
CA GLU A 104 7.92 0.90 -0.99
C GLU A 104 7.82 2.35 -0.50
N ILE A 105 7.02 2.54 0.53
CA ILE A 105 6.83 3.87 1.10
C ILE A 105 7.70 4.01 2.35
N GLU A 106 7.96 5.25 2.72
CA GLU A 106 8.78 5.53 3.89
C GLU A 106 8.27 6.78 4.61
N PRO A 107 7.66 6.54 5.81
CA PRO A 107 7.13 7.63 6.61
C PRO A 107 8.25 8.42 7.29
N LEU A 108 8.32 9.70 6.95
CA LEU A 108 9.34 10.57 7.51
C LEU A 108 8.71 11.41 8.63
N GLU A 109 8.17 10.73 9.62
CA GLU A 109 7.55 11.41 10.74
C GLU A 109 8.28 11.07 12.04
N TYR A 110 7.49 10.92 13.10
CA TYR A 110 8.06 10.60 14.40
C TYR A 110 8.16 9.08 14.60
N MET A 1 3.83 16.04 -6.63
CA MET A 1 4.08 16.96 -5.53
C MET A 1 3.56 16.39 -4.22
N GLU A 2 3.45 17.27 -3.23
CA GLU A 2 2.97 16.87 -1.92
C GLU A 2 1.53 16.39 -2.00
N TRP A 3 1.36 15.09 -1.85
CA TRP A 3 0.03 14.49 -1.91
C TRP A 3 -0.53 14.44 -0.49
N GLU A 4 -1.84 14.54 -0.39
CA GLU A 4 -2.51 14.51 0.90
C GLU A 4 -3.68 13.53 0.86
N MET A 5 -3.64 12.59 1.79
CA MET A 5 -4.69 11.58 1.88
C MET A 5 -5.28 11.52 3.31
N GLY A 6 -6.09 10.49 3.53
CA GLY A 6 -6.71 10.31 4.82
C GLY A 6 -6.98 8.83 5.10
N LEU A 7 -6.96 8.48 6.37
CA LEU A 7 -7.21 7.11 6.78
C LEU A 7 -7.25 7.02 8.30
N GLN A 8 -7.85 5.94 8.79
CA GLN A 8 -7.96 5.73 10.22
C GLN A 8 -6.60 5.92 10.90
N GLU A 9 -6.62 6.58 12.04
CA GLU A 9 -5.40 6.82 12.79
C GLU A 9 -4.64 5.51 13.02
N GLU A 10 -5.41 4.45 13.23
CA GLU A 10 -4.82 3.14 13.46
C GLU A 10 -4.02 2.69 12.24
N PHE A 11 -4.51 3.09 11.07
CA PHE A 11 -3.85 2.73 9.82
C PHE A 11 -2.57 3.55 9.63
N LEU A 12 -2.66 4.82 10.02
CA LEU A 12 -1.52 5.72 9.90
C LEU A 12 -0.30 5.09 10.59
N GLU A 13 -0.56 4.52 11.77
CA GLU A 13 0.49 3.88 12.54
C GLU A 13 0.99 2.62 11.82
N LEU A 14 0.06 1.96 11.16
CA LEU A 14 0.38 0.74 10.43
C LEU A 14 1.41 1.06 9.35
N ILE A 15 1.34 2.28 8.84
CA ILE A 15 2.25 2.72 7.80
C ILE A 15 3.67 2.72 8.35
N LYS A 16 3.81 3.31 9.53
CA LYS A 16 5.12 3.39 10.17
C LYS A 16 5.58 1.98 10.56
N LEU A 17 4.60 1.09 10.68
CA LEU A 17 4.89 -0.28 11.05
C LEU A 17 5.23 -1.08 9.79
N ARG A 18 4.41 -0.91 8.78
CA ARG A 18 4.60 -1.61 7.51
C ARG A 18 5.72 -0.93 6.71
N LYS A 19 6.31 0.08 7.32
CA LYS A 19 7.39 0.82 6.68
C LYS A 19 8.63 -0.07 6.59
N LYS A 20 8.75 -0.96 7.57
CA LYS A 20 9.88 -1.87 7.62
C LYS A 20 9.59 -3.08 6.72
N LYS A 21 8.51 -2.98 5.97
CA LYS A 21 8.11 -4.05 5.07
C LYS A 21 7.78 -3.45 3.70
N ILE A 22 6.49 -3.37 3.43
CA ILE A 22 6.02 -2.84 2.16
C ILE A 22 4.54 -2.47 2.27
N GLU A 23 4.00 -1.96 1.18
CA GLU A 23 2.60 -1.56 1.14
C GLU A 23 2.00 -1.86 -0.23
N GLY A 24 1.09 -2.82 -0.24
CA GLY A 24 0.43 -3.21 -1.47
C GLY A 24 -0.84 -2.39 -1.71
N ARG A 25 -1.18 -2.25 -2.98
CA ARG A 25 -2.36 -1.48 -3.35
C ARG A 25 -2.52 -1.45 -4.87
N LEU A 26 -3.52 -2.17 -5.34
CA LEU A 26 -3.78 -2.24 -6.78
C LEU A 26 -3.50 -0.87 -7.40
N TYR A 27 -2.77 -0.90 -8.51
CA TYR A 27 -2.44 0.33 -9.21
C TYR A 27 -3.69 0.98 -9.79
N ASP A 28 -3.54 2.26 -10.15
CA ASP A 28 -4.64 3.00 -10.72
C ASP A 28 -4.11 4.32 -11.30
N GLU A 29 -5.03 5.13 -11.80
CA GLU A 29 -4.67 6.41 -12.39
C GLU A 29 -3.93 7.27 -11.35
N LYS A 30 -4.53 7.38 -10.18
CA LYS A 30 -3.94 8.17 -9.11
C LYS A 30 -2.55 7.63 -8.80
N ARG A 31 -2.47 6.31 -8.66
CA ARG A 31 -1.20 5.66 -8.36
C ARG A 31 -0.19 5.93 -9.48
N ARG A 32 -0.68 5.84 -10.71
CA ARG A 32 0.17 6.07 -11.87
C ARG A 32 0.92 7.40 -11.71
N GLN A 33 0.20 8.40 -11.23
CA GLN A 33 0.79 9.71 -11.03
C GLN A 33 1.80 9.68 -9.89
N ILE A 34 1.60 8.73 -8.98
CA ILE A 34 2.49 8.58 -7.85
C ILE A 34 3.80 7.95 -8.31
N LYS A 35 4.89 8.63 -7.99
CA LYS A 35 6.22 8.15 -8.36
C LYS A 35 7.17 8.35 -7.20
N PRO A 36 8.36 7.70 -7.30
CA PRO A 36 9.38 7.80 -6.27
C PRO A 36 10.08 9.15 -6.32
N GLY A 37 9.55 10.09 -5.54
CA GLY A 37 10.13 11.42 -5.49
C GLY A 37 9.08 12.45 -5.06
N ASP A 38 8.39 12.13 -3.97
CA ASP A 38 7.37 13.02 -3.45
C ASP A 38 7.03 12.61 -2.01
N VAL A 39 5.97 13.21 -1.49
CA VAL A 39 5.54 12.93 -0.13
C VAL A 39 4.02 12.84 -0.10
N ILE A 40 3.52 11.95 0.76
CA ILE A 40 2.09 11.76 0.90
C ILE A 40 1.70 11.97 2.37
N SER A 41 0.91 13.01 2.59
CA SER A 41 0.44 13.33 3.94
C SER A 41 -0.84 12.56 4.24
N PHE A 42 -0.88 11.99 5.45
CA PHE A 42 -2.04 11.24 5.87
C PHE A 42 -2.77 11.95 7.01
N GLU A 43 -4.03 12.26 6.75
CA GLU A 43 -4.85 12.95 7.74
C GLU A 43 -4.35 14.37 7.95
N GLY A 44 -4.04 15.03 6.84
CA GLY A 44 -3.56 16.40 6.89
C GLY A 44 -2.03 16.44 6.97
N GLY A 45 -1.52 15.90 8.07
CA GLY A 45 -0.08 15.87 8.29
C GLY A 45 0.26 15.03 9.53
N LYS A 46 -0.59 14.06 9.80
CA LYS A 46 -0.39 13.18 10.95
C LYS A 46 0.70 12.16 10.61
N LEU A 47 0.65 11.68 9.38
CA LEU A 47 1.63 10.70 8.93
C LEU A 47 2.10 11.06 7.52
N LYS A 48 3.36 11.44 7.42
CA LYS A 48 3.94 11.83 6.14
C LYS A 48 4.85 10.71 5.65
N VAL A 49 4.65 10.33 4.40
CA VAL A 49 5.45 9.27 3.79
C VAL A 49 6.01 9.76 2.46
N ARG A 50 7.09 9.13 2.04
CA ARG A 50 7.73 9.48 0.79
C ARG A 50 7.98 8.23 -0.07
N VAL A 51 7.33 8.20 -1.21
CA VAL A 51 7.46 7.07 -2.12
C VAL A 51 8.95 6.75 -2.31
N LYS A 52 9.26 5.47 -2.25
CA LYS A 52 10.64 5.03 -2.41
C LYS A 52 10.82 4.47 -3.83
N ALA A 53 9.85 3.67 -4.24
CA ALA A 53 9.89 3.06 -5.56
C ALA A 53 8.53 2.44 -5.87
N ILE A 54 8.38 2.00 -7.12
CA ILE A 54 7.14 1.39 -7.55
C ILE A 54 7.43 0.02 -8.15
N ARG A 55 6.46 -0.87 -8.02
CA ARG A 55 6.60 -2.23 -8.54
C ARG A 55 5.23 -2.79 -8.93
N VAL A 56 5.26 -3.73 -9.86
CA VAL A 56 4.03 -4.35 -10.33
C VAL A 56 4.22 -5.88 -10.32
N TYR A 57 3.12 -6.56 -10.02
CA TYR A 57 3.14 -8.01 -9.97
C TYR A 57 1.94 -8.60 -10.73
N ASN A 58 1.87 -9.93 -10.70
CA ASN A 58 0.78 -10.62 -11.38
C ASN A 58 -0.50 -10.49 -10.55
N SER A 59 -0.36 -10.73 -9.26
CA SER A 59 -1.48 -10.64 -8.35
C SER A 59 -0.99 -10.36 -6.92
N PHE A 60 -1.94 -10.01 -6.06
CA PHE A 60 -1.62 -9.72 -4.68
C PHE A 60 -1.02 -10.95 -3.98
N ARG A 61 -1.54 -12.11 -4.35
CA ARG A 61 -1.06 -13.36 -3.77
C ARG A 61 0.43 -13.52 -4.02
N GLU A 62 0.86 -13.08 -5.19
CA GLU A 62 2.26 -13.17 -5.56
C GLU A 62 3.09 -12.17 -4.76
N MET A 63 2.47 -11.04 -4.44
CA MET A 63 3.13 -10.00 -3.68
C MET A 63 3.24 -10.40 -2.20
N LEU A 64 2.10 -10.81 -1.64
CA LEU A 64 2.07 -11.21 -0.25
C LEU A 64 3.02 -12.40 -0.03
N GLU A 65 3.14 -13.21 -1.08
CA GLU A 65 4.01 -14.37 -1.02
C GLU A 65 5.47 -13.95 -1.16
N LYS A 66 5.72 -13.11 -2.16
CA LYS A 66 7.06 -12.64 -2.41
C LYS A 66 7.41 -11.54 -1.40
N GLU A 67 6.72 -10.42 -1.53
CA GLU A 67 6.93 -9.29 -0.64
C GLU A 67 6.70 -9.71 0.82
N GLY A 68 5.64 -10.47 1.02
CA GLY A 68 5.30 -10.95 2.34
C GLY A 68 3.94 -10.40 2.79
N LEU A 69 3.04 -11.33 3.11
CA LEU A 69 1.71 -10.94 3.55
C LEU A 69 1.82 -9.95 4.71
N GLU A 70 2.46 -10.40 5.77
CA GLU A 70 2.64 -9.56 6.94
C GLU A 70 3.57 -8.40 6.63
N ASN A 71 4.23 -8.50 5.48
CA ASN A 71 5.16 -7.47 5.04
C ASN A 71 4.43 -6.50 4.11
N VAL A 72 3.13 -6.70 3.98
CA VAL A 72 2.31 -5.86 3.13
C VAL A 72 1.01 -5.51 3.86
N LEU A 73 0.33 -6.54 4.33
CA LEU A 73 -0.91 -6.35 5.05
C LEU A 73 -0.77 -6.88 6.47
N PRO A 74 -0.32 -5.98 7.38
CA PRO A 74 -0.13 -6.36 8.78
C PRO A 74 -1.47 -6.46 9.50
N GLY A 75 -1.69 -7.62 10.11
CA GLY A 75 -2.93 -7.86 10.84
C GLY A 75 -3.72 -9.00 10.20
N VAL A 76 -3.65 -9.06 8.87
CA VAL A 76 -4.36 -10.09 8.13
C VAL A 76 -4.28 -11.41 8.90
N LYS A 77 -5.29 -12.24 8.68
CA LYS A 77 -5.34 -13.54 9.34
C LYS A 77 -4.52 -14.55 8.54
N SER A 78 -4.57 -14.40 7.23
CA SER A 78 -3.84 -15.29 6.33
C SER A 78 -3.79 -14.71 4.92
N ILE A 79 -2.90 -15.26 4.12
CA ILE A 79 -2.75 -14.80 2.75
C ILE A 79 -4.12 -14.80 2.06
N GLU A 80 -4.91 -15.81 2.39
CA GLU A 80 -6.23 -15.95 1.81
C GLU A 80 -7.13 -14.78 2.25
N GLU A 81 -7.10 -14.51 3.54
CA GLU A 81 -7.90 -13.44 4.10
C GLU A 81 -7.44 -12.09 3.54
N GLY A 82 -6.13 -11.99 3.35
CA GLY A 82 -5.54 -10.76 2.83
C GLY A 82 -6.22 -10.36 1.51
N ILE A 83 -6.30 -11.33 0.62
CA ILE A 83 -6.91 -11.10 -0.69
C ILE A 83 -8.33 -10.56 -0.49
N GLN A 84 -9.01 -11.12 0.49
CA GLN A 84 -10.38 -10.71 0.80
C GLN A 84 -10.41 -9.21 1.10
N VAL A 85 -9.41 -8.75 1.83
CA VAL A 85 -9.32 -7.35 2.20
C VAL A 85 -9.23 -6.50 0.92
N TYR A 86 -8.45 -7.00 -0.03
CA TYR A 86 -8.27 -6.30 -1.29
C TYR A 86 -9.51 -6.44 -2.17
N ARG A 87 -10.31 -7.46 -1.88
CA ARG A 87 -11.52 -7.71 -2.63
C ARG A 87 -12.60 -6.68 -2.27
N ARG A 88 -12.75 -6.49 -0.96
CA ARG A 88 -13.74 -5.54 -0.46
C ARG A 88 -13.31 -4.11 -0.79
N PHE A 89 -12.00 -3.90 -0.77
CA PHE A 89 -11.46 -2.58 -1.05
C PHE A 89 -11.35 -2.35 -2.57
N TYR A 90 -10.66 -3.27 -3.22
CA TYR A 90 -10.47 -3.18 -4.66
C TYR A 90 -11.35 -4.20 -5.39
N ASP A 91 -11.85 -3.77 -6.54
CA ASP A 91 -12.70 -4.64 -7.34
C ASP A 91 -11.90 -5.86 -7.80
N GLU A 92 -12.59 -6.98 -7.89
CA GLU A 92 -11.95 -8.22 -8.32
C GLU A 92 -11.58 -8.13 -9.80
N GLU A 93 -12.42 -7.45 -10.55
CA GLU A 93 -12.20 -7.28 -11.98
C GLU A 93 -11.08 -6.26 -12.22
N LYS A 94 -11.27 -5.09 -11.63
CA LYS A 94 -10.29 -4.02 -11.77
C LYS A 94 -8.90 -4.54 -11.35
N GLU A 95 -8.89 -5.26 -10.25
CA GLU A 95 -7.65 -5.82 -9.74
C GLU A 95 -7.07 -6.81 -10.73
N LYS A 96 -7.89 -7.77 -11.14
CA LYS A 96 -7.47 -8.78 -12.08
C LYS A 96 -7.16 -8.12 -13.43
N LYS A 97 -7.70 -6.92 -13.60
CA LYS A 97 -7.49 -6.18 -14.84
C LYS A 97 -6.03 -5.76 -14.92
N TYR A 98 -5.58 -5.02 -13.92
CA TYR A 98 -4.21 -4.55 -13.88
C TYR A 98 -3.34 -5.48 -13.03
N GLY A 99 -3.76 -5.68 -11.79
CA GLY A 99 -3.04 -6.53 -10.87
C GLY A 99 -2.73 -5.80 -9.56
N VAL A 100 -1.53 -6.03 -9.07
CA VAL A 100 -1.10 -5.40 -7.84
C VAL A 100 0.26 -4.71 -8.06
N VAL A 101 0.51 -3.70 -7.24
CA VAL A 101 1.75 -2.95 -7.34
C VAL A 101 2.30 -2.69 -5.93
N ALA A 102 3.35 -3.42 -5.59
CA ALA A 102 3.97 -3.27 -4.29
C ALA A 102 4.89 -2.05 -4.30
N ILE A 103 4.36 -0.95 -3.78
CA ILE A 103 5.11 0.29 -3.71
C ILE A 103 5.77 0.42 -2.34
N GLU A 104 7.00 0.88 -2.35
CA GLU A 104 7.75 1.05 -1.11
C GLU A 104 7.64 2.50 -0.62
N ILE A 105 7.14 2.65 0.60
CA ILE A 105 6.97 3.97 1.18
C ILE A 105 7.95 4.13 2.35
N GLU A 106 7.95 5.32 2.92
CA GLU A 106 8.83 5.61 4.05
C GLU A 106 8.33 6.84 4.81
N PRO A 107 7.68 6.55 5.97
CA PRO A 107 7.14 7.62 6.81
C PRO A 107 8.26 8.34 7.55
N LEU A 108 8.61 9.51 7.06
CA LEU A 108 9.66 10.32 7.66
C LEU A 108 9.03 11.42 8.52
N GLU A 109 8.16 11.00 9.43
CA GLU A 109 7.48 11.93 10.30
C GLU A 109 7.86 11.67 11.76
N TYR A 110 8.51 10.54 11.97
CA TYR A 110 8.94 10.16 13.31
C TYR A 110 9.64 8.79 13.29
N MET A 1 4.32 19.17 -5.63
CA MET A 1 4.31 17.76 -5.93
C MET A 1 4.01 16.93 -4.68
N GLU A 2 3.17 17.50 -3.82
CA GLU A 2 2.80 16.83 -2.59
C GLU A 2 1.40 16.21 -2.71
N TRP A 3 1.24 15.06 -2.08
CA TRP A 3 -0.03 14.37 -2.12
C TRP A 3 -0.61 14.36 -0.70
N GLU A 4 -1.92 14.22 -0.63
CA GLU A 4 -2.60 14.21 0.65
C GLU A 4 -3.74 13.18 0.64
N MET A 5 -3.74 12.31 1.64
CA MET A 5 -4.75 11.29 1.75
C MET A 5 -5.36 11.26 3.16
N GLY A 6 -6.35 10.39 3.33
CA GLY A 6 -7.02 10.27 4.61
C GLY A 6 -7.37 8.81 4.89
N LEU A 7 -7.13 8.41 6.14
CA LEU A 7 -7.42 7.04 6.55
C LEU A 7 -7.37 6.96 8.08
N GLN A 8 -8.05 5.95 8.61
CA GLN A 8 -8.09 5.75 10.05
C GLN A 8 -6.69 5.90 10.64
N GLU A 9 -6.65 6.47 11.85
CA GLU A 9 -5.40 6.68 12.54
C GLU A 9 -4.67 5.35 12.72
N GLU A 10 -5.45 4.31 13.00
CA GLU A 10 -4.88 2.99 13.20
C GLU A 10 -4.01 2.60 12.00
N PHE A 11 -4.53 2.86 10.81
CA PHE A 11 -3.81 2.53 9.60
C PHE A 11 -2.51 3.33 9.50
N LEU A 12 -2.62 4.62 9.81
CA LEU A 12 -1.46 5.49 9.77
C LEU A 12 -0.32 4.86 10.56
N GLU A 13 -0.64 4.40 11.75
CA GLU A 13 0.34 3.78 12.62
C GLU A 13 0.86 2.50 11.98
N LEU A 14 -0.01 1.86 11.21
CA LEU A 14 0.35 0.62 10.54
C LEU A 14 1.35 0.93 9.42
N ILE A 15 1.20 2.10 8.84
CA ILE A 15 2.08 2.53 7.76
C ILE A 15 3.51 2.61 8.28
N LYS A 16 3.64 3.15 9.48
CA LYS A 16 4.95 3.30 10.10
C LYS A 16 5.52 1.91 10.41
N LEU A 17 4.65 1.06 10.93
CA LEU A 17 5.04 -0.30 11.28
C LEU A 17 5.31 -1.09 10.01
N ARG A 18 4.37 -1.00 9.08
CA ARG A 18 4.51 -1.70 7.81
C ARG A 18 5.50 -0.97 6.90
N LYS A 19 6.11 0.07 7.45
CA LYS A 19 7.08 0.85 6.70
C LYS A 19 8.33 0.01 6.48
N LYS A 20 8.57 -0.91 7.40
CA LYS A 20 9.74 -1.78 7.32
C LYS A 20 9.41 -2.96 6.40
N LYS A 21 8.26 -2.86 5.74
CA LYS A 21 7.83 -3.92 4.84
C LYS A 21 7.43 -3.30 3.50
N ILE A 22 6.13 -3.17 3.31
CA ILE A 22 5.61 -2.59 2.08
C ILE A 22 4.15 -2.18 2.29
N GLU A 23 3.58 -1.58 1.26
CA GLU A 23 2.21 -1.13 1.32
C GLU A 23 1.52 -1.35 -0.03
N GLY A 24 1.17 -2.60 -0.29
CA GLY A 24 0.52 -2.96 -1.54
C GLY A 24 -0.71 -2.08 -1.78
N ARG A 25 -1.28 -2.22 -2.96
CA ARG A 25 -2.45 -1.45 -3.34
C ARG A 25 -2.60 -1.40 -4.86
N LEU A 26 -3.72 -1.95 -5.32
CA LEU A 26 -3.99 -1.99 -6.76
C LEU A 26 -3.55 -0.66 -7.38
N TYR A 27 -2.88 -0.79 -8.52
CA TYR A 27 -2.40 0.39 -9.24
C TYR A 27 -3.55 1.12 -9.93
N ASP A 28 -3.89 2.28 -9.37
CA ASP A 28 -4.97 3.09 -9.92
C ASP A 28 -4.37 4.26 -10.71
N GLU A 29 -5.24 5.17 -11.09
CA GLU A 29 -4.82 6.34 -11.84
C GLU A 29 -3.96 7.25 -10.97
N LYS A 30 -4.41 7.45 -9.74
CA LYS A 30 -3.70 8.29 -8.80
C LYS A 30 -2.32 7.68 -8.52
N ARG A 31 -2.32 6.38 -8.28
CA ARG A 31 -1.08 5.67 -8.00
C ARG A 31 -0.15 5.73 -9.21
N ARG A 32 -0.75 5.78 -10.39
CA ARG A 32 0.01 5.85 -11.62
C ARG A 32 0.82 7.14 -11.68
N GLN A 33 0.19 8.22 -11.24
CA GLN A 33 0.83 9.52 -11.24
C GLN A 33 1.95 9.55 -10.19
N ILE A 34 1.82 8.67 -9.20
CA ILE A 34 2.80 8.59 -8.14
C ILE A 34 4.11 8.01 -8.70
N LYS A 35 5.22 8.57 -8.22
CA LYS A 35 6.52 8.12 -8.66
C LYS A 35 7.52 8.25 -7.50
N PRO A 36 8.74 7.71 -7.73
CA PRO A 36 9.78 7.76 -6.73
C PRO A 36 10.39 9.17 -6.64
N GLY A 37 9.84 9.97 -5.74
CA GLY A 37 10.31 11.32 -5.55
C GLY A 37 9.15 12.26 -5.20
N ASP A 38 8.45 11.90 -4.13
CA ASP A 38 7.32 12.70 -3.68
C ASP A 38 6.98 12.33 -2.24
N VAL A 39 5.99 13.02 -1.69
CA VAL A 39 5.57 12.76 -0.32
C VAL A 39 4.04 12.75 -0.27
N ILE A 40 3.52 11.97 0.68
CA ILE A 40 2.08 11.85 0.85
C ILE A 40 1.73 12.14 2.31
N SER A 41 0.71 12.99 2.49
CA SER A 41 0.27 13.35 3.81
C SER A 41 -1.04 12.62 4.14
N PHE A 42 -1.02 11.90 5.25
CA PHE A 42 -2.19 11.16 5.68
C PHE A 42 -2.93 11.90 6.80
N GLU A 43 -4.22 12.12 6.57
CA GLU A 43 -5.05 12.81 7.54
C GLU A 43 -4.57 14.26 7.70
N GLY A 44 -4.25 14.86 6.58
CA GLY A 44 -3.78 16.24 6.58
C GLY A 44 -2.25 16.31 6.63
N GLY A 45 -1.71 15.78 7.72
CA GLY A 45 -0.27 15.77 7.91
C GLY A 45 0.12 14.94 9.13
N LYS A 46 -0.71 13.95 9.41
CA LYS A 46 -0.46 13.06 10.54
C LYS A 46 0.64 12.07 10.18
N LEU A 47 0.59 11.60 8.94
CA LEU A 47 1.58 10.65 8.45
C LEU A 47 2.13 11.13 7.11
N LYS A 48 3.42 11.40 7.10
CA LYS A 48 4.09 11.87 5.89
C LYS A 48 5.02 10.79 5.38
N VAL A 49 4.66 10.22 4.24
CA VAL A 49 5.46 9.18 3.63
C VAL A 49 6.05 9.68 2.31
N ARG A 50 7.20 9.12 1.95
CA ARG A 50 7.86 9.51 0.72
C ARG A 50 8.16 8.27 -0.14
N VAL A 51 7.50 8.21 -1.29
CA VAL A 51 7.68 7.10 -2.20
C VAL A 51 9.17 6.87 -2.43
N LYS A 52 9.58 5.62 -2.28
CA LYS A 52 10.97 5.25 -2.48
C LYS A 52 11.15 4.62 -3.87
N ALA A 53 10.22 3.75 -4.20
CA ALA A 53 10.25 3.08 -5.49
C ALA A 53 8.87 2.49 -5.80
N ILE A 54 8.70 2.10 -7.05
CA ILE A 54 7.44 1.53 -7.49
C ILE A 54 7.68 0.10 -8.02
N ARG A 55 6.67 -0.74 -7.85
CA ARG A 55 6.76 -2.11 -8.30
C ARG A 55 5.37 -2.65 -8.64
N VAL A 56 5.33 -3.49 -9.66
CA VAL A 56 4.08 -4.08 -10.11
C VAL A 56 4.21 -5.61 -10.11
N TYR A 57 3.14 -6.26 -9.72
CA TYR A 57 3.11 -7.72 -9.67
C TYR A 57 1.94 -8.28 -10.47
N ASN A 58 1.87 -9.61 -10.52
CA ASN A 58 0.81 -10.27 -11.25
C ASN A 58 -0.49 -10.18 -10.45
N SER A 59 -0.38 -10.44 -9.16
CA SER A 59 -1.53 -10.40 -8.27
C SER A 59 -1.07 -10.23 -6.83
N PHE A 60 -1.98 -9.73 -6.01
CA PHE A 60 -1.69 -9.52 -4.60
C PHE A 60 -1.14 -10.79 -3.96
N ARG A 61 -1.61 -11.92 -4.45
CA ARG A 61 -1.17 -13.21 -3.95
C ARG A 61 0.34 -13.37 -4.13
N GLU A 62 0.81 -12.93 -5.29
CA GLU A 62 2.22 -13.02 -5.61
C GLU A 62 3.02 -12.01 -4.77
N MET A 63 2.35 -10.93 -4.41
CA MET A 63 2.98 -9.89 -3.61
C MET A 63 3.11 -10.33 -2.14
N LEU A 64 2.02 -10.86 -1.61
CA LEU A 64 2.00 -11.32 -0.25
C LEU A 64 2.92 -12.54 -0.10
N GLU A 65 2.96 -13.33 -1.17
CA GLU A 65 3.79 -14.52 -1.17
C GLU A 65 5.26 -14.15 -1.38
N LYS A 66 5.49 -13.29 -2.37
CA LYS A 66 6.84 -12.85 -2.68
C LYS A 66 7.25 -11.77 -1.67
N GLU A 67 6.56 -10.64 -1.75
CA GLU A 67 6.86 -9.53 -0.85
C GLU A 67 6.73 -9.97 0.60
N GLY A 68 5.62 -10.62 0.90
CA GLY A 68 5.37 -11.10 2.24
C GLY A 68 4.01 -10.63 2.76
N LEU A 69 3.20 -11.60 3.18
CA LEU A 69 1.88 -11.29 3.69
C LEU A 69 1.99 -10.24 4.79
N GLU A 70 2.71 -10.61 5.85
CA GLU A 70 2.90 -9.71 6.97
C GLU A 70 3.77 -8.52 6.56
N ASN A 71 4.37 -8.65 5.39
CA ASN A 71 5.24 -7.60 4.87
C ASN A 71 4.42 -6.70 3.94
N VAL A 72 3.11 -6.77 4.08
CA VAL A 72 2.22 -5.98 3.25
C VAL A 72 0.97 -5.61 4.07
N LEU A 73 0.32 -6.64 4.60
CA LEU A 73 -0.88 -6.43 5.39
C LEU A 73 -0.67 -7.04 6.78
N PRO A 74 -0.23 -6.18 7.73
CA PRO A 74 0.01 -6.61 9.09
C PRO A 74 -1.30 -6.82 9.84
N GLY A 75 -1.48 -8.03 10.35
CA GLY A 75 -2.68 -8.37 11.09
C GLY A 75 -3.48 -9.47 10.37
N VAL A 76 -3.38 -9.45 9.06
CA VAL A 76 -4.08 -10.44 8.24
C VAL A 76 -4.03 -11.80 8.94
N LYS A 77 -5.07 -12.59 8.69
CA LYS A 77 -5.15 -13.91 9.29
C LYS A 77 -4.37 -14.91 8.43
N SER A 78 -4.48 -14.71 7.12
CA SER A 78 -3.79 -15.58 6.19
C SER A 78 -3.79 -14.95 4.79
N ILE A 79 -3.02 -15.56 3.90
CA ILE A 79 -2.92 -15.08 2.54
C ILE A 79 -4.33 -14.98 1.93
N GLU A 80 -5.15 -15.97 2.26
CA GLU A 80 -6.51 -16.01 1.77
C GLU A 80 -7.29 -14.79 2.26
N GLU A 81 -7.20 -14.57 3.57
CA GLU A 81 -7.89 -13.44 4.18
C GLU A 81 -7.36 -12.12 3.61
N GLY A 82 -6.05 -12.09 3.40
CA GLY A 82 -5.41 -10.90 2.87
C GLY A 82 -6.10 -10.44 1.57
N ILE A 83 -6.28 -11.39 0.67
CA ILE A 83 -6.91 -11.09 -0.60
C ILE A 83 -8.32 -10.54 -0.35
N GLN A 84 -9.00 -11.16 0.59
CA GLN A 84 -10.35 -10.73 0.94
C GLN A 84 -10.36 -9.26 1.33
N VAL A 85 -9.31 -8.86 2.03
CA VAL A 85 -9.19 -7.49 2.47
C VAL A 85 -9.11 -6.57 1.25
N TYR A 86 -8.35 -7.02 0.26
CA TYR A 86 -8.18 -6.25 -0.96
C TYR A 86 -9.44 -6.33 -1.84
N ARG A 87 -10.19 -7.40 -1.64
CA ARG A 87 -11.41 -7.60 -2.40
C ARG A 87 -12.51 -6.66 -1.89
N ARG A 88 -12.60 -6.56 -0.57
CA ARG A 88 -13.60 -5.71 0.04
C ARG A 88 -13.36 -4.25 -0.33
N PHE A 89 -12.08 -3.87 -0.28
CA PHE A 89 -11.70 -2.50 -0.61
C PHE A 89 -11.58 -2.31 -2.12
N TYR A 90 -10.76 -3.17 -2.72
CA TYR A 90 -10.54 -3.10 -4.16
C TYR A 90 -11.32 -4.21 -4.88
N ASP A 91 -11.83 -3.87 -6.06
CA ASP A 91 -12.57 -4.83 -6.85
C ASP A 91 -11.62 -5.88 -7.42
N GLU A 92 -12.15 -7.08 -7.57
CA GLU A 92 -11.36 -8.18 -8.10
C GLU A 92 -11.16 -8.02 -9.62
N GLU A 93 -12.13 -7.36 -10.24
CA GLU A 93 -12.07 -7.13 -11.67
C GLU A 93 -10.99 -6.10 -12.00
N LYS A 94 -11.07 -4.96 -11.32
CA LYS A 94 -10.10 -3.89 -11.52
C LYS A 94 -8.70 -4.41 -11.21
N GLU A 95 -8.62 -5.21 -10.16
CA GLU A 95 -7.35 -5.78 -9.75
C GLU A 95 -6.79 -6.68 -10.86
N LYS A 96 -7.61 -7.62 -11.29
CA LYS A 96 -7.21 -8.55 -12.33
C LYS A 96 -7.00 -7.78 -13.64
N LYS A 97 -7.53 -6.55 -13.66
CA LYS A 97 -7.41 -5.72 -14.84
C LYS A 97 -5.96 -5.22 -14.96
N TYR A 98 -5.51 -4.53 -13.93
CA TYR A 98 -4.15 -4.01 -13.91
C TYR A 98 -3.24 -4.89 -13.08
N GLY A 99 -3.64 -5.12 -11.84
CA GLY A 99 -2.86 -5.94 -10.93
C GLY A 99 -2.55 -5.19 -9.64
N VAL A 100 -1.52 -5.67 -8.94
CA VAL A 100 -1.12 -5.05 -7.69
C VAL A 100 0.28 -4.43 -7.87
N VAL A 101 0.54 -3.41 -7.06
CA VAL A 101 1.82 -2.73 -7.12
C VAL A 101 2.31 -2.47 -5.69
N ALA A 102 3.41 -3.11 -5.34
CA ALA A 102 3.99 -2.94 -4.02
C ALA A 102 4.95 -1.75 -4.04
N ILE A 103 4.44 -0.62 -3.56
CA ILE A 103 5.24 0.59 -3.51
C ILE A 103 5.86 0.73 -2.11
N GLU A 104 7.17 0.93 -2.10
CA GLU A 104 7.88 1.08 -0.84
C GLU A 104 7.84 2.54 -0.38
N ILE A 105 7.07 2.76 0.67
CA ILE A 105 6.93 4.11 1.23
C ILE A 105 7.80 4.23 2.47
N GLU A 106 8.04 5.47 2.86
CA GLU A 106 8.85 5.74 4.04
C GLU A 106 8.30 6.96 4.80
N PRO A 107 7.57 6.65 5.90
CA PRO A 107 6.98 7.70 6.72
C PRO A 107 8.04 8.38 7.58
N LEU A 108 8.45 9.55 7.13
CA LEU A 108 9.46 10.32 7.85
C LEU A 108 8.78 11.25 8.85
N GLU A 109 8.06 10.64 9.79
CA GLU A 109 7.35 11.41 10.80
C GLU A 109 7.97 11.17 12.18
N TYR A 110 8.57 9.99 12.32
CA TYR A 110 9.21 9.64 13.57
C TYR A 110 9.87 8.26 13.48
N MET A 1 3.45 19.08 -6.17
CA MET A 1 4.16 17.82 -6.06
C MET A 1 3.88 17.15 -4.72
N GLU A 2 2.72 17.45 -4.17
CA GLU A 2 2.32 16.88 -2.89
C GLU A 2 1.05 16.04 -3.06
N TRP A 3 0.86 15.13 -2.12
CA TRP A 3 -0.30 14.25 -2.15
C TRP A 3 -0.81 14.09 -0.72
N GLU A 4 -2.12 14.09 -0.58
CA GLU A 4 -2.75 13.94 0.72
C GLU A 4 -3.78 12.81 0.69
N MET A 5 -3.78 12.02 1.76
CA MET A 5 -4.71 10.91 1.86
C MET A 5 -5.06 10.63 3.32
N GLY A 6 -6.31 10.90 3.66
CA GLY A 6 -6.78 10.67 5.02
C GLY A 6 -7.11 9.19 5.25
N LEU A 7 -7.07 8.81 6.52
CA LEU A 7 -7.35 7.43 6.89
C LEU A 7 -7.48 7.34 8.41
N GLN A 8 -7.72 6.12 8.88
CA GLN A 8 -7.85 5.88 10.30
C GLN A 8 -6.49 5.96 10.99
N GLU A 9 -6.53 6.21 12.29
CA GLU A 9 -5.31 6.32 13.07
C GLU A 9 -4.56 4.99 13.06
N GLU A 10 -5.32 3.91 13.13
CA GLU A 10 -4.73 2.58 13.12
C GLU A 10 -3.93 2.36 11.85
N PHE A 11 -4.54 2.74 10.73
CA PHE A 11 -3.89 2.59 9.43
C PHE A 11 -2.63 3.45 9.36
N LEU A 12 -2.64 4.55 10.09
CA LEU A 12 -1.51 5.45 10.11
C LEU A 12 -0.32 4.76 10.78
N GLU A 13 -0.58 4.21 11.97
CA GLU A 13 0.46 3.52 12.72
C GLU A 13 0.99 2.35 11.91
N LEU A 14 0.11 1.75 11.12
CA LEU A 14 0.48 0.62 10.29
C LEU A 14 1.59 1.03 9.32
N ILE A 15 1.38 2.19 8.70
CA ILE A 15 2.34 2.71 7.75
C ILE A 15 3.71 2.85 8.43
N LYS A 16 3.67 3.26 9.69
CA LYS A 16 4.89 3.43 10.46
C LYS A 16 5.59 2.07 10.59
N LEU A 17 4.80 1.02 10.55
CA LEU A 17 5.32 -0.33 10.66
C LEU A 17 5.74 -0.83 9.28
N ARG A 18 5.16 -0.21 8.27
CA ARG A 18 5.46 -0.59 6.89
C ARG A 18 6.80 0.02 6.46
N LYS A 19 7.43 0.71 7.40
CA LYS A 19 8.71 1.33 7.14
C LYS A 19 9.79 0.26 7.05
N LYS A 20 9.42 -0.94 7.47
CA LYS A 20 10.34 -2.06 7.44
C LYS A 20 9.70 -3.23 6.69
N LYS A 21 8.51 -2.98 6.17
CA LYS A 21 7.78 -4.00 5.42
C LYS A 21 7.60 -3.53 3.97
N ILE A 22 6.35 -3.29 3.61
CA ILE A 22 6.04 -2.85 2.26
C ILE A 22 4.61 -2.33 2.22
N GLU A 23 4.24 -1.77 1.07
CA GLU A 23 2.90 -1.25 0.89
C GLU A 23 2.43 -1.48 -0.55
N GLY A 24 1.28 -2.11 -0.66
CA GLY A 24 0.71 -2.41 -1.97
C GLY A 24 -0.75 -1.97 -2.03
N ARG A 25 -1.28 -1.93 -3.25
CA ARG A 25 -2.66 -1.54 -3.47
C ARG A 25 -2.97 -1.49 -4.97
N LEU A 26 -4.13 -2.00 -5.31
CA LEU A 26 -4.56 -2.02 -6.70
C LEU A 26 -4.11 -0.74 -7.39
N TYR A 27 -3.17 -0.90 -8.30
CA TYR A 27 -2.64 0.24 -9.04
C TYR A 27 -3.77 1.07 -9.65
N ASP A 28 -3.88 2.31 -9.16
CA ASP A 28 -4.90 3.22 -9.64
C ASP A 28 -4.25 4.30 -10.50
N GLU A 29 -5.09 5.24 -10.93
CA GLU A 29 -4.61 6.33 -11.76
C GLU A 29 -3.74 7.28 -10.93
N LYS A 30 -4.17 7.51 -9.70
CA LYS A 30 -3.43 8.38 -8.81
C LYS A 30 -2.03 7.81 -8.58
N ARG A 31 -1.98 6.51 -8.37
CA ARG A 31 -0.71 5.83 -8.14
C ARG A 31 0.23 6.06 -9.33
N ARG A 32 -0.33 5.94 -10.52
CA ARG A 32 0.45 6.14 -11.73
C ARG A 32 1.16 7.49 -11.70
N GLN A 33 0.44 8.49 -11.22
CA GLN A 33 0.99 9.84 -11.13
C GLN A 33 2.03 9.90 -10.02
N ILE A 34 1.88 9.01 -9.06
CA ILE A 34 2.80 8.96 -7.93
C ILE A 34 4.13 8.35 -8.38
N LYS A 35 5.21 8.91 -7.87
CA LYS A 35 6.54 8.43 -8.21
C LYS A 35 7.39 8.34 -6.94
N PRO A 36 8.51 7.57 -7.04
CA PRO A 36 9.41 7.40 -5.92
C PRO A 36 10.25 8.66 -5.70
N GLY A 37 9.81 9.45 -4.74
CA GLY A 37 10.52 10.69 -4.42
C GLY A 37 9.56 11.72 -3.79
N ASP A 38 8.30 11.59 -4.16
CA ASP A 38 7.28 12.50 -3.66
C ASP A 38 6.95 12.13 -2.20
N VAL A 39 5.98 12.84 -1.65
CA VAL A 39 5.57 12.61 -0.28
C VAL A 39 4.04 12.62 -0.20
N ILE A 40 3.51 11.79 0.68
CA ILE A 40 2.07 11.70 0.86
C ILE A 40 1.73 11.96 2.33
N SER A 41 0.96 13.01 2.54
CA SER A 41 0.56 13.38 3.89
C SER A 41 -0.81 12.79 4.20
N PHE A 42 -0.92 12.23 5.40
CA PHE A 42 -2.17 11.63 5.84
C PHE A 42 -2.80 12.42 6.98
N GLU A 43 -4.09 12.70 6.83
CA GLU A 43 -4.81 13.45 7.83
C GLU A 43 -4.16 14.82 8.06
N GLY A 44 -3.91 15.50 6.95
CA GLY A 44 -3.29 16.82 7.00
C GLY A 44 -1.77 16.70 7.12
N GLY A 45 -1.34 16.05 8.18
CA GLY A 45 0.09 15.86 8.43
C GLY A 45 0.33 14.95 9.61
N LYS A 46 -0.60 14.02 9.81
CA LYS A 46 -0.50 13.07 10.90
C LYS A 46 0.54 12.00 10.56
N LEU A 47 0.51 11.59 9.30
CA LEU A 47 1.45 10.58 8.82
C LEU A 47 1.98 10.98 7.45
N LYS A 48 3.28 11.23 7.40
CA LYS A 48 3.93 11.62 6.17
C LYS A 48 4.81 10.47 5.66
N VAL A 49 4.57 10.09 4.41
CA VAL A 49 5.33 9.01 3.81
C VAL A 49 5.83 9.46 2.43
N ARG A 50 6.95 8.88 2.02
CA ARG A 50 7.53 9.20 0.74
C ARG A 50 7.87 7.93 -0.03
N VAL A 51 7.38 7.87 -1.27
CA VAL A 51 7.62 6.72 -2.12
C VAL A 51 9.12 6.53 -2.32
N LYS A 52 9.53 5.28 -2.38
CA LYS A 52 10.93 4.95 -2.57
C LYS A 52 11.13 4.32 -3.94
N ALA A 53 10.20 3.44 -4.29
CA ALA A 53 10.25 2.76 -5.57
C ALA A 53 8.88 2.14 -5.87
N ILE A 54 8.61 2.00 -7.16
CA ILE A 54 7.34 1.43 -7.59
C ILE A 54 7.58 0.00 -8.10
N ARG A 55 6.56 -0.83 -7.94
CA ARG A 55 6.65 -2.21 -8.37
C ARG A 55 5.25 -2.77 -8.68
N VAL A 56 5.16 -3.48 -9.79
CA VAL A 56 3.89 -4.06 -10.20
C VAL A 56 4.02 -5.59 -10.19
N TYR A 57 2.90 -6.23 -9.89
CA TYR A 57 2.86 -7.68 -9.84
C TYR A 57 1.65 -8.23 -10.59
N ASN A 58 1.55 -9.55 -10.61
CA ASN A 58 0.45 -10.21 -11.28
C ASN A 58 -0.82 -10.10 -10.43
N SER A 59 -0.64 -10.36 -9.14
CA SER A 59 -1.76 -10.29 -8.20
C SER A 59 -1.23 -10.01 -6.79
N PHE A 60 -2.16 -9.75 -5.89
CA PHE A 60 -1.81 -9.47 -4.51
C PHE A 60 -1.13 -10.68 -3.86
N ARG A 61 -1.63 -11.86 -4.22
CA ARG A 61 -1.08 -13.09 -3.68
C ARG A 61 0.42 -13.19 -3.97
N GLU A 62 0.77 -12.84 -5.20
CA GLU A 62 2.16 -12.87 -5.62
C GLU A 62 2.99 -11.88 -4.80
N MET A 63 2.35 -10.77 -4.44
CA MET A 63 3.01 -9.75 -3.65
C MET A 63 3.15 -10.18 -2.19
N LEU A 64 2.04 -10.67 -1.64
CA LEU A 64 2.04 -11.12 -0.26
C LEU A 64 2.83 -12.42 -0.14
N GLU A 65 2.79 -13.19 -1.21
CA GLU A 65 3.51 -14.46 -1.24
C GLU A 65 5.00 -14.23 -1.45
N LYS A 66 5.30 -13.34 -2.40
CA LYS A 66 6.69 -13.01 -2.71
C LYS A 66 7.18 -11.96 -1.72
N GLU A 67 6.58 -10.78 -1.80
CA GLU A 67 6.95 -9.69 -0.93
C GLU A 67 6.75 -10.08 0.53
N GLY A 68 5.54 -10.53 0.83
CA GLY A 68 5.20 -10.94 2.19
C GLY A 68 3.87 -10.34 2.62
N LEU A 69 2.99 -11.20 3.13
CA LEU A 69 1.69 -10.76 3.58
C LEU A 69 1.86 -9.79 4.75
N GLU A 70 2.50 -10.29 5.80
CA GLU A 70 2.74 -9.48 6.98
C GLU A 70 3.70 -8.34 6.67
N ASN A 71 4.32 -8.44 5.50
CA ASN A 71 5.26 -7.43 5.06
C ASN A 71 4.55 -6.42 4.15
N VAL A 72 3.24 -6.58 4.07
CA VAL A 72 2.43 -5.71 3.24
C VAL A 72 1.14 -5.34 4.00
N LEU A 73 0.46 -6.37 4.48
CA LEU A 73 -0.77 -6.17 5.21
C LEU A 73 -0.59 -6.68 6.64
N PRO A 74 -0.01 -5.79 7.49
CA PRO A 74 0.22 -6.14 8.89
C PRO A 74 -1.09 -6.10 9.69
N GLY A 75 -1.47 -7.27 10.17
CA GLY A 75 -2.69 -7.40 10.96
C GLY A 75 -3.56 -8.53 10.43
N VAL A 76 -3.55 -8.69 9.11
CA VAL A 76 -4.34 -9.73 8.47
C VAL A 76 -4.20 -11.03 9.28
N LYS A 77 -5.19 -11.89 9.10
CA LYS A 77 -5.19 -13.17 9.80
C LYS A 77 -4.38 -14.19 9.00
N SER A 78 -4.41 -14.02 7.69
CA SER A 78 -3.68 -14.92 6.80
C SER A 78 -3.82 -14.45 5.36
N ILE A 79 -3.05 -15.09 4.48
CA ILE A 79 -3.09 -14.74 3.07
C ILE A 79 -4.52 -14.84 2.56
N GLU A 80 -5.26 -15.79 3.13
CA GLU A 80 -6.64 -15.99 2.73
C GLU A 80 -7.48 -14.77 3.11
N GLU A 81 -7.38 -14.38 4.36
CA GLU A 81 -8.12 -13.22 4.85
C GLU A 81 -7.69 -11.96 4.11
N GLY A 82 -6.43 -11.95 3.71
CA GLY A 82 -5.88 -10.80 3.00
C GLY A 82 -6.64 -10.57 1.68
N ILE A 83 -6.87 -11.66 0.97
CA ILE A 83 -7.57 -11.58 -0.30
C ILE A 83 -8.99 -11.06 -0.05
N GLN A 84 -9.49 -11.31 1.14
CA GLN A 84 -10.83 -10.88 1.51
C GLN A 84 -10.86 -9.35 1.69
N VAL A 85 -9.76 -8.84 2.24
CA VAL A 85 -9.65 -7.41 2.48
C VAL A 85 -9.63 -6.68 1.13
N TYR A 86 -9.01 -7.33 0.15
CA TYR A 86 -8.91 -6.75 -1.18
C TYR A 86 -10.23 -6.89 -1.93
N ARG A 87 -11.10 -7.75 -1.40
CA ARG A 87 -12.40 -7.98 -2.02
C ARG A 87 -13.33 -6.80 -1.74
N ARG A 88 -13.41 -6.43 -0.47
CA ARG A 88 -14.26 -5.32 -0.06
C ARG A 88 -13.73 -4.01 -0.62
N PHE A 89 -12.41 -3.93 -0.71
CA PHE A 89 -11.76 -2.73 -1.22
C PHE A 89 -11.62 -2.80 -2.74
N TYR A 90 -10.99 -3.87 -3.20
CA TYR A 90 -10.78 -4.06 -4.63
C TYR A 90 -11.53 -5.31 -5.13
N ASP A 91 -11.11 -5.78 -6.29
CA ASP A 91 -11.73 -6.96 -6.89
C ASP A 91 -10.71 -7.65 -7.79
N GLU A 92 -11.11 -8.81 -8.30
CA GLU A 92 -10.25 -9.58 -9.18
C GLU A 92 -10.22 -8.96 -10.57
N GLU A 93 -11.37 -8.41 -10.98
CA GLU A 93 -11.49 -7.80 -12.28
C GLU A 93 -10.68 -6.49 -12.32
N LYS A 94 -10.98 -5.62 -11.37
CA LYS A 94 -10.29 -4.35 -11.28
C LYS A 94 -8.78 -4.59 -11.22
N GLU A 95 -8.39 -5.50 -10.36
CA GLU A 95 -6.98 -5.84 -10.20
C GLU A 95 -6.44 -6.47 -11.48
N LYS A 96 -7.16 -7.48 -11.96
CA LYS A 96 -6.76 -8.18 -13.17
C LYS A 96 -6.65 -7.17 -14.32
N LYS A 97 -7.27 -6.03 -14.12
CA LYS A 97 -7.26 -4.97 -15.12
C LYS A 97 -5.86 -4.34 -15.16
N TYR A 98 -5.47 -3.78 -14.02
CA TYR A 98 -4.17 -3.13 -13.92
C TYR A 98 -3.17 -4.03 -13.18
N GLY A 99 -3.56 -4.43 -11.98
CA GLY A 99 -2.72 -5.29 -11.17
C GLY A 99 -2.41 -4.63 -9.82
N VAL A 100 -1.62 -5.35 -9.02
CA VAL A 100 -1.24 -4.85 -7.71
C VAL A 100 0.15 -4.24 -7.78
N VAL A 101 0.23 -2.97 -7.41
CA VAL A 101 1.50 -2.26 -7.43
C VAL A 101 2.01 -2.10 -6.01
N ALA A 102 3.05 -2.87 -5.70
CA ALA A 102 3.64 -2.82 -4.37
C ALA A 102 4.65 -1.67 -4.31
N ILE A 103 4.18 -0.55 -3.75
CA ILE A 103 5.02 0.63 -3.62
C ILE A 103 5.62 0.67 -2.21
N GLU A 104 6.91 0.95 -2.16
CA GLU A 104 7.62 1.02 -0.89
C GLU A 104 7.46 2.41 -0.28
N ILE A 105 6.64 2.46 0.76
CA ILE A 105 6.38 3.71 1.46
C ILE A 105 7.33 3.82 2.65
N GLU A 106 7.79 5.05 2.89
CA GLU A 106 8.70 5.31 4.00
C GLU A 106 8.24 6.53 4.78
N PRO A 107 7.56 6.26 5.93
CA PRO A 107 7.06 7.33 6.77
C PRO A 107 8.20 7.97 7.57
N LEU A 108 8.54 9.20 7.17
CA LEU A 108 9.61 9.92 7.83
C LEU A 108 9.14 10.37 9.21
N GLU A 109 9.02 9.39 10.10
CA GLU A 109 8.57 9.67 11.46
C GLU A 109 9.19 8.68 12.44
N TYR A 110 10.28 8.06 11.99
CA TYR A 110 10.99 7.09 12.81
C TYR A 110 10.94 7.49 14.29
N MET A 1 3.70 19.44 -6.31
CA MET A 1 3.68 17.99 -6.35
C MET A 1 3.57 17.40 -4.95
N GLU A 2 2.33 17.22 -4.51
CA GLU A 2 2.08 16.67 -3.19
C GLU A 2 0.88 15.70 -3.24
N TRP A 3 0.92 14.73 -2.33
CA TRP A 3 -0.15 13.75 -2.27
C TRP A 3 -0.73 13.77 -0.85
N GLU A 4 -2.05 13.74 -0.79
CA GLU A 4 -2.73 13.76 0.49
C GLU A 4 -3.73 12.60 0.57
N MET A 5 -3.96 12.15 1.79
CA MET A 5 -4.88 11.05 2.02
C MET A 5 -5.47 11.11 3.43
N GLY A 6 -6.31 10.13 3.73
CA GLY A 6 -6.95 10.07 5.04
C GLY A 6 -7.24 8.62 5.43
N LEU A 7 -7.18 8.37 6.73
CA LEU A 7 -7.43 7.03 7.24
C LEU A 7 -7.46 7.08 8.77
N GLN A 8 -7.85 5.96 9.36
CA GLN A 8 -7.93 5.86 10.81
C GLN A 8 -6.55 6.13 11.43
N GLU A 9 -6.57 6.43 12.72
CA GLU A 9 -5.35 6.71 13.45
C GLU A 9 -4.46 5.46 13.50
N GLU A 10 -5.11 4.34 13.75
CA GLU A 10 -4.40 3.07 13.83
C GLU A 10 -3.74 2.73 12.50
N PHE A 11 -4.45 3.09 11.43
CA PHE A 11 -3.95 2.84 10.09
C PHE A 11 -2.77 3.76 9.75
N LEU A 12 -2.77 4.92 10.39
CA LEU A 12 -1.72 5.90 10.17
C LEU A 12 -0.38 5.32 10.66
N GLU A 13 -0.44 4.70 11.83
CA GLU A 13 0.74 4.10 12.41
C GLU A 13 1.15 2.84 11.63
N LEU A 14 0.15 2.19 11.06
CA LEU A 14 0.39 0.99 10.28
C LEU A 14 1.45 1.27 9.22
N ILE A 15 1.44 2.50 8.72
CA ILE A 15 2.40 2.91 7.71
C ILE A 15 3.80 2.90 8.32
N LYS A 16 3.90 3.49 9.49
CA LYS A 16 5.18 3.56 10.19
C LYS A 16 5.62 2.15 10.59
N LEU A 17 4.62 1.28 10.75
CA LEU A 17 4.89 -0.09 11.13
C LEU A 17 5.23 -0.91 9.89
N ARG A 18 4.42 -0.74 8.86
CA ARG A 18 4.62 -1.45 7.61
C ARG A 18 5.75 -0.81 6.82
N LYS A 19 6.38 0.18 7.43
CA LYS A 19 7.48 0.88 6.79
C LYS A 19 8.68 -0.06 6.69
N LYS A 20 8.76 -0.98 7.64
CA LYS A 20 9.85 -1.94 7.65
C LYS A 20 9.49 -3.13 6.77
N LYS A 21 8.36 -3.01 6.09
CA LYS A 21 7.89 -4.06 5.20
C LYS A 21 7.63 -3.47 3.82
N ILE A 22 6.34 -3.35 3.50
CA ILE A 22 5.94 -2.81 2.22
C ILE A 22 4.45 -2.42 2.28
N GLU A 23 3.97 -1.90 1.16
CA GLU A 23 2.57 -1.48 1.09
C GLU A 23 2.02 -1.79 -0.31
N GLY A 24 1.02 -2.66 -0.32
CA GLY A 24 0.38 -3.04 -1.57
C GLY A 24 -0.87 -2.20 -1.84
N ARG A 25 -1.20 -2.09 -3.11
CA ARG A 25 -2.37 -1.32 -3.51
C ARG A 25 -2.51 -1.32 -5.04
N LEU A 26 -3.61 -1.91 -5.49
CA LEU A 26 -3.88 -2.01 -6.92
C LEU A 26 -3.41 -0.72 -7.60
N TYR A 27 -2.71 -0.88 -8.70
CA TYR A 27 -2.21 0.25 -9.46
C TYR A 27 -3.35 1.07 -10.06
N ASP A 28 -3.99 1.85 -9.19
CA ASP A 28 -5.10 2.69 -9.62
C ASP A 28 -4.56 3.83 -10.48
N GLU A 29 -5.42 4.82 -10.69
CA GLU A 29 -5.06 5.97 -11.49
C GLU A 29 -4.11 6.89 -10.70
N LYS A 30 -4.56 7.24 -9.50
CA LYS A 30 -3.77 8.11 -8.65
C LYS A 30 -2.49 7.38 -8.22
N ARG A 31 -2.63 6.08 -8.01
CA ARG A 31 -1.50 5.26 -7.61
C ARG A 31 -0.41 5.30 -8.68
N ARG A 32 -0.83 5.06 -9.91
CA ARG A 32 0.11 5.06 -11.03
C ARG A 32 0.69 6.46 -11.23
N GLN A 33 -0.05 7.45 -10.76
CA GLN A 33 0.38 8.83 -10.88
C GLN A 33 1.50 9.13 -9.88
N ILE A 34 1.43 8.44 -8.75
CA ILE A 34 2.44 8.62 -7.71
C ILE A 34 3.73 7.93 -8.13
N LYS A 35 4.80 8.70 -8.15
CA LYS A 35 6.11 8.18 -8.53
C LYS A 35 7.07 8.34 -7.35
N PRO A 36 8.22 7.62 -7.46
CA PRO A 36 9.23 7.67 -6.42
C PRO A 36 10.01 8.99 -6.45
N GLY A 37 9.39 10.02 -5.91
CA GLY A 37 10.00 11.33 -5.87
C GLY A 37 9.00 12.39 -5.39
N ASP A 38 8.36 12.09 -4.27
CA ASP A 38 7.39 12.99 -3.70
C ASP A 38 7.11 12.59 -2.24
N VAL A 39 6.10 13.22 -1.66
CA VAL A 39 5.72 12.93 -0.29
C VAL A 39 4.20 12.86 -0.20
N ILE A 40 3.74 12.00 0.70
CA ILE A 40 2.31 11.82 0.90
C ILE A 40 1.96 12.17 2.35
N SER A 41 0.74 12.68 2.51
CA SER A 41 0.27 13.07 3.83
C SER A 41 -1.06 12.37 4.14
N PHE A 42 -1.26 12.07 5.42
CA PHE A 42 -2.47 11.41 5.85
C PHE A 42 -3.15 12.20 6.98
N GLU A 43 -4.47 12.31 6.87
CA GLU A 43 -5.24 13.03 7.86
C GLU A 43 -4.79 14.49 7.92
N GLY A 44 -4.11 14.92 6.87
CA GLY A 44 -3.63 16.29 6.79
C GLY A 44 -2.13 16.36 7.10
N GLY A 45 -1.78 15.84 8.26
CA GLY A 45 -0.39 15.84 8.68
C GLY A 45 -0.16 14.88 9.84
N LYS A 46 -1.01 13.85 9.89
CA LYS A 46 -0.91 12.86 10.94
C LYS A 46 0.32 11.99 10.70
N LEU A 47 0.48 11.57 9.45
CA LEU A 47 1.62 10.74 9.08
C LEU A 47 2.01 11.04 7.64
N LYS A 48 3.24 11.51 7.47
CA LYS A 48 3.76 11.83 6.15
C LYS A 48 4.69 10.71 5.68
N VAL A 49 4.63 10.45 4.39
CA VAL A 49 5.46 9.41 3.79
C VAL A 49 6.03 9.91 2.47
N ARG A 50 6.96 9.14 1.93
CA ARG A 50 7.59 9.50 0.68
C ARG A 50 7.89 8.24 -0.14
N VAL A 51 7.40 8.23 -1.37
CA VAL A 51 7.60 7.10 -2.25
C VAL A 51 9.11 6.90 -2.48
N LYS A 52 9.50 5.64 -2.56
CA LYS A 52 10.89 5.30 -2.78
C LYS A 52 11.06 4.64 -4.15
N ALA A 53 10.11 3.77 -4.47
CA ALA A 53 10.13 3.07 -5.74
C ALA A 53 8.76 2.44 -6.01
N ILE A 54 8.54 2.08 -7.26
CA ILE A 54 7.27 1.48 -7.64
C ILE A 54 7.55 0.10 -8.26
N ARG A 55 6.59 -0.80 -8.06
CA ARG A 55 6.72 -2.15 -8.59
C ARG A 55 5.34 -2.72 -8.90
N VAL A 56 5.29 -3.56 -9.93
CA VAL A 56 4.06 -4.18 -10.33
C VAL A 56 4.22 -5.71 -10.32
N TYR A 57 3.13 -6.39 -9.98
CA TYR A 57 3.14 -7.83 -9.92
C TYR A 57 1.94 -8.43 -10.65
N ASN A 58 1.85 -9.75 -10.63
CA ASN A 58 0.76 -10.44 -11.28
C ASN A 58 -0.50 -10.31 -10.43
N SER A 59 -0.33 -10.56 -9.13
CA SER A 59 -1.44 -10.48 -8.20
C SER A 59 -0.92 -10.27 -6.78
N PHE A 60 -1.84 -9.97 -5.88
CA PHE A 60 -1.49 -9.74 -4.49
C PHE A 60 -0.82 -10.98 -3.89
N ARG A 61 -1.30 -12.14 -4.32
CA ARG A 61 -0.76 -13.40 -3.83
C ARG A 61 0.75 -13.46 -4.08
N GLU A 62 1.14 -13.05 -5.28
CA GLU A 62 2.55 -13.05 -5.65
C GLU A 62 3.32 -12.06 -4.78
N MET A 63 2.65 -10.98 -4.42
CA MET A 63 3.27 -9.96 -3.59
C MET A 63 3.36 -10.41 -2.14
N LEU A 64 2.24 -10.93 -1.64
CA LEU A 64 2.18 -11.41 -0.27
C LEU A 64 3.03 -12.67 -0.13
N GLU A 65 3.10 -13.42 -1.22
CA GLU A 65 3.87 -14.65 -1.23
C GLU A 65 5.37 -14.33 -1.33
N LYS A 66 5.69 -13.48 -2.29
CA LYS A 66 7.08 -13.09 -2.50
C LYS A 66 7.46 -12.00 -1.49
N GLU A 67 6.81 -10.86 -1.62
CA GLU A 67 7.07 -9.74 -0.73
C GLU A 67 6.80 -10.15 0.72
N GLY A 68 5.63 -10.72 0.94
CA GLY A 68 5.25 -11.17 2.27
C GLY A 68 3.89 -10.58 2.67
N LEU A 69 2.99 -11.46 3.08
CA LEU A 69 1.67 -11.06 3.50
C LEU A 69 1.78 -10.04 4.64
N GLU A 70 2.40 -10.47 5.72
CA GLU A 70 2.58 -9.61 6.88
C GLU A 70 3.55 -8.48 6.54
N ASN A 71 4.26 -8.65 5.44
CA ASN A 71 5.22 -7.65 5.01
C ASN A 71 4.54 -6.69 4.03
N VAL A 72 3.22 -6.77 3.99
CA VAL A 72 2.44 -5.92 3.12
C VAL A 72 1.20 -5.43 3.86
N LEU A 73 0.49 -6.37 4.46
CA LEU A 73 -0.71 -6.04 5.22
C LEU A 73 -0.58 -6.57 6.64
N PRO A 74 -0.20 -5.65 7.57
CA PRO A 74 -0.03 -6.02 8.97
C PRO A 74 -1.39 -6.19 9.65
N GLY A 75 -1.60 -7.40 10.16
CA GLY A 75 -2.85 -7.71 10.84
C GLY A 75 -3.64 -8.77 10.08
N VAL A 76 -3.42 -8.80 8.77
CA VAL A 76 -4.11 -9.75 7.92
C VAL A 76 -4.22 -11.09 8.65
N LYS A 77 -5.30 -11.81 8.34
CA LYS A 77 -5.53 -13.10 8.96
C LYS A 77 -4.74 -14.18 8.21
N SER A 78 -4.69 -14.01 6.89
CA SER A 78 -3.98 -14.95 6.05
C SER A 78 -3.88 -14.41 4.62
N ILE A 79 -3.12 -15.12 3.80
CA ILE A 79 -2.94 -14.72 2.41
C ILE A 79 -4.30 -14.64 1.72
N GLU A 80 -5.15 -15.59 2.07
CA GLU A 80 -6.48 -15.66 1.49
C GLU A 80 -7.31 -14.44 1.92
N GLU A 81 -7.22 -14.14 3.21
CA GLU A 81 -7.95 -13.01 3.76
C GLU A 81 -7.46 -11.71 3.13
N GLY A 82 -6.16 -11.64 2.91
CA GLY A 82 -5.56 -10.45 2.32
C GLY A 82 -6.25 -10.09 1.01
N ILE A 83 -6.50 -11.11 0.20
CA ILE A 83 -7.16 -10.91 -1.08
C ILE A 83 -8.57 -10.37 -0.84
N GLN A 84 -9.17 -10.82 0.26
CA GLN A 84 -10.51 -10.39 0.61
C GLN A 84 -10.51 -8.91 0.98
N VAL A 85 -9.46 -8.51 1.68
CA VAL A 85 -9.33 -7.13 2.12
C VAL A 85 -9.21 -6.23 0.90
N TYR A 86 -8.44 -6.70 -0.08
CA TYR A 86 -8.24 -5.95 -1.30
C TYR A 86 -9.51 -5.91 -2.15
N ARG A 87 -10.25 -7.00 -2.07
CA ARG A 87 -11.50 -7.11 -2.82
C ARG A 87 -12.58 -6.23 -2.19
N ARG A 88 -12.53 -6.14 -0.87
CA ARG A 88 -13.50 -5.35 -0.14
C ARG A 88 -13.39 -3.87 -0.55
N PHE A 89 -12.15 -3.40 -0.63
CA PHE A 89 -11.91 -2.02 -1.01
C PHE A 89 -11.73 -1.89 -2.53
N TYR A 90 -10.82 -2.68 -3.06
CA TYR A 90 -10.56 -2.68 -4.49
C TYR A 90 -11.42 -3.70 -5.22
N ASP A 91 -11.79 -3.35 -6.44
CA ASP A 91 -12.62 -4.24 -7.25
C ASP A 91 -11.77 -5.41 -7.74
N GLU A 92 -12.39 -6.58 -7.77
CA GLU A 92 -11.71 -7.78 -8.22
C GLU A 92 -11.42 -7.70 -9.72
N GLU A 93 -12.34 -7.07 -10.44
CA GLU A 93 -12.21 -6.93 -11.87
C GLU A 93 -11.03 -6.00 -12.20
N LYS A 94 -11.08 -4.81 -11.61
CA LYS A 94 -10.03 -3.83 -11.82
C LYS A 94 -8.68 -4.43 -11.43
N GLU A 95 -8.68 -5.09 -10.27
CA GLU A 95 -7.46 -5.71 -9.77
C GLU A 95 -6.92 -6.71 -10.80
N LYS A 96 -7.80 -7.62 -11.23
CA LYS A 96 -7.41 -8.62 -12.21
C LYS A 96 -7.08 -7.94 -13.53
N LYS A 97 -7.49 -6.69 -13.63
CA LYS A 97 -7.24 -5.92 -14.84
C LYS A 97 -5.77 -5.51 -14.89
N TYR A 98 -5.36 -4.77 -13.85
CA TYR A 98 -3.99 -4.31 -13.76
C TYR A 98 -3.16 -5.24 -12.87
N GLY A 99 -3.64 -5.42 -11.65
CA GLY A 99 -2.96 -6.28 -10.69
C GLY A 99 -2.58 -5.49 -9.43
N VAL A 100 -1.49 -5.92 -8.81
CA VAL A 100 -1.01 -5.27 -7.60
C VAL A 100 0.36 -4.65 -7.87
N VAL A 101 0.69 -3.64 -7.07
CA VAL A 101 1.95 -2.95 -7.21
C VAL A 101 2.55 -2.71 -5.82
N ALA A 102 3.60 -3.47 -5.52
CA ALA A 102 4.28 -3.35 -4.25
C ALA A 102 5.20 -2.13 -4.28
N ILE A 103 4.70 -1.03 -3.73
CA ILE A 103 5.47 0.21 -3.68
C ILE A 103 6.06 0.38 -2.28
N GLU A 104 7.34 0.70 -2.25
CA GLU A 104 8.04 0.91 -1.00
C GLU A 104 8.00 2.39 -0.59
N ILE A 105 7.29 2.64 0.51
CA ILE A 105 7.16 4.00 1.01
C ILE A 105 8.07 4.18 2.23
N GLU A 106 8.19 5.43 2.65
CA GLU A 106 9.02 5.75 3.80
C GLU A 106 8.40 6.89 4.60
N PRO A 107 7.78 6.51 5.75
CA PRO A 107 7.14 7.49 6.62
C PRO A 107 8.18 8.28 7.41
N LEU A 108 8.42 9.51 6.94
CA LEU A 108 9.39 10.37 7.59
C LEU A 108 8.71 11.09 8.76
N GLU A 109 8.23 10.31 9.71
CA GLU A 109 7.57 10.86 10.87
C GLU A 109 7.90 10.02 12.11
N TYR A 110 8.96 9.24 11.99
CA TYR A 110 9.40 8.40 13.09
C TYR A 110 9.21 9.11 14.44
N MET A 1 3.29 19.11 -6.15
CA MET A 1 4.01 17.85 -6.09
C MET A 1 3.80 17.16 -4.74
N GLU A 2 2.58 17.29 -4.23
CA GLU A 2 2.24 16.69 -2.96
C GLU A 2 0.97 15.85 -3.09
N TRP A 3 0.83 14.90 -2.18
CA TRP A 3 -0.32 14.01 -2.20
C TRP A 3 -0.76 13.79 -0.75
N GLU A 4 -2.06 13.63 -0.58
CA GLU A 4 -2.61 13.41 0.75
C GLU A 4 -3.60 12.23 0.72
N MET A 5 -3.99 11.81 1.92
CA MET A 5 -4.92 10.70 2.05
C MET A 5 -5.74 10.82 3.34
N GLY A 6 -6.68 9.89 3.49
CA GLY A 6 -7.53 9.87 4.66
C GLY A 6 -7.77 8.45 5.14
N LEU A 7 -7.52 8.24 6.43
CA LEU A 7 -7.72 6.93 7.03
C LEU A 7 -7.75 7.07 8.55
N GLN A 8 -7.95 5.94 9.21
CA GLN A 8 -8.00 5.92 10.66
C GLN A 8 -6.59 6.05 11.24
N GLU A 9 -6.55 6.31 12.55
CA GLU A 9 -5.27 6.46 13.23
C GLU A 9 -4.60 5.10 13.41
N GLU A 10 -5.42 4.11 13.73
CA GLU A 10 -4.92 2.75 13.92
C GLU A 10 -4.24 2.26 12.64
N PHE A 11 -4.80 2.67 11.51
CA PHE A 11 -4.26 2.26 10.22
C PHE A 11 -2.97 3.03 9.91
N LEU A 12 -2.87 4.22 10.49
CA LEU A 12 -1.70 5.05 10.27
C LEU A 12 -0.46 4.36 10.83
N GLU A 13 -0.63 3.78 12.02
CA GLU A 13 0.45 3.08 12.67
C GLU A 13 0.97 1.96 11.77
N LEU A 14 0.05 1.34 11.05
CA LEU A 14 0.40 0.26 10.14
C LEU A 14 1.48 0.74 9.16
N ILE A 15 1.24 1.93 8.62
CA ILE A 15 2.16 2.52 7.67
C ILE A 15 3.53 2.68 8.32
N LYS A 16 3.51 3.14 9.57
CA LYS A 16 4.74 3.33 10.32
C LYS A 16 5.51 2.02 10.38
N LEU A 17 4.76 0.93 10.37
CA LEU A 17 5.36 -0.39 10.43
C LEU A 17 5.72 -0.84 9.01
N ARG A 18 5.02 -0.27 8.05
CA ARG A 18 5.26 -0.60 6.65
C ARG A 18 6.55 0.05 6.16
N LYS A 19 7.21 0.74 7.08
CA LYS A 19 8.46 1.41 6.75
C LYS A 19 9.56 0.36 6.59
N LYS A 20 9.39 -0.75 7.28
CA LYS A 20 10.36 -1.84 7.22
C LYS A 20 9.74 -3.02 6.46
N LYS A 21 8.50 -2.83 6.05
CA LYS A 21 7.79 -3.88 5.32
C LYS A 21 7.45 -3.36 3.92
N ILE A 22 6.16 -3.25 3.66
CA ILE A 22 5.68 -2.78 2.37
C ILE A 22 4.19 -2.49 2.45
N GLU A 23 3.64 -2.03 1.34
CA GLU A 23 2.23 -1.71 1.27
C GLU A 23 1.67 -2.04 -0.11
N GLY A 24 0.58 -2.79 -0.12
CA GLY A 24 -0.06 -3.19 -1.36
C GLY A 24 -1.25 -2.28 -1.68
N ARG A 25 -1.61 -2.27 -2.95
CA ARG A 25 -2.74 -1.46 -3.40
C ARG A 25 -2.79 -1.43 -4.94
N LEU A 26 -3.89 -1.95 -5.46
CA LEU A 26 -4.08 -1.99 -6.90
C LEU A 26 -3.57 -0.69 -7.51
N TYR A 27 -3.00 -0.82 -8.71
CA TYR A 27 -2.47 0.34 -9.41
C TYR A 27 -3.60 1.19 -10.00
N ASP A 28 -3.56 2.48 -9.68
CA ASP A 28 -4.57 3.40 -10.17
C ASP A 28 -3.90 4.45 -11.07
N GLU A 29 -4.72 5.34 -11.60
CA GLU A 29 -4.23 6.39 -12.47
C GLU A 29 -3.41 7.41 -11.66
N LYS A 30 -3.85 7.62 -10.44
CA LYS A 30 -3.17 8.57 -9.56
C LYS A 30 -1.76 8.07 -9.28
N ARG A 31 -1.66 6.78 -9.00
CA ARG A 31 -0.37 6.17 -8.71
C ARG A 31 0.59 6.37 -9.89
N ARG A 32 0.05 6.20 -11.09
CA ARG A 32 0.84 6.37 -12.29
C ARG A 32 1.60 7.70 -12.26
N GLN A 33 0.90 8.72 -11.76
CA GLN A 33 1.49 10.05 -11.66
C GLN A 33 2.49 10.11 -10.50
N ILE A 34 2.21 9.29 -9.49
CA ILE A 34 3.07 9.24 -8.32
C ILE A 34 4.41 8.61 -8.69
N LYS A 35 5.45 9.03 -7.99
CA LYS A 35 6.78 8.52 -8.24
C LYS A 35 7.55 8.44 -6.92
N PRO A 36 8.67 7.66 -6.95
CA PRO A 36 9.50 7.51 -5.76
C PRO A 36 10.34 8.75 -5.52
N GLY A 37 9.82 9.62 -4.65
CA GLY A 37 10.51 10.85 -4.33
C GLY A 37 9.55 11.86 -3.70
N ASP A 38 8.29 11.76 -4.09
CA ASP A 38 7.27 12.65 -3.57
C ASP A 38 6.92 12.26 -2.14
N VAL A 39 5.89 12.90 -1.61
CA VAL A 39 5.44 12.61 -0.26
C VAL A 39 3.90 12.51 -0.24
N ILE A 40 3.42 11.55 0.53
CA ILE A 40 1.98 11.34 0.64
C ILE A 40 1.55 11.59 2.08
N SER A 41 0.72 12.61 2.25
CA SER A 41 0.22 12.96 3.57
C SER A 41 -1.00 12.10 3.92
N PHE A 42 -1.10 11.77 5.21
CA PHE A 42 -2.21 10.95 5.68
C PHE A 42 -2.96 11.66 6.81
N GLU A 43 -4.28 11.69 6.67
CA GLU A 43 -5.12 12.32 7.68
C GLU A 43 -4.74 13.79 7.84
N GLY A 44 -4.52 14.44 6.71
CA GLY A 44 -4.15 15.84 6.70
C GLY A 44 -2.63 16.02 6.79
N GLY A 45 -2.08 15.52 7.88
CA GLY A 45 -0.64 15.61 8.11
C GLY A 45 -0.23 14.88 9.39
N LYS A 46 -1.03 13.87 9.73
CA LYS A 46 -0.76 13.08 10.92
C LYS A 46 0.37 12.09 10.63
N LEU A 47 0.35 11.54 9.43
CA LEU A 47 1.36 10.59 9.03
C LEU A 47 1.88 10.95 7.63
N LYS A 48 3.16 11.30 7.57
CA LYS A 48 3.77 11.68 6.31
C LYS A 48 4.69 10.54 5.84
N VAL A 49 4.64 10.29 4.55
CA VAL A 49 5.46 9.23 3.96
C VAL A 49 6.00 9.71 2.61
N ARG A 50 7.04 9.03 2.15
CA ARG A 50 7.66 9.37 0.88
C ARG A 50 7.99 8.11 0.10
N VAL A 51 7.37 7.99 -1.06
CA VAL A 51 7.58 6.84 -1.92
C VAL A 51 9.09 6.58 -2.06
N LYS A 52 9.43 5.31 -2.15
CA LYS A 52 10.82 4.92 -2.29
C LYS A 52 11.04 4.30 -3.67
N ALA A 53 10.08 3.48 -4.07
CA ALA A 53 10.15 2.81 -5.36
C ALA A 53 8.80 2.18 -5.68
N ILE A 54 8.56 1.98 -6.96
CA ILE A 54 7.31 1.39 -7.41
C ILE A 54 7.59 -0.03 -7.93
N ARG A 55 6.63 -0.92 -7.68
CA ARG A 55 6.76 -2.30 -8.11
C ARG A 55 5.40 -2.85 -8.52
N VAL A 56 5.42 -3.74 -9.51
CA VAL A 56 4.20 -4.35 -9.99
C VAL A 56 4.32 -5.87 -9.87
N TYR A 57 3.18 -6.50 -9.57
CA TYR A 57 3.13 -7.94 -9.42
C TYR A 57 1.97 -8.55 -10.21
N ASN A 58 1.86 -9.86 -10.14
CA ASN A 58 0.80 -10.56 -10.84
C ASN A 58 -0.51 -10.39 -10.08
N SER A 59 -0.43 -10.57 -8.77
CA SER A 59 -1.60 -10.44 -7.91
C SER A 59 -1.17 -10.20 -6.46
N PHE A 60 -2.15 -10.15 -5.59
CA PHE A 60 -1.90 -9.92 -4.18
C PHE A 60 -1.22 -11.14 -3.55
N ARG A 61 -1.68 -12.31 -3.95
CA ARG A 61 -1.14 -13.55 -3.43
C ARG A 61 0.37 -13.60 -3.66
N GLU A 62 0.77 -13.23 -4.87
CA GLU A 62 2.17 -13.23 -5.23
C GLU A 62 2.93 -12.16 -4.42
N MET A 63 2.29 -11.01 -4.28
CA MET A 63 2.88 -9.91 -3.55
C MET A 63 3.12 -10.30 -2.09
N LEU A 64 2.08 -10.83 -1.47
CA LEU A 64 2.17 -11.24 -0.07
C LEU A 64 3.15 -12.40 0.04
N GLU A 65 3.22 -13.20 -1.02
CA GLU A 65 4.10 -14.34 -1.05
C GLU A 65 5.55 -13.89 -1.28
N LYS A 66 5.69 -12.88 -2.13
CA LYS A 66 7.01 -12.35 -2.45
C LYS A 66 7.41 -11.34 -1.37
N GLU A 67 6.69 -10.23 -1.34
CA GLU A 67 6.97 -9.19 -0.37
C GLU A 67 6.78 -9.73 1.06
N GLY A 68 5.59 -10.27 1.30
CA GLY A 68 5.28 -10.82 2.60
C GLY A 68 3.92 -10.33 3.10
N LEU A 69 3.07 -11.27 3.47
CA LEU A 69 1.75 -10.94 3.96
C LEU A 69 1.86 -9.90 5.08
N GLU A 70 2.55 -10.29 6.14
CA GLU A 70 2.74 -9.41 7.28
C GLU A 70 3.66 -8.25 6.90
N ASN A 71 4.31 -8.40 5.75
CA ASN A 71 5.22 -7.38 5.26
C ASN A 71 4.48 -6.45 4.30
N VAL A 72 3.16 -6.64 4.24
CA VAL A 72 2.33 -5.83 3.38
C VAL A 72 1.06 -5.43 4.12
N LEU A 73 0.43 -6.43 4.72
CA LEU A 73 -0.81 -6.20 5.46
C LEU A 73 -0.65 -6.76 6.88
N PRO A 74 -0.25 -5.86 7.82
CA PRO A 74 -0.06 -6.25 9.21
C PRO A 74 -1.40 -6.45 9.91
N GLY A 75 -1.54 -7.60 10.53
CA GLY A 75 -2.77 -7.93 11.24
C GLY A 75 -3.55 -9.02 10.52
N VAL A 76 -3.42 -9.03 9.20
CA VAL A 76 -4.11 -10.01 8.39
C VAL A 76 -4.10 -11.36 9.11
N LYS A 77 -5.11 -12.16 8.82
CA LYS A 77 -5.24 -13.47 9.42
C LYS A 77 -4.43 -14.49 8.61
N SER A 78 -4.43 -14.28 7.31
CA SER A 78 -3.72 -15.17 6.41
C SER A 78 -3.65 -14.55 5.01
N ILE A 79 -2.82 -15.16 4.17
CA ILE A 79 -2.65 -14.69 2.81
C ILE A 79 -4.02 -14.66 2.11
N GLU A 80 -4.81 -15.68 2.39
CA GLU A 80 -6.14 -15.78 1.80
C GLU A 80 -7.02 -14.65 2.30
N GLU A 81 -6.99 -14.43 3.60
CA GLU A 81 -7.78 -13.38 4.21
C GLU A 81 -7.36 -12.02 3.66
N GLY A 82 -6.05 -11.86 3.49
CA GLY A 82 -5.51 -10.62 2.98
C GLY A 82 -6.20 -10.22 1.68
N ILE A 83 -6.35 -11.20 0.80
CA ILE A 83 -6.99 -10.97 -0.48
C ILE A 83 -8.42 -10.46 -0.26
N GLN A 84 -9.09 -11.09 0.70
CA GLN A 84 -10.46 -10.72 1.02
C GLN A 84 -10.54 -9.22 1.35
N VAL A 85 -9.50 -8.73 2.01
CA VAL A 85 -9.44 -7.34 2.38
C VAL A 85 -9.37 -6.48 1.12
N TYR A 86 -8.47 -6.86 0.23
CA TYR A 86 -8.31 -6.15 -1.02
C TYR A 86 -9.54 -6.29 -1.91
N ARG A 87 -10.29 -7.35 -1.66
CA ARG A 87 -11.50 -7.62 -2.44
C ARG A 87 -12.61 -6.67 -2.02
N ARG A 88 -12.80 -6.55 -0.71
CA ARG A 88 -13.82 -5.68 -0.19
C ARG A 88 -13.45 -4.21 -0.42
N PHE A 89 -12.16 -3.94 -0.34
CA PHE A 89 -11.66 -2.59 -0.54
C PHE A 89 -11.65 -2.22 -2.02
N TYR A 90 -10.98 -3.06 -2.79
CA TYR A 90 -10.89 -2.84 -4.22
C TYR A 90 -11.67 -3.90 -5.00
N ASP A 91 -12.11 -3.51 -6.19
CA ASP A 91 -12.87 -4.42 -7.03
C ASP A 91 -11.93 -5.49 -7.59
N GLU A 92 -12.49 -6.68 -7.78
CA GLU A 92 -11.71 -7.80 -8.30
C GLU A 92 -11.46 -7.62 -9.80
N GLU A 93 -12.47 -7.09 -10.48
CA GLU A 93 -12.37 -6.85 -11.92
C GLU A 93 -11.22 -5.89 -12.22
N LYS A 94 -11.28 -4.74 -11.57
CA LYS A 94 -10.25 -3.72 -11.75
C LYS A 94 -8.89 -4.30 -11.36
N GLU A 95 -8.92 -5.14 -10.32
CA GLU A 95 -7.70 -5.76 -9.84
C GLU A 95 -7.13 -6.71 -10.90
N LYS A 96 -7.97 -7.62 -11.35
CA LYS A 96 -7.57 -8.59 -12.36
C LYS A 96 -7.28 -7.86 -13.67
N LYS A 97 -7.74 -6.62 -13.73
CA LYS A 97 -7.54 -5.80 -14.92
C LYS A 97 -6.06 -5.42 -15.02
N TYR A 98 -5.59 -4.74 -13.98
CA TYR A 98 -4.20 -4.31 -13.94
C TYR A 98 -3.35 -5.27 -13.11
N GLY A 99 -3.80 -5.51 -11.89
CA GLY A 99 -3.10 -6.41 -10.99
C GLY A 99 -2.86 -5.75 -9.63
N VAL A 100 -1.59 -5.71 -9.24
CA VAL A 100 -1.21 -5.12 -7.97
C VAL A 100 0.15 -4.44 -8.12
N VAL A 101 0.35 -3.40 -7.32
CA VAL A 101 1.59 -2.65 -7.35
C VAL A 101 2.04 -2.36 -5.92
N ALA A 102 3.08 -3.07 -5.51
CA ALA A 102 3.62 -2.89 -4.17
C ALA A 102 4.58 -1.70 -4.16
N ILE A 103 4.05 -0.56 -3.72
CA ILE A 103 4.85 0.65 -3.65
C ILE A 103 5.52 0.75 -2.29
N GLU A 104 6.84 0.89 -2.32
CA GLU A 104 7.61 1.00 -1.09
C GLU A 104 7.58 2.43 -0.57
N ILE A 105 6.83 2.63 0.50
CA ILE A 105 6.71 3.95 1.10
C ILE A 105 7.63 4.03 2.33
N GLU A 106 7.90 5.25 2.74
CA GLU A 106 8.77 5.48 3.89
C GLU A 106 8.20 6.59 4.77
N PRO A 107 7.40 6.16 5.79
CA PRO A 107 6.79 7.10 6.72
C PRO A 107 7.82 7.65 7.70
N LEU A 108 8.29 8.86 7.40
CA LEU A 108 9.28 9.51 8.25
C LEU A 108 8.68 9.72 9.64
N GLU A 109 8.85 8.72 10.48
CA GLU A 109 8.34 8.78 11.85
C GLU A 109 9.02 7.73 12.72
N TYR A 110 8.22 7.14 13.60
CA TYR A 110 8.74 6.12 14.51
C TYR A 110 9.91 6.66 15.33
#